data_4PPH
#
_entry.id   4PPH
#
_cell.length_a   121.990
_cell.length_b   121.990
_cell.length_c   188.490
_cell.angle_alpha   90.00
_cell.angle_beta   90.00
_cell.angle_gamma   120.00
#
_symmetry.space_group_name_H-M   'P 31'
#
loop_
_entity.id
_entity.type
_entity.pdbx_description
1 polymer 'Conglutin gamma'
2 branched alpha-L-fucopyranose-(1-3)-[2-acetamido-2-deoxy-beta-D-glucopyranose-(1-4)]2-acetamido-2-deoxy-beta-D-glucopyranose
3 branched 2-acetamido-2-deoxy-beta-D-glucopyranose-(1-4)-2-acetamido-2-deoxy-beta-D-glucopyranose
4 non-polymer 1,2-ETHANEDIOL
5 non-polymer 2-acetamido-2-deoxy-beta-D-glucopyranose
6 water water
#
_entity_poly.entity_id   1
_entity_poly.type   'polypeptide(L)'
_entity_poly.pdbx_seq_one_letter_code
;LYHNSQPTSSKPNLLVLPVQEDASTGLHWANIHKRTPLMQVPLLLDLNGKHLWVTCSQHYSSSTYQAPFCHSTQCSRANT
HQCFTCTDSTTTRPGCHNNTCGLLSSNPVTQESGLGELAQDVLAIHSTHGSKLGPMVKVPQFLFSCAPSFLAQKGLPNNV
QGALGLGQAPISLQNQLFSHFGLKRQFSVCLSRYSTSNGAILFGDINDPNNNNYIHNSLDVLHDLVYTPLTISKQGEYFI
QVNAIRVNKHLVIPTKNPFISPSSTSYHGSGEIGGALITTTHPYTVLSHSIFEVFTQVFANNMPKQAQVKAVGPFGLCYD
SRKISGGAPSVDLILDKNDAVWRISSENFMVQAQDGVSCLGFVDGGVHARAGIALGAHHLEENLVVFDLERSRVGFNSNS
LKSYGKTCSNLFDLNNP
;
_entity_poly.pdbx_strand_id   A,B,C,D,E,F
#
loop_
_chem_comp.id
_chem_comp.type
_chem_comp.name
_chem_comp.formula
EDO non-polymer 1,2-ETHANEDIOL 'C2 H6 O2'
FUC L-saccharide, alpha linking alpha-L-fucopyranose 'C6 H12 O5'
NAG D-saccharide, beta linking 2-acetamido-2-deoxy-beta-D-glucopyranose 'C8 H15 N O6'
#
# COMPACT_ATOMS: atom_id res chain seq x y z
N LYS A 11 32.73 26.28 40.19
CA LYS A 11 31.54 25.68 39.57
C LYS A 11 30.70 26.79 38.90
N PRO A 12 30.95 27.08 37.61
CA PRO A 12 30.34 28.27 36.96
C PRO A 12 28.85 28.22 36.64
N ASN A 13 28.21 29.40 36.73
CA ASN A 13 26.80 29.55 36.42
C ASN A 13 26.55 30.25 35.12
N LEU A 14 27.59 30.74 34.46
CA LEU A 14 27.41 31.46 33.21
C LEU A 14 28.65 31.38 32.38
N LEU A 15 28.47 31.08 31.10
CA LEU A 15 29.58 30.98 30.20
C LEU A 15 29.40 31.96 29.05
N VAL A 16 30.50 32.40 28.46
CA VAL A 16 30.42 33.41 27.42
C VAL A 16 31.25 33.03 26.20
N LEU A 17 30.62 33.15 25.03
CA LEU A 17 31.29 32.94 23.74
C LEU A 17 31.17 34.19 22.87
N PRO A 18 32.28 34.90 22.69
CA PRO A 18 32.34 36.08 21.82
C PRO A 18 32.22 35.65 20.38
N VAL A 19 31.46 36.39 19.59
CA VAL A 19 31.23 36.03 18.19
C VAL A 19 31.50 37.28 17.36
N GLN A 20 31.88 37.09 16.10
CA GLN A 20 32.22 38.19 15.21
C GLN A 20 31.50 38.17 13.88
N GLU A 21 31.11 39.33 13.39
CA GLU A 21 30.50 39.45 12.05
C GLU A 21 31.58 39.46 10.96
N ASP A 22 31.34 38.72 9.90
CA ASP A 22 32.23 38.75 8.76
C ASP A 22 31.65 39.74 7.77
N ALA A 23 32.40 40.80 7.53
CA ALA A 23 31.92 41.91 6.72
C ALA A 23 31.57 41.42 5.34
N SER A 24 32.41 40.56 4.78
CA SER A 24 32.20 40.07 3.43
C SER A 24 30.87 39.34 3.24
N THR A 25 30.58 38.36 4.10
CA THR A 25 29.42 37.51 3.93
C THR A 25 28.26 37.94 4.79
N GLY A 26 28.53 38.73 5.82
CA GLY A 26 27.45 39.14 6.70
C GLY A 26 27.08 38.08 7.70
N LEU A 27 27.87 37.01 7.74
CA LEU A 27 27.68 35.92 8.69
C LEU A 27 28.58 36.09 9.91
N HIS A 28 28.31 35.33 10.96
CA HIS A 28 29.04 35.44 12.21
C HIS A 28 29.78 34.16 12.51
N TRP A 29 30.91 34.28 13.17
CA TRP A 29 31.75 33.13 13.46
C TRP A 29 32.39 33.30 14.84
N ALA A 30 32.91 32.21 15.39
CA ALA A 30 33.60 32.24 16.68
C ALA A 30 34.83 31.36 16.67
N ASN A 31 35.83 31.76 17.43
CA ASN A 31 36.97 30.92 17.75
C ASN A 31 36.61 30.01 18.91
N ILE A 32 36.59 28.71 18.67
CA ILE A 32 36.29 27.78 19.73
C ILE A 32 37.59 27.17 20.18
N HIS A 33 37.78 27.08 21.49
CA HIS A 33 39.01 26.49 21.99
C HIS A 33 38.79 25.01 22.17
N LYS A 34 39.64 24.21 21.52
CA LYS A 34 39.51 22.75 21.55
C LYS A 34 40.85 22.04 21.62
N ARG A 35 40.81 20.75 21.99
CA ARG A 35 41.95 19.84 21.93
C ARG A 35 42.94 20.03 23.06
N THR A 36 43.87 19.09 23.15
CA THR A 36 45.03 19.16 24.02
C THR A 36 46.29 18.90 23.19
N PRO A 37 47.15 19.92 23.07
CA PRO A 37 47.05 21.25 23.69
C PRO A 37 45.92 22.11 23.10
N LEU A 38 45.39 23.02 23.91
CA LEU A 38 44.24 23.85 23.51
C LEU A 38 44.58 24.80 22.39
N MET A 39 43.71 24.86 21.40
CA MET A 39 43.93 25.77 20.29
C MET A 39 42.61 26.27 19.74
N GLN A 40 42.68 27.24 18.85
CA GLN A 40 41.49 27.88 18.34
C GLN A 40 41.08 27.44 16.95
N VAL A 41 39.81 27.13 16.85
CA VAL A 41 39.18 26.73 15.61
C VAL A 41 38.09 27.73 15.26
N PRO A 42 38.25 28.43 14.14
CA PRO A 42 37.17 29.31 13.67
C PRO A 42 36.01 28.54 13.06
N LEU A 43 34.81 28.72 13.61
CA LEU A 43 33.63 27.96 13.18
C LEU A 43 32.44 28.90 12.94
N LEU A 44 31.61 28.59 11.94
CA LEU A 44 30.42 29.38 11.65
C LEU A 44 29.38 29.25 12.75
N LEU A 45 28.76 30.37 13.13
CA LEU A 45 27.64 30.32 14.07
C LEU A 45 26.35 29.90 13.34
N ASP A 46 25.83 28.71 13.68
CA ASP A 46 24.62 28.15 13.07
C ASP A 46 23.58 27.88 14.15
N LEU A 47 22.65 28.83 14.30
CA LEU A 47 21.69 28.79 15.36
C LEU A 47 20.92 27.47 15.40
N ASN A 48 20.52 26.99 14.24
CA ASN A 48 19.68 25.80 14.17
C ASN A 48 20.48 24.51 13.95
N GLY A 49 21.80 24.60 13.89
CA GLY A 49 22.60 23.43 13.62
C GLY A 49 22.48 22.41 14.72
N LYS A 50 22.44 21.12 14.34
CA LYS A 50 22.20 20.00 15.27
C LYS A 50 23.39 19.61 16.09
N HIS A 51 24.58 19.94 15.59
CA HIS A 51 25.82 19.65 16.31
C HIS A 51 26.96 20.52 15.79
N LEU A 52 28.08 20.47 16.51
CA LEU A 52 29.30 21.11 16.07
C LEU A 52 30.04 20.21 15.10
N TRP A 53 30.51 20.74 13.99
CA TRP A 53 31.35 19.93 13.15
C TRP A 53 32.55 20.71 12.67
N VAL A 54 33.64 20.00 12.45
CA VAL A 54 34.91 20.60 12.03
C VAL A 54 35.48 19.63 11.02
N THR A 55 36.31 20.10 10.09
CA THR A 55 37.03 19.19 9.20
C THR A 55 38.19 18.49 9.92
N CYS A 56 38.28 17.17 9.77
CA CYS A 56 39.37 16.41 10.36
C CYS A 56 40.28 15.77 9.31
N SER A 57 41.59 15.72 9.59
CA SER A 57 42.57 15.10 8.69
C SER A 57 43.68 14.42 9.50
N GLN A 58 44.69 13.87 8.83
CA GLN A 58 45.89 13.38 9.51
C GLN A 58 46.65 14.53 10.19
N HIS A 59 46.26 15.78 9.89
CA HIS A 59 46.94 16.94 10.45
C HIS A 59 46.29 17.45 11.74
N TYR A 60 45.22 16.80 12.14
CA TYR A 60 44.58 17.01 13.44
C TYR A 60 45.45 16.46 14.59
N SER A 61 45.92 17.32 15.50
CA SER A 61 46.75 16.86 16.62
C SER A 61 46.14 17.16 18.00
N SER A 62 45.92 16.12 18.78
CA SER A 62 45.32 16.23 20.10
C SER A 62 45.58 14.99 20.91
N SER A 63 45.98 15.16 22.16
CA SER A 63 46.22 14.02 23.01
C SER A 63 44.95 13.56 23.69
N THR A 64 43.82 14.22 23.44
CA THR A 64 42.59 13.78 24.08
C THR A 64 41.48 13.39 23.09
N TYR A 65 41.83 13.28 21.82
CA TYR A 65 40.86 12.93 20.79
C TYR A 65 40.52 11.46 20.83
N GLN A 66 39.24 11.14 20.65
CA GLN A 66 38.81 9.76 20.49
C GLN A 66 37.68 9.67 19.51
N ALA A 67 37.64 8.56 18.77
CA ALA A 67 36.49 8.25 17.94
C ALA A 67 35.71 7.14 18.62
N PRO A 68 34.53 7.45 19.20
CA PRO A 68 33.74 6.45 19.93
C PRO A 68 33.43 5.22 19.06
N PHE A 69 33.33 4.04 19.66
CA PHE A 69 33.03 2.85 18.86
C PHE A 69 31.54 2.73 18.59
N CYS A 70 31.20 2.04 17.51
CA CYS A 70 29.83 1.89 17.13
C CYS A 70 29.06 1.18 18.24
N HIS A 71 27.84 1.65 18.50
CA HIS A 71 26.98 1.10 19.56
C HIS A 71 27.46 1.49 20.95
N SER A 72 28.38 2.44 21.04
CA SER A 72 28.78 2.94 22.34
C SER A 72 27.71 3.85 22.94
N THR A 73 27.86 4.14 24.23
CA THR A 73 26.98 5.08 24.90
C THR A 73 27.13 6.46 24.29
N GLN A 74 28.33 6.78 23.80
CA GLN A 74 28.53 8.04 23.12
C GLN A 74 27.76 8.14 21.82
N CYS A 75 27.73 7.08 21.03
CA CYS A 75 26.97 7.07 19.79
C CYS A 75 25.48 7.09 20.07
N SER A 76 25.09 6.45 21.16
CA SER A 76 23.72 6.52 21.62
C SER A 76 23.27 7.95 21.99
N ARG A 77 24.06 8.67 22.77
CA ARG A 77 23.70 10.04 23.14
C ARG A 77 23.58 10.95 21.94
N ALA A 78 24.47 10.74 20.95
CA ALA A 78 24.47 11.52 19.71
C ALA A 78 23.37 11.09 18.75
N ASN A 79 22.66 10.03 19.11
CA ASN A 79 21.55 9.54 18.34
C ASN A 79 21.95 9.05 16.96
N THR A 80 23.08 8.36 16.89
CA THR A 80 23.46 7.70 15.67
C THR A 80 23.75 6.23 15.92
N HIS A 81 23.07 5.38 15.17
CA HIS A 81 23.30 3.93 15.28
C HIS A 81 23.70 3.32 13.91
N GLN A 82 24.15 4.17 13.00
CA GLN A 82 24.72 3.77 11.72
C GLN A 82 26.25 3.70 11.84
N CYS A 83 26.86 2.55 11.58
CA CYS A 83 28.30 2.41 11.76
C CYS A 83 29.10 3.07 10.67
N PHE A 84 30.32 3.48 11.01
CA PHE A 84 31.11 4.24 10.10
C PHE A 84 32.18 3.35 9.49
N THR A 85 32.37 3.49 8.19
CA THR A 85 33.44 2.79 7.48
C THR A 85 34.25 3.83 6.70
N CYS A 86 35.55 3.89 6.94
CA CYS A 86 36.33 4.91 6.26
C CYS A 86 36.69 4.42 4.87
N THR A 87 36.24 5.17 3.87
CA THR A 87 36.48 4.85 2.49
C THR A 87 37.41 5.82 1.80
N ASP A 88 38.02 6.72 2.56
CA ASP A 88 39.02 7.64 2.01
C ASP A 88 40.42 7.18 2.27
N SER A 89 41.00 7.57 3.38
CA SER A 89 42.36 7.15 3.64
C SER A 89 42.32 5.62 3.73
N THR A 90 43.45 4.94 3.50
CA THR A 90 43.56 3.49 3.70
C THR A 90 44.34 3.24 4.99
N THR A 91 44.64 4.34 5.67
CA THR A 91 45.18 4.33 7.01
C THR A 91 44.22 5.11 7.91
N THR A 92 44.26 4.86 9.20
CA THR A 92 43.37 5.57 10.11
C THR A 92 44.00 6.90 10.52
N ARG A 93 43.12 7.86 10.81
CA ARG A 93 43.51 9.21 11.19
C ARG A 93 42.23 9.77 11.78
N PRO A 94 42.30 10.92 12.48
CA PRO A 94 41.05 11.51 12.93
C PRO A 94 40.09 11.72 11.80
N GLY A 95 38.87 11.23 11.99
CA GLY A 95 37.84 11.33 10.97
C GLY A 95 37.79 10.09 10.10
N CYS A 96 38.82 9.25 10.24
CA CYS A 96 38.91 8.04 9.43
C CYS A 96 39.28 6.79 10.25
N HIS A 97 38.25 6.05 10.66
CA HIS A 97 38.41 4.75 11.31
C HIS A 97 37.31 3.79 10.80
N ASN A 98 37.41 2.50 11.15
CA ASN A 98 36.33 1.53 10.93
C ASN A 98 35.67 1.19 12.27
N ASN A 99 34.44 0.71 12.20
CA ASN A 99 33.67 0.38 13.39
C ASN A 99 33.48 1.56 14.30
N THR A 100 33.36 2.75 13.72
CA THR A 100 32.98 3.94 14.48
C THR A 100 31.54 4.26 14.14
N CYS A 101 31.04 5.45 14.49
CA CYS A 101 29.67 5.81 14.07
C CYS A 101 29.62 7.06 13.23
N GLY A 102 28.64 7.03 12.34
CA GLY A 102 28.46 8.04 11.31
C GLY A 102 27.44 9.09 11.71
N LEU A 103 27.72 10.32 11.32
CA LEU A 103 26.90 11.46 11.67
C LEU A 103 26.79 12.33 10.43
N LEU A 104 25.57 12.67 10.03
CA LEU A 104 25.39 13.56 8.89
C LEU A 104 25.51 15.03 9.25
N SER A 105 26.47 15.70 8.63
CA SER A 105 26.70 17.12 8.88
C SER A 105 26.29 17.95 7.68
N SER A 106 25.81 19.17 7.92
CA SER A 106 25.38 20.05 6.83
C SER A 106 26.04 21.44 6.78
N ASN A 107 26.43 21.83 5.58
CA ASN A 107 26.79 23.21 5.29
C ASN A 107 25.52 24.01 5.08
N PRO A 108 25.17 24.88 6.04
CA PRO A 108 23.85 25.52 6.03
C PRO A 108 23.73 26.58 4.96
N VAL A 109 24.89 26.99 4.46
CA VAL A 109 24.97 27.99 3.42
C VAL A 109 24.75 27.37 2.06
N THR A 110 25.50 26.32 1.74
CA THR A 110 25.35 25.72 0.43
C THR A 110 24.30 24.66 0.46
N GLN A 111 23.97 24.22 1.68
CA GLN A 111 23.03 23.11 1.87
C GLN A 111 23.56 21.78 1.33
N GLU A 112 24.86 21.73 1.04
CA GLU A 112 25.57 20.47 0.86
C GLU A 112 25.59 19.76 2.20
N SER A 113 25.58 18.44 2.19
CA SER A 113 25.81 17.69 3.41
C SER A 113 26.83 16.53 3.23
N GLY A 114 27.38 16.03 4.34
CA GLY A 114 28.36 14.96 4.29
C GLY A 114 28.39 14.06 5.52
N LEU A 115 28.81 12.81 5.35
CA LEU A 115 28.85 11.88 6.47
C LEU A 115 30.16 12.01 7.25
N GLY A 116 30.05 12.43 8.50
CA GLY A 116 31.22 12.53 9.34
C GLY A 116 31.31 11.39 10.34
N GLU A 117 32.39 11.39 11.10
CA GLU A 117 32.59 10.36 12.08
C GLU A 117 32.43 11.03 13.43
N LEU A 118 31.70 10.40 14.34
CA LEU A 118 31.54 10.97 15.66
C LEU A 118 32.92 11.06 16.33
N ALA A 119 33.20 12.18 16.99
CA ALA A 119 34.48 12.41 17.60
C ALA A 119 34.28 12.89 19.02
N GLN A 120 35.32 12.78 19.82
CA GLN A 120 35.24 13.22 21.19
C GLN A 120 36.56 13.88 21.51
N ASP A 121 36.50 15.06 22.14
CA ASP A 121 37.72 15.77 22.53
C ASP A 121 37.42 16.85 23.55
N VAL A 122 38.45 17.58 23.96
CA VAL A 122 38.28 18.73 24.84
C VAL A 122 37.70 19.97 24.15
N LEU A 123 36.68 20.59 24.74
CA LEU A 123 36.27 21.94 24.38
C LEU A 123 36.40 22.86 25.60
N ALA A 124 36.88 24.08 25.38
CA ALA A 124 36.96 25.06 26.44
C ALA A 124 36.20 26.33 26.08
N ILE A 125 35.70 26.99 27.12
CA ILE A 125 34.90 28.21 27.00
C ILE A 125 35.08 29.08 28.26
N HIS A 126 34.96 30.40 28.11
CA HIS A 126 35.13 31.34 29.22
C HIS A 126 34.08 31.28 30.29
N SER A 127 34.51 31.32 31.54
CA SER A 127 33.58 31.60 32.62
C SER A 127 33.59 33.10 32.85
N THR A 128 33.03 33.54 33.97
CA THR A 128 33.13 34.95 34.31
C THR A 128 33.79 35.10 35.67
N HIS A 129 34.37 36.25 35.88
CA HIS A 129 35.00 36.59 37.14
C HIS A 129 34.66 38.01 37.47
N GLY A 130 33.70 38.23 38.35
CA GLY A 130 33.21 39.58 38.59
C GLY A 130 32.56 40.19 37.35
N SER A 131 33.00 41.37 36.91
CA SER A 131 32.39 41.99 35.74
C SER A 131 33.13 41.59 34.48
N LYS A 132 34.19 40.78 34.64
CA LYS A 132 35.01 40.39 33.50
C LYS A 132 34.85 38.95 33.11
N LEU A 133 35.44 38.63 31.97
CA LEU A 133 35.58 37.25 31.55
C LEU A 133 36.49 36.56 32.55
N GLY A 134 36.17 35.32 32.91
CA GLY A 134 36.99 34.57 33.86
C GLY A 134 37.78 33.50 33.14
N PRO A 135 38.40 32.60 33.90
CA PRO A 135 39.22 31.55 33.28
C PRO A 135 38.41 30.61 32.40
N MET A 136 39.10 29.99 31.44
CA MET A 136 38.48 28.98 30.62
C MET A 136 38.08 27.78 31.47
N VAL A 137 36.90 27.22 31.20
CA VAL A 137 36.50 26.00 31.85
C VAL A 137 36.32 24.97 30.73
N LYS A 138 36.54 23.68 31.01
CA LYS A 138 36.57 22.64 29.97
C LYS A 138 35.43 21.63 30.08
N VAL A 139 35.00 21.16 28.90
CA VAL A 139 34.25 19.92 28.73
C VAL A 139 35.20 18.90 28.12
N PRO A 140 35.77 18.01 28.94
CA PRO A 140 36.86 17.16 28.46
C PRO A 140 36.46 16.09 27.43
N GLN A 141 35.21 15.67 27.40
CA GLN A 141 34.71 14.75 26.38
C GLN A 141 33.57 15.35 25.58
N PHE A 142 33.84 16.48 24.94
CA PHE A 142 32.84 17.11 24.11
C PHE A 142 32.61 16.28 22.84
N LEU A 143 31.37 16.00 22.52
CA LEU A 143 31.03 15.25 21.32
C LEU A 143 30.71 16.15 20.14
N PHE A 144 31.25 15.78 18.99
CA PHE A 144 31.08 16.55 17.78
C PHE A 144 31.36 15.63 16.58
N SER A 145 31.32 16.20 15.38
CA SER A 145 31.53 15.47 14.16
C SER A 145 32.83 15.85 13.45
N CYS A 146 33.63 14.87 13.06
CA CYS A 146 34.72 15.05 12.11
C CYS A 146 34.20 14.92 10.69
N ALA A 147 34.07 16.04 9.99
CA ALA A 147 33.45 16.08 8.67
C ALA A 147 34.47 15.85 7.55
N PRO A 148 34.00 15.43 6.36
CA PRO A 148 34.86 15.33 5.17
C PRO A 148 35.37 16.71 4.76
N SER A 149 36.60 16.82 4.29
CA SER A 149 37.22 18.10 4.03
C SER A 149 36.45 19.04 3.07
N PHE A 150 35.79 18.49 2.05
CA PHE A 150 35.12 19.29 1.02
C PHE A 150 33.99 20.14 1.57
N LEU A 151 33.46 19.73 2.70
CA LEU A 151 32.19 20.24 3.16
C LEU A 151 32.24 21.73 3.52
N ALA A 152 33.40 22.18 3.98
CA ALA A 152 33.56 23.57 4.38
C ALA A 152 34.27 24.38 3.29
N GLN A 153 34.53 23.75 2.15
CA GLN A 153 35.42 24.39 1.21
C GLN A 153 34.69 25.47 0.41
N LYS A 154 33.38 25.54 0.56
CA LYS A 154 32.64 26.54 -0.19
C LYS A 154 31.59 27.25 0.68
N GLY A 155 31.54 28.57 0.58
CA GLY A 155 30.45 29.35 1.17
C GLY A 155 30.62 29.99 2.53
N LEU A 156 31.64 29.59 3.28
CA LEU A 156 31.85 30.08 4.64
C LEU A 156 32.84 31.23 4.66
N PRO A 157 32.84 32.04 5.75
CA PRO A 157 33.85 33.10 5.86
C PRO A 157 35.25 32.54 5.74
N ASN A 158 36.20 33.41 5.42
CA ASN A 158 37.55 32.95 5.16
C ASN A 158 38.18 32.30 6.39
N ASN A 159 38.88 31.19 6.17
CA ASN A 159 39.54 30.42 7.24
C ASN A 159 38.62 29.66 8.18
N VAL A 160 37.31 29.74 7.99
CA VAL A 160 36.37 28.98 8.82
C VAL A 160 36.27 27.54 8.36
N GLN A 161 36.36 26.62 9.31
CA GLN A 161 36.56 25.23 8.98
C GLN A 161 35.50 24.27 9.60
N GLY A 162 34.31 24.81 9.89
CA GLY A 162 33.18 24.06 10.40
C GLY A 162 32.09 25.00 10.90
N ALA A 163 31.16 24.47 11.69
CA ALA A 163 30.06 25.24 12.22
C ALA A 163 29.83 24.74 13.63
N LEU A 164 29.39 25.62 14.51
CA LEU A 164 28.94 25.22 15.82
C LEU A 164 27.44 25.34 15.79
N GLY A 165 26.75 24.29 16.17
CA GLY A 165 25.30 24.28 16.07
C GLY A 165 24.65 24.43 17.41
N LEU A 166 23.61 25.25 17.45
CA LEU A 166 22.92 25.53 18.69
C LEU A 166 21.48 25.09 18.64
N GLY A 167 21.19 24.13 17.77
CA GLY A 167 19.82 23.71 17.56
C GLY A 167 19.30 22.84 18.67
N GLN A 168 18.02 22.51 18.59
CA GLN A 168 17.38 21.59 19.54
C GLN A 168 17.64 20.12 19.14
N ALA A 169 18.76 19.59 19.57
CA ALA A 169 19.20 18.26 19.14
C ALA A 169 20.15 17.78 20.23
N PRO A 170 20.26 16.46 20.43
CA PRO A 170 20.91 15.96 21.65
C PRO A 170 22.38 16.35 21.90
N ILE A 171 23.22 16.51 20.89
CA ILE A 171 24.57 16.96 21.18
C ILE A 171 24.87 18.34 20.60
N SER A 172 23.88 19.21 20.60
CA SER A 172 24.12 20.59 20.25
C SER A 172 25.07 21.14 21.26
N LEU A 173 25.69 22.26 20.94
CA LEU A 173 26.66 22.86 21.83
C LEU A 173 26.05 23.22 23.18
N GLN A 174 24.90 23.88 23.18
CA GLN A 174 24.31 24.34 24.44
C GLN A 174 23.85 23.16 25.29
N ASN A 175 23.34 22.12 24.65
CA ASN A 175 22.85 20.94 25.36
C ASN A 175 24.00 20.28 26.14
N GLN A 176 25.20 20.26 25.55
CA GLN A 176 26.37 19.67 26.20
C GLN A 176 26.96 20.57 27.30
N LEU A 177 26.94 21.89 27.10
CA LEU A 177 27.35 22.83 28.15
C LEU A 177 26.37 22.84 29.32
N PHE A 178 25.08 22.85 29.04
CA PHE A 178 24.07 22.80 30.11
C PHE A 178 24.32 21.63 31.03
N SER A 179 24.52 20.47 30.42
CA SER A 179 24.54 19.25 31.16
C SER A 179 25.83 19.07 31.92
N HIS A 180 26.91 19.49 31.30
CA HIS A 180 28.22 19.33 31.93
C HIS A 180 28.37 20.23 33.15
N PHE A 181 27.85 21.44 33.07
CA PHE A 181 28.05 22.38 34.15
C PHE A 181 26.79 22.52 35.01
N GLY A 182 25.69 21.88 34.66
CA GLY A 182 24.49 22.02 35.48
C GLY A 182 23.87 23.40 35.42
N LEU A 183 23.90 23.99 34.22
CA LEU A 183 23.37 25.33 33.97
C LEU A 183 21.84 25.35 33.82
N LYS A 184 21.23 26.51 34.05
CA LYS A 184 19.83 26.73 33.66
C LYS A 184 19.74 26.61 32.15
N ARG A 185 18.67 26.01 31.60
CA ARG A 185 18.51 25.78 30.16
C ARG A 185 17.99 27.02 29.42
N GLN A 186 18.94 27.90 29.10
CA GLN A 186 18.69 29.20 28.51
C GLN A 186 19.97 29.67 27.86
N PHE A 187 19.88 30.26 26.66
CA PHE A 187 21.03 30.96 26.11
C PHE A 187 20.58 32.25 25.46
N SER A 188 21.49 33.22 25.42
CA SER A 188 21.17 34.56 24.97
C SER A 188 22.13 35.00 23.89
N VAL A 189 21.59 35.59 22.81
CA VAL A 189 22.38 35.99 21.64
C VAL A 189 22.38 37.50 21.48
N CYS A 190 23.57 38.08 21.47
CA CYS A 190 23.69 39.50 21.21
C CYS A 190 24.72 39.71 20.11
N LEU A 191 24.26 39.66 18.86
CA LEU A 191 25.19 39.86 17.75
C LEU A 191 25.52 41.33 17.54
N SER A 192 26.80 41.61 17.24
CA SER A 192 27.22 42.95 16.92
C SER A 192 27.17 43.18 15.40
N ARG A 193 26.53 44.28 15.00
CA ARG A 193 26.43 44.62 13.60
C ARG A 193 27.77 45.00 12.96
N TYR A 194 28.77 45.31 13.80
CA TYR A 194 30.06 45.79 13.30
C TYR A 194 31.11 44.67 13.26
N SER A 195 31.82 44.57 12.13
CA SER A 195 32.83 43.54 11.98
C SER A 195 34.03 43.84 12.85
N THR A 196 34.14 45.09 13.29
CA THR A 196 35.29 45.52 14.08
C THR A 196 35.10 45.32 15.59
N SER A 197 33.93 44.85 16.05
CA SER A 197 33.76 44.56 17.47
C SER A 197 32.87 43.34 17.64
N ASN A 198 33.15 42.60 18.71
CA ASN A 198 32.49 41.33 18.93
C ASN A 198 31.11 41.44 19.55
N GLY A 199 30.26 40.46 19.24
CA GLY A 199 29.03 40.21 19.96
C GLY A 199 29.25 38.95 20.78
N ALA A 200 28.20 38.42 21.39
CA ALA A 200 28.41 37.29 22.26
C ALA A 200 27.22 36.38 22.35
N ILE A 201 27.52 35.15 22.74
CA ILE A 201 26.50 34.24 23.20
C ILE A 201 26.79 33.88 24.66
N LEU A 202 25.74 33.90 25.46
CA LEU A 202 25.78 33.62 26.88
C LEU A 202 25.00 32.37 27.21
N PHE A 203 25.57 31.53 28.06
CA PHE A 203 24.98 30.26 28.47
C PHE A 203 24.72 30.16 29.96
N GLY A 204 23.46 29.98 30.33
CA GLY A 204 23.08 29.92 31.71
C GLY A 204 22.13 31.05 32.07
N ASP A 205 21.75 31.10 33.34
CA ASP A 205 20.76 32.04 33.81
C ASP A 205 21.29 33.46 33.92
N ILE A 206 20.67 34.39 33.20
CA ILE A 206 21.13 35.75 33.25
C ILE A 206 20.41 36.53 34.32
N ASN A 207 19.49 35.90 35.03
CA ASN A 207 18.77 36.57 36.11
C ASN A 207 19.21 35.92 37.38
N ASP A 208 20.45 35.48 37.40
CA ASP A 208 20.95 34.75 38.53
C ASP A 208 21.84 35.69 39.28
N PRO A 209 21.40 36.08 40.49
CA PRO A 209 22.07 37.01 41.42
C PRO A 209 23.56 36.72 41.55
N ASN A 210 23.93 35.45 41.39
CA ASN A 210 25.33 35.08 41.39
C ASN A 210 26.02 35.69 40.19
N ASN A 211 25.26 35.87 39.12
CA ASN A 211 25.84 36.38 37.91
C ASN A 211 25.57 37.87 37.86
N ASN A 212 25.04 38.41 38.95
CA ASN A 212 24.65 39.83 38.98
C ASN A 212 25.81 40.72 38.62
N ASN A 213 27.01 40.31 38.97
CA ASN A 213 28.13 41.20 38.76
C ASN A 213 28.54 41.30 37.30
N TYR A 214 28.50 40.19 36.57
CA TYR A 214 28.86 40.23 35.17
C TYR A 214 27.78 40.91 34.35
N ILE A 215 26.54 40.66 34.73
CA ILE A 215 25.38 41.14 33.97
C ILE A 215 24.81 42.46 34.52
N HIS A 216 25.49 43.06 35.49
CA HIS A 216 24.98 44.27 36.12
C HIS A 216 24.69 45.37 35.11
N ASN A 217 25.56 45.50 34.13
CA ASN A 217 25.41 46.55 33.13
C ASN A 217 24.21 46.39 32.19
N SER A 218 23.62 45.20 32.17
CA SER A 218 22.52 44.95 31.27
C SER A 218 21.17 44.93 31.97
N LEU A 219 21.14 45.23 33.26
CA LEU A 219 19.96 45.00 34.08
C LEU A 219 18.72 45.77 33.64
N ASP A 220 18.90 46.97 33.10
CA ASP A 220 17.74 47.75 32.64
C ASP A 220 17.16 47.11 31.39
N VAL A 221 18.02 46.60 30.51
CA VAL A 221 17.57 45.91 29.31
C VAL A 221 16.76 44.66 29.68
N LEU A 222 17.24 43.89 30.66
CA LEU A 222 16.58 42.65 31.10
C LEU A 222 15.20 42.85 31.72
N HIS A 223 15.04 43.92 32.48
CA HIS A 223 13.78 44.25 33.14
C HIS A 223 12.65 44.49 32.13
N ASP A 224 13.01 45.00 30.96
CA ASP A 224 12.02 45.42 29.96
C ASP A 224 11.85 44.42 28.85
N LEU A 225 12.43 43.23 29.01
CA LEU A 225 12.32 42.18 28.00
C LEU A 225 10.87 41.83 27.75
N VAL A 226 10.57 41.58 26.49
CA VAL A 226 9.25 41.14 26.04
C VAL A 226 9.38 39.70 25.51
N TYR A 227 8.40 38.83 25.80
CA TYR A 227 8.49 37.40 25.43
C TYR A 227 7.39 36.91 24.46
N THR A 228 7.68 35.89 23.68
CA THR A 228 6.69 35.28 22.81
C THR A 228 6.97 33.79 22.80
N PRO A 229 5.95 32.95 22.58
CA PRO A 229 6.17 31.50 22.62
C PRO A 229 7.16 30.97 21.56
N LEU A 230 7.96 30.00 21.97
CA LEU A 230 8.94 29.39 21.08
C LEU A 230 8.47 28.00 20.68
N THR A 231 8.45 27.73 19.38
CA THR A 231 8.13 26.40 18.91
C THR A 231 9.30 25.86 18.09
N ILE A 232 9.39 24.53 18.06
CA ILE A 232 10.54 23.81 17.53
C ILE A 232 10.10 22.82 16.47
N SER A 233 10.72 22.85 15.30
CA SER A 233 10.35 21.90 14.26
C SER A 233 10.93 20.55 14.53
N LYS A 234 10.49 19.57 13.77
CA LYS A 234 11.01 18.22 13.94
C LYS A 234 12.48 18.15 13.60
N GLN A 235 13.00 19.17 12.91
CA GLN A 235 14.41 19.18 12.58
C GLN A 235 15.22 19.96 13.59
N GLY A 236 14.56 20.48 14.62
CA GLY A 236 15.24 21.20 15.69
C GLY A 236 15.44 22.70 15.50
N GLU A 237 14.67 23.29 14.59
CA GLU A 237 14.77 24.72 14.30
C GLU A 237 13.87 25.59 15.18
N TYR A 238 14.30 26.83 15.37
CA TYR A 238 13.59 27.80 16.21
C TYR A 238 12.60 28.61 15.42
N PHE A 239 11.34 28.60 15.90
CA PHE A 239 10.23 29.32 15.26
C PHE A 239 9.48 30.20 16.22
N ILE A 240 9.03 31.35 15.77
CA ILE A 240 8.03 32.12 16.49
C ILE A 240 6.86 32.41 15.58
N GLN A 241 5.78 32.89 16.18
CA GLN A 241 4.57 33.16 15.44
C GLN A 241 4.36 34.65 15.15
N VAL A 242 4.33 35.00 13.86
CA VAL A 242 4.02 36.35 13.43
C VAL A 242 2.62 36.47 12.77
N ASN A 243 1.68 37.17 13.40
CA ASN A 243 0.32 37.31 12.89
C ASN A 243 0.21 38.29 11.72
N ALA A 244 1.09 39.29 11.74
CA ALA A 244 1.12 40.31 10.70
C ALA A 244 2.44 41.06 10.67
N ILE A 245 2.77 41.58 9.51
CA ILE A 245 3.80 42.60 9.41
C ILE A 245 3.11 43.93 9.18
N ARG A 246 3.28 44.86 10.12
CA ARG A 246 2.60 46.11 10.03
C ARG A 246 3.51 47.20 9.47
N VAL A 247 2.99 47.92 8.48
CA VAL A 247 3.62 49.13 7.94
C VAL A 247 2.67 50.30 8.11
N ASN A 248 2.98 51.21 9.03
CA ASN A 248 2.02 52.24 9.41
C ASN A 248 0.67 51.63 9.80
N LYS A 249 -0.39 51.88 9.02
CA LYS A 249 -1.69 51.28 9.31
C LYS A 249 -2.14 50.18 8.35
N HIS A 250 -1.18 49.64 7.62
CA HIS A 250 -1.45 48.55 6.71
C HIS A 250 -0.87 47.26 7.28
N LEU A 251 -1.71 46.23 7.47
CA LEU A 251 -1.23 44.99 8.08
C LEU A 251 -1.23 43.83 7.11
N VAL A 252 -0.03 43.28 6.90
CA VAL A 252 0.22 42.16 6.00
C VAL A 252 0.16 40.89 6.78
N ILE A 253 -0.78 40.01 6.44
CA ILE A 253 -1.04 38.82 7.20
C ILE A 253 -0.39 37.64 6.51
N PRO A 254 0.70 37.11 7.08
CA PRO A 254 1.44 35.98 6.49
C PRO A 254 0.65 34.68 6.49
N THR A 255 1.15 33.72 5.70
CA THR A 255 0.70 32.31 5.52
C THR A 255 -0.02 32.21 4.19
N GLU A 272 0.27 24.37 17.02
CA GLU A 272 0.87 24.73 15.72
C GLU A 272 2.24 25.44 15.81
N ILE A 273 3.16 25.06 14.93
CA ILE A 273 4.50 25.66 14.86
C ILE A 273 4.39 27.07 14.32
N GLY A 274 5.19 27.98 14.88
CA GLY A 274 5.21 29.35 14.42
C GLY A 274 5.60 29.42 12.96
N GLY A 275 5.28 30.53 12.31
CA GLY A 275 5.53 30.65 10.89
C GLY A 275 6.82 31.36 10.54
N ALA A 276 7.46 31.97 11.55
CA ALA A 276 8.70 32.70 11.29
C ALA A 276 9.93 31.97 11.87
N LEU A 277 10.83 31.58 10.98
CA LEU A 277 12.07 30.95 11.35
C LEU A 277 13.02 31.99 11.84
N ILE A 278 13.80 31.63 12.85
CA ILE A 278 14.95 32.43 13.27
C ILE A 278 16.21 31.67 12.91
N THR A 279 17.13 32.35 12.23
CA THR A 279 18.31 31.67 11.74
C THR A 279 19.48 32.62 11.67
N THR A 280 20.69 32.09 11.68
CA THR A 280 21.88 32.94 11.58
C THR A 280 22.68 32.69 10.31
N THR A 281 22.15 31.86 9.42
CA THR A 281 22.94 31.44 8.26
C THR A 281 22.63 32.16 6.94
N HIS A 282 21.81 33.21 7.01
CA HIS A 282 21.78 34.21 5.94
C HIS A 282 21.58 35.57 6.59
N PRO A 283 22.17 36.63 6.01
CA PRO A 283 22.14 37.92 6.72
C PRO A 283 20.77 38.57 6.69
N TYR A 284 20.15 38.62 5.52
CA TYR A 284 18.92 39.39 5.38
C TYR A 284 17.68 38.55 5.57
N THR A 285 16.57 39.22 5.87
CA THR A 285 15.31 38.56 6.11
C THR A 285 14.67 38.12 4.80
N VAL A 286 14.28 36.86 4.75
CA VAL A 286 13.80 36.25 3.52
C VAL A 286 12.32 36.03 3.70
N LEU A 287 11.57 36.47 2.69
CA LEU A 287 10.12 36.28 2.65
C LEU A 287 9.74 35.43 1.45
N SER A 288 8.74 34.57 1.64
CA SER A 288 8.24 33.76 0.54
C SER A 288 7.69 34.68 -0.49
N HIS A 289 7.62 34.20 -1.73
CA HIS A 289 7.28 35.05 -2.85
C HIS A 289 5.94 35.80 -2.74
N SER A 290 4.89 35.11 -2.31
CA SER A 290 3.59 35.76 -2.20
C SER A 290 3.64 36.85 -1.13
N ILE A 291 4.27 36.57 0.00
CA ILE A 291 4.40 37.57 1.06
C ILE A 291 5.34 38.71 0.65
N PHE A 292 6.42 38.34 -0.01
CA PHE A 292 7.38 39.34 -0.48
C PHE A 292 6.71 40.36 -1.39
N GLU A 293 5.94 39.85 -2.35
CA GLU A 293 5.34 40.72 -3.34
C GLU A 293 4.36 41.67 -2.67
N VAL A 294 3.59 41.16 -1.72
CA VAL A 294 2.61 41.97 -1.05
C VAL A 294 3.28 42.99 -0.13
N PHE A 295 4.23 42.54 0.67
CA PHE A 295 4.90 43.42 1.60
C PHE A 295 5.68 44.54 0.89
N THR A 296 6.43 44.23 -0.15
CA THR A 296 7.23 45.29 -0.78
C THR A 296 6.36 46.38 -1.45
N GLN A 297 5.21 46.00 -2.02
CA GLN A 297 4.36 47.02 -2.61
C GLN A 297 3.70 47.89 -1.53
N VAL A 298 3.19 47.24 -0.48
CA VAL A 298 2.59 47.95 0.66
C VAL A 298 3.61 48.95 1.23
N PHE A 299 4.86 48.52 1.29
CA PHE A 299 5.93 49.39 1.74
C PHE A 299 6.09 50.55 0.77
N ALA A 300 6.12 50.26 -0.53
CA ALA A 300 6.27 51.31 -1.54
C ALA A 300 5.13 52.31 -1.45
N ASN A 301 3.95 51.85 -1.04
CA ASN A 301 2.78 52.72 -0.86
C ASN A 301 2.87 53.66 0.35
N ASN A 302 3.74 53.34 1.29
CA ASN A 302 3.91 54.20 2.45
C ASN A 302 5.21 55.03 2.34
N MET A 303 5.67 55.25 1.11
CA MET A 303 6.90 56.01 0.83
C MET A 303 6.66 56.96 -0.34
N PRO A 304 7.52 58.00 -0.49
CA PRO A 304 7.37 58.79 -1.71
C PRO A 304 7.68 57.95 -2.96
N LYS A 305 6.63 57.72 -3.73
CA LYS A 305 6.68 56.77 -4.81
C LYS A 305 7.69 57.12 -5.90
N GLN A 306 8.07 58.39 -6.00
CA GLN A 306 9.03 58.75 -7.03
C GLN A 306 10.41 59.03 -6.47
N ALA A 307 10.76 58.36 -5.38
CA ALA A 307 12.10 58.44 -4.84
C ALA A 307 12.88 57.15 -5.10
N GLN A 308 12.17 56.19 -5.69
CA GLN A 308 12.72 54.90 -5.96
C GLN A 308 13.78 54.98 -7.06
N VAL A 309 14.75 54.09 -6.98
CA VAL A 309 15.77 54.00 -8.00
C VAL A 309 15.83 52.52 -8.33
N LYS A 310 16.46 52.19 -9.45
CA LYS A 310 16.66 50.81 -9.82
C LYS A 310 17.27 50.00 -8.68
N ALA A 311 16.59 48.89 -8.38
CA ALA A 311 17.01 47.98 -7.32
C ALA A 311 18.43 47.52 -7.54
N VAL A 312 19.13 47.37 -6.43
CA VAL A 312 20.55 47.11 -6.46
C VAL A 312 20.81 45.92 -5.58
N GLY A 313 21.76 45.08 -5.97
CA GLY A 313 22.12 43.94 -5.16
C GLY A 313 21.02 42.89 -5.21
N PRO A 314 20.79 42.23 -4.07
CA PRO A 314 19.76 41.22 -3.83
C PRO A 314 18.39 41.80 -3.53
N PHE A 315 18.31 43.12 -3.49
CA PHE A 315 17.12 43.83 -3.05
C PHE A 315 16.17 44.19 -4.22
N GLY A 316 14.89 44.38 -3.91
CA GLY A 316 13.86 44.68 -4.90
C GLY A 316 13.30 46.09 -4.92
N LEU A 317 13.47 46.81 -3.83
CA LEU A 317 12.92 48.15 -3.72
C LEU A 317 13.99 49.04 -3.12
N CYS A 318 14.58 49.88 -3.94
CA CYS A 318 15.67 50.72 -3.49
C CYS A 318 15.35 52.18 -3.72
N TYR A 319 15.94 53.03 -2.88
CA TYR A 319 15.69 54.47 -2.94
C TYR A 319 16.97 55.32 -2.97
N ASP A 320 16.88 56.58 -3.40
CA ASP A 320 17.97 57.53 -3.21
C ASP A 320 18.01 57.96 -1.73
N SER A 321 19.19 57.97 -1.16
CA SER A 321 19.38 58.24 0.27
C SER A 321 19.12 59.69 0.68
N ARG A 322 19.40 60.64 -0.20
CA ARG A 322 19.21 62.03 0.17
C ARG A 322 17.74 62.38 0.28
N LYS A 323 16.91 61.78 -0.58
CA LYS A 323 15.49 62.14 -0.59
C LYS A 323 14.61 61.52 0.50
N ILE A 324 14.94 60.32 0.95
CA ILE A 324 14.12 59.64 1.94
C ILE A 324 14.55 59.84 3.39
N SER A 325 15.54 60.70 3.62
CA SER A 325 16.00 60.88 4.99
C SER A 325 14.90 61.60 5.77
N GLY A 326 13.99 62.23 5.02
CA GLY A 326 12.71 62.69 5.53
C GLY A 326 12.14 61.85 6.66
N GLY A 327 11.87 60.57 6.36
CA GLY A 327 11.17 59.69 7.29
C GLY A 327 10.83 58.29 6.78
N ALA A 328 11.32 57.23 7.42
CA ALA A 328 10.90 55.87 7.05
C ALA A 328 9.67 55.43 7.88
N PRO A 329 8.82 54.53 7.34
CA PRO A 329 7.62 54.19 8.13
C PRO A 329 7.89 53.20 9.27
N SER A 330 6.93 53.14 10.20
CA SER A 330 6.88 52.11 11.25
C SER A 330 6.72 50.68 10.70
N VAL A 331 7.68 49.80 10.99
CA VAL A 331 7.59 48.37 10.67
C VAL A 331 7.65 47.45 11.90
N ASP A 332 6.55 46.78 12.22
CA ASP A 332 6.48 45.93 13.42
C ASP A 332 6.02 44.54 13.12
N LEU A 333 6.62 43.55 13.78
CA LEU A 333 6.10 42.22 13.72
C LEU A 333 5.07 42.07 14.84
N ILE A 334 3.82 41.83 14.46
CA ILE A 334 2.75 41.56 15.41
C ILE A 334 2.77 40.09 15.70
N LEU A 335 2.91 39.74 16.96
CA LEU A 335 3.17 38.36 17.35
C LEU A 335 1.97 37.60 17.85
N ASP A 336 2.28 36.35 18.21
CA ASP A 336 1.35 35.31 18.63
C ASP A 336 0.34 35.97 19.57
N LYS A 337 -0.94 35.78 19.28
CA LYS A 337 -2.01 36.23 20.16
C LYS A 337 -1.99 37.74 20.31
N ASN A 338 -1.29 38.42 19.41
CA ASN A 338 -1.07 39.86 19.48
C ASN A 338 -0.66 40.35 20.88
N ASP A 339 0.04 39.54 21.67
CA ASP A 339 0.45 39.99 23.00
C ASP A 339 1.67 40.84 22.92
N ALA A 340 2.41 40.66 21.84
CA ALA A 340 3.71 41.24 21.78
C ALA A 340 3.99 41.77 20.40
N VAL A 341 4.96 42.67 20.32
CA VAL A 341 5.33 43.35 19.08
C VAL A 341 6.82 43.40 19.06
N TRP A 342 7.42 42.98 17.96
CA TRP A 342 8.84 43.14 17.76
C TRP A 342 9.02 44.30 16.81
N ARG A 343 9.34 45.45 17.37
CA ARG A 343 9.55 46.66 16.58
C ARG A 343 10.88 46.55 15.84
N ILE A 344 10.86 46.89 14.56
CA ILE A 344 12.09 46.87 13.77
C ILE A 344 12.50 48.30 13.41
N SER A 345 13.69 48.70 13.86
CA SER A 345 14.21 50.04 13.63
C SER A 345 14.56 50.24 12.15
N SER A 346 14.33 51.45 11.63
CA SER A 346 14.63 51.75 10.22
C SER A 346 16.14 51.74 9.97
N GLU A 347 16.89 51.68 11.05
CA GLU A 347 18.33 51.60 10.95
C GLU A 347 18.71 50.14 10.81
N ASN A 348 17.76 49.24 11.12
CA ASN A 348 17.95 47.81 10.89
C ASN A 348 17.47 47.41 9.52
N PHE A 349 16.28 47.82 9.11
CA PHE A 349 15.74 47.26 7.89
C PHE A 349 16.04 48.03 6.62
N MET A 350 16.66 49.20 6.75
CA MET A 350 17.15 49.89 5.56
C MET A 350 18.61 49.56 5.40
N VAL A 351 18.97 49.08 4.23
CA VAL A 351 20.36 48.71 3.96
C VAL A 351 20.92 49.68 2.93
N GLN A 352 22.19 50.03 3.07
CA GLN A 352 22.86 50.99 2.20
C GLN A 352 23.58 50.24 1.04
N ALA A 353 22.80 49.51 0.27
CA ALA A 353 23.28 48.75 -0.90
C ALA A 353 24.44 49.43 -1.64
N GLN A 354 24.28 50.71 -1.92
CA GLN A 354 25.30 51.43 -2.65
C GLN A 354 25.49 52.85 -2.17
N ASP A 355 26.58 53.45 -2.62
CA ASP A 355 26.84 54.89 -2.55
C ASP A 355 25.80 55.78 -1.84
N GLY A 356 24.71 56.02 -2.55
CA GLY A 356 23.60 56.85 -2.12
C GLY A 356 22.30 56.12 -2.39
N VAL A 357 22.36 54.79 -2.33
CA VAL A 357 21.18 53.94 -2.52
C VAL A 357 20.88 53.10 -1.30
N SER A 358 19.69 53.25 -0.75
CA SER A 358 19.28 52.48 0.41
C SER A 358 18.13 51.59 0.04
N CYS A 359 18.29 50.31 0.31
CA CYS A 359 17.32 49.33 -0.13
C CYS A 359 16.60 48.78 1.05
N LEU A 360 15.35 48.41 0.82
CA LEU A 360 14.58 47.69 1.81
C LEU A 360 15.19 46.30 1.97
N GLY A 361 15.72 46.01 3.15
CA GLY A 361 16.52 44.81 3.38
C GLY A 361 15.80 43.51 3.64
N PHE A 362 14.79 43.21 2.80
CA PHE A 362 14.08 41.93 2.79
C PHE A 362 14.24 41.29 1.43
N VAL A 363 14.44 39.98 1.39
CA VAL A 363 14.74 39.33 0.13
C VAL A 363 13.68 38.27 -0.22
N ASP A 364 13.47 38.05 -1.52
CA ASP A 364 12.49 37.10 -2.01
C ASP A 364 13.00 35.67 -1.96
N GLY A 365 12.37 34.84 -1.14
CA GLY A 365 12.77 33.45 -0.99
C GLY A 365 12.21 32.56 -2.07
N GLY A 366 11.44 33.13 -2.99
CA GLY A 366 10.89 32.36 -4.06
C GLY A 366 9.65 31.61 -3.65
N VAL A 367 9.21 30.70 -4.51
CA VAL A 367 7.96 29.97 -4.35
C VAL A 367 8.10 28.66 -3.62
N HIS A 368 9.33 28.19 -3.45
CA HIS A 368 9.56 27.01 -2.64
C HIS A 368 10.38 27.39 -1.43
N ALA A 369 10.06 28.54 -0.85
CA ALA A 369 10.75 28.96 0.34
C ALA A 369 10.42 28.00 1.49
N ARG A 370 11.39 27.84 2.38
CA ARG A 370 11.32 26.90 3.46
C ARG A 370 10.21 27.33 4.42
N ALA A 371 10.15 28.63 4.71
CA ALA A 371 9.10 29.23 5.55
C ALA A 371 8.64 30.57 4.97
N GLY A 372 7.51 31.06 5.47
CA GLY A 372 6.97 32.33 5.00
C GLY A 372 7.84 33.52 5.34
N ILE A 373 8.40 33.52 6.55
CA ILE A 373 9.34 34.54 7.04
C ILE A 373 10.56 33.87 7.63
N ALA A 374 11.77 34.25 7.22
CA ALA A 374 12.96 33.76 7.91
C ALA A 374 13.82 34.92 8.39
N LEU A 375 13.83 35.18 9.69
CA LEU A 375 14.61 36.29 10.24
C LEU A 375 16.08 35.93 10.33
N GLY A 376 16.96 36.73 9.74
CA GLY A 376 18.36 36.35 9.62
C GLY A 376 19.24 37.12 10.58
N ALA A 377 20.56 37.14 10.32
CA ALA A 377 21.54 37.74 11.22
C ALA A 377 21.34 39.25 11.37
N HIS A 378 20.99 39.90 10.26
CA HIS A 378 20.84 41.32 10.25
C HIS A 378 19.74 41.73 11.20
N HIS A 379 18.69 40.93 11.22
CA HIS A 379 17.58 41.17 12.11
C HIS A 379 18.03 41.09 13.55
N LEU A 380 18.86 40.11 13.84
CA LEU A 380 19.28 39.82 15.20
C LEU A 380 20.28 40.80 15.75
N GLU A 381 21.07 41.40 14.87
CA GLU A 381 22.17 42.31 15.25
C GLU A 381 21.71 43.49 16.07
N GLU A 382 22.47 43.79 17.12
CA GLU A 382 22.19 44.86 18.08
C GLU A 382 20.90 44.67 18.84
N ASN A 383 20.46 43.43 18.94
CA ASN A 383 19.36 43.08 19.81
C ASN A 383 19.83 42.02 20.79
N LEU A 384 19.30 42.06 22.00
CA LEU A 384 19.52 40.95 22.93
C LEU A 384 18.32 40.02 22.85
N VAL A 385 18.60 38.77 22.43
CA VAL A 385 17.60 37.76 22.20
C VAL A 385 17.82 36.54 23.09
N VAL A 386 16.90 36.30 24.01
CA VAL A 386 17.04 35.22 24.99
C VAL A 386 16.22 34.00 24.64
N PHE A 387 16.89 32.87 24.48
CA PHE A 387 16.19 31.65 24.19
C PHE A 387 15.96 30.92 25.48
N ASP A 388 14.74 31.06 26.01
CA ASP A 388 14.42 30.44 27.28
C ASP A 388 13.82 29.07 27.03
N LEU A 389 14.67 28.04 27.01
CA LEU A 389 14.24 26.70 26.64
C LEU A 389 13.43 26.08 27.74
N GLU A 390 13.66 26.55 28.95
CA GLU A 390 12.97 26.01 30.11
C GLU A 390 11.49 26.42 30.15
N ARG A 391 11.15 27.57 29.59
CA ARG A 391 9.74 28.01 29.53
C ARG A 391 9.23 28.00 28.08
N SER A 392 10.07 27.53 27.15
CA SER A 392 9.74 27.48 25.73
C SER A 392 9.30 28.86 25.20
N ARG A 393 10.14 29.87 25.36
CA ARG A 393 9.80 31.22 24.92
C ARG A 393 11.06 31.93 24.49
N VAL A 394 10.87 32.95 23.65
CA VAL A 394 11.96 33.82 23.22
C VAL A 394 11.72 35.21 23.80
N GLY A 395 12.75 35.82 24.36
CA GLY A 395 12.65 37.18 24.87
C GLY A 395 13.51 38.16 24.08
N PHE A 396 13.10 39.41 23.99
CA PHE A 396 13.90 40.42 23.28
C PHE A 396 13.73 41.79 23.91
N ASN A 397 14.69 42.67 23.66
CA ASN A 397 14.64 44.00 24.20
C ASN A 397 13.48 44.79 23.58
N SER A 398 12.66 45.40 24.44
CA SER A 398 11.46 46.13 24.02
C SER A 398 11.76 47.57 23.66
N ASN A 399 12.96 48.03 23.99
CA ASN A 399 13.46 49.30 23.51
C ASN A 399 14.82 49.03 22.87
N SER A 400 15.29 49.91 22.01
CA SER A 400 16.58 49.72 21.35
C SER A 400 17.72 49.69 22.35
N LEU A 401 18.76 48.93 22.06
CA LEU A 401 19.92 48.89 22.96
C LEU A 401 20.51 50.27 23.10
N LYS A 402 20.51 50.97 21.98
CA LYS A 402 21.08 52.31 21.85
C LYS A 402 20.29 53.30 22.71
N SER A 403 19.00 53.05 22.95
CA SER A 403 18.23 53.87 23.88
C SER A 403 18.64 53.67 25.34
N TYR A 404 19.38 52.59 25.63
CA TYR A 404 19.93 52.37 26.97
C TYR A 404 21.37 52.86 27.07
N GLY A 405 21.88 53.37 25.97
CA GLY A 405 23.28 53.76 25.85
C GLY A 405 24.19 52.56 25.63
N LYS A 406 23.61 51.45 25.15
CA LYS A 406 24.33 50.20 25.01
C LYS A 406 24.42 49.75 23.58
N THR A 407 25.36 48.85 23.32
CA THR A 407 25.44 48.08 22.08
C THR A 407 25.66 46.62 22.43
N CYS A 408 25.59 45.74 21.45
CA CYS A 408 25.85 44.34 21.72
C CYS A 408 27.31 44.09 22.05
N SER A 409 28.20 45.01 21.71
CA SER A 409 29.61 44.86 22.04
C SER A 409 29.93 45.21 23.48
N ASN A 410 29.18 46.15 24.06
CA ASN A 410 29.50 46.63 25.39
C ASN A 410 28.46 46.35 26.47
N LEU A 411 27.39 45.64 26.12
CA LEU A 411 26.39 45.24 27.09
C LEU A 411 27.05 44.37 28.18
N PHE A 412 27.97 43.53 27.74
CA PHE A 412 28.76 42.69 28.63
C PHE A 412 30.25 42.94 28.36
N ASP A 413 31.08 42.73 29.37
CA ASP A 413 32.52 42.90 29.21
C ASP A 413 33.11 41.71 28.47
N LEU A 414 33.48 41.92 27.21
CA LEU A 414 34.05 40.86 26.39
C LEU A 414 35.57 41.00 26.27
N ASN A 415 36.16 41.83 27.12
CA ASN A 415 37.59 42.06 27.08
C ASN A 415 38.37 40.96 27.79
N ASN A 416 39.48 40.55 27.18
CA ASN A 416 40.34 39.54 27.76
C ASN A 416 40.54 39.73 29.26
N LYS B 11 -43.05 29.69 -23.42
CA LYS B 11 -41.72 29.37 -22.89
C LYS B 11 -41.07 30.55 -22.16
N PRO B 12 -40.81 30.37 -20.84
CA PRO B 12 -40.34 31.42 -19.93
C PRO B 12 -38.91 31.90 -20.15
N ASN B 13 -38.70 33.19 -19.87
CA ASN B 13 -37.39 33.79 -19.93
C ASN B 13 -36.87 34.05 -18.54
N LEU B 14 -37.69 33.74 -17.54
CA LEU B 14 -37.28 33.98 -16.16
C LEU B 14 -38.07 33.08 -15.22
N LEU B 15 -37.36 32.43 -14.29
CA LEU B 15 -37.92 31.51 -13.30
C LEU B 15 -37.61 31.97 -11.88
N VAL B 16 -38.50 31.68 -10.94
CA VAL B 16 -38.33 32.20 -9.58
C VAL B 16 -38.51 31.13 -8.52
N LEU B 17 -37.54 31.04 -7.62
CA LEU B 17 -37.57 30.13 -6.48
C LEU B 17 -37.50 30.92 -5.16
N PRO B 18 -38.63 31.00 -4.45
CA PRO B 18 -38.64 31.63 -3.13
C PRO B 18 -37.91 30.77 -2.10
N VAL B 19 -37.12 31.43 -1.24
CA VAL B 19 -36.32 30.76 -0.24
C VAL B 19 -36.62 31.42 1.09
N GLN B 20 -36.43 30.68 2.18
CA GLN B 20 -36.74 31.17 3.51
C GLN B 20 -35.57 30.97 4.46
N GLU B 21 -35.38 31.94 5.35
CA GLU B 21 -34.35 31.84 6.38
C GLU B 21 -34.83 30.99 7.57
N ASP B 22 -33.97 30.10 8.07
CA ASP B 22 -34.31 29.37 9.26
C ASP B 22 -33.69 30.07 10.45
N ALA B 23 -34.54 30.61 11.34
CA ALA B 23 -34.06 31.50 12.38
C ALA B 23 -33.09 30.80 13.30
N SER B 24 -33.42 29.57 13.63
CA SER B 24 -32.60 28.78 14.51
C SER B 24 -31.19 28.50 13.98
N THR B 25 -31.05 28.08 12.73
CA THR B 25 -29.73 27.72 12.21
C THR B 25 -29.08 28.83 11.42
N GLY B 26 -29.88 29.79 10.94
CA GLY B 26 -29.33 30.86 10.15
C GLY B 26 -29.10 30.43 8.71
N LEU B 27 -29.58 29.25 8.38
CA LEU B 27 -29.45 28.75 7.04
C LEU B 27 -30.73 29.00 6.30
N HIS B 28 -30.65 28.81 5.00
CA HIS B 28 -31.79 29.06 4.14
C HIS B 28 -32.20 27.79 3.47
N TRP B 29 -33.49 27.65 3.22
CA TRP B 29 -34.05 26.44 2.64
C TRP B 29 -35.19 26.80 1.67
N ALA B 30 -35.57 25.87 0.81
CA ALA B 30 -36.68 26.11 -0.12
C ALA B 30 -37.58 24.89 -0.27
N ASN B 31 -38.87 25.12 -0.53
CA ASN B 31 -39.74 24.05 -0.97
C ASN B 31 -39.56 23.79 -2.45
N ILE B 32 -39.08 22.60 -2.83
CA ILE B 32 -38.95 22.26 -4.23
C ILE B 32 -40.12 21.38 -4.61
N HIS B 33 -40.73 21.68 -5.74
CA HIS B 33 -41.85 20.87 -6.22
C HIS B 33 -41.32 19.77 -7.11
N LYS B 34 -41.65 18.52 -6.77
CA LYS B 34 -41.15 17.36 -7.52
C LYS B 34 -42.19 16.26 -7.68
N ARG B 35 -41.94 15.34 -8.62
CA ARG B 35 -42.71 14.11 -8.79
C ARG B 35 -44.05 14.24 -9.49
N THR B 36 -44.64 13.10 -9.82
CA THR B 36 -46.02 13.08 -10.34
C THR B 36 -46.85 12.12 -9.49
N PRO B 37 -47.82 12.65 -8.76
CA PRO B 37 -48.24 14.05 -8.66
C PRO B 37 -47.25 14.94 -7.95
N LEU B 38 -47.29 16.20 -8.31
CA LEU B 38 -46.34 17.17 -7.80
C LEU B 38 -46.52 17.41 -6.28
N MET B 39 -45.42 17.49 -5.56
CA MET B 39 -45.46 17.84 -4.14
C MET B 39 -44.23 18.62 -3.76
N GLN B 40 -44.21 19.13 -2.53
CA GLN B 40 -43.12 19.97 -2.08
C GLN B 40 -42.14 19.25 -1.20
N VAL B 41 -40.87 19.42 -1.52
CA VAL B 41 -39.80 18.85 -0.70
C VAL B 41 -38.98 19.98 -0.11
N PRO B 42 -38.90 20.10 1.23
CA PRO B 42 -38.04 21.12 1.84
C PRO B 42 -36.55 20.73 1.76
N LEU B 43 -35.75 21.58 1.15
CA LEU B 43 -34.32 21.32 0.90
C LEU B 43 -33.42 22.49 1.27
N LEU B 44 -32.23 22.18 1.77
CA LEU B 44 -31.28 23.22 2.08
C LEU B 44 -30.73 23.88 0.83
N LEU B 45 -30.62 25.20 0.88
CA LEU B 45 -29.94 25.97 -0.15
C LEU B 45 -28.43 25.90 0.02
N ASP B 46 -27.77 25.26 -0.95
CA ASP B 46 -26.33 25.07 -0.93
C ASP B 46 -25.73 25.64 -2.21
N LEU B 47 -25.25 26.87 -2.09
CA LEU B 47 -24.78 27.59 -3.25
C LEU B 47 -23.75 26.81 -4.02
N ASN B 48 -22.83 26.18 -3.33
CA ASN B 48 -21.77 25.48 -4.03
C ASN B 48 -22.02 23.98 -4.25
N GLY B 49 -23.20 23.50 -3.87
CA GLY B 49 -23.50 22.09 -4.00
C GLY B 49 -23.52 21.63 -5.44
N LYS B 50 -22.99 20.44 -5.67
CA LYS B 50 -22.83 19.95 -7.02
C LYS B 50 -24.12 19.42 -7.63
N HIS B 51 -25.08 19.05 -6.79
CA HIS B 51 -26.35 18.54 -7.28
C HIS B 51 -27.44 18.67 -6.23
N LEU B 52 -28.67 18.38 -6.64
CA LEU B 52 -29.78 18.27 -5.71
C LEU B 52 -29.82 16.85 -5.17
N TRP B 53 -29.93 16.70 -3.85
CA TRP B 53 -30.11 15.36 -3.33
C TRP B 53 -31.23 15.33 -2.30
N VAL B 54 -31.89 14.17 -2.22
CA VAL B 54 -33.01 13.95 -1.30
C VAL B 54 -32.94 12.55 -0.67
N THR B 55 -33.56 12.39 0.50
CA THR B 55 -33.80 11.08 1.07
C THR B 55 -34.97 10.44 0.31
N CYS B 56 -34.78 9.25 -0.26
CA CYS B 56 -35.84 8.65 -1.07
C CYS B 56 -36.47 7.46 -0.41
N SER B 57 -35.78 6.88 0.55
CA SER B 57 -36.26 5.69 1.21
C SER B 57 -37.66 5.86 1.86
N GLN B 58 -38.16 7.09 1.91
CA GLN B 58 -39.51 7.42 2.39
C GLN B 58 -40.78 6.92 1.70
N HIS B 59 -41.71 7.87 1.58
CA HIS B 59 -43.03 7.71 1.02
C HIS B 59 -42.95 8.10 -0.45
N TYR B 60 -41.88 7.71 -1.14
CA TYR B 60 -41.70 8.23 -2.47
C TYR B 60 -42.78 7.67 -3.38
N SER B 61 -43.74 8.53 -3.73
CA SER B 61 -44.84 8.12 -4.57
C SER B 61 -44.79 8.94 -5.87
N SER B 62 -44.60 8.27 -7.00
CA SER B 62 -44.49 8.99 -8.25
C SER B 62 -44.66 8.04 -9.44
N SER B 63 -45.48 8.46 -10.39
CA SER B 63 -45.65 7.71 -11.62
C SER B 63 -44.60 8.13 -12.63
N THR B 64 -43.73 9.06 -12.25
CA THR B 64 -42.72 9.54 -13.18
C THR B 64 -41.29 9.25 -12.74
N TYR B 65 -41.09 8.43 -11.73
CA TYR B 65 -39.75 8.14 -11.25
C TYR B 65 -38.98 7.15 -12.09
N GLN B 66 -37.69 7.39 -12.29
CA GLN B 66 -36.80 6.38 -12.87
C GLN B 66 -35.40 6.44 -12.27
N ALA B 67 -34.76 5.28 -12.13
CA ALA B 67 -33.34 5.21 -11.78
C ALA B 67 -32.52 4.80 -13.00
N PRO B 68 -31.73 5.75 -13.59
CA PRO B 68 -30.97 5.43 -14.80
C PRO B 68 -30.01 4.24 -14.64
N PHE B 69 -29.82 3.45 -15.70
CA PHE B 69 -28.97 2.29 -15.61
C PHE B 69 -27.53 2.72 -15.72
N CYS B 70 -26.65 1.89 -15.18
CA CYS B 70 -25.23 2.18 -15.21
C CYS B 70 -24.71 2.28 -16.63
N HIS B 71 -23.85 3.27 -16.86
CA HIS B 71 -23.27 3.59 -18.17
C HIS B 71 -24.28 4.19 -19.13
N SER B 72 -25.44 4.61 -18.61
CA SER B 72 -26.44 5.29 -19.43
C SER B 72 -25.97 6.66 -19.78
N THR B 73 -26.67 7.31 -20.70
CA THR B 73 -26.39 8.69 -21.03
C THR B 73 -26.69 9.62 -19.85
N GLN B 74 -27.71 9.30 -19.06
CA GLN B 74 -27.96 10.10 -17.87
C GLN B 74 -26.80 10.06 -16.90
N CYS B 75 -26.20 8.90 -16.74
CA CYS B 75 -25.04 8.74 -15.85
C CYS B 75 -23.77 9.47 -16.36
N SER B 76 -23.57 9.48 -17.68
CA SER B 76 -22.49 10.25 -18.25
C SER B 76 -22.65 11.75 -17.94
N ARG B 77 -23.86 12.27 -18.12
CA ARG B 77 -24.13 13.69 -17.89
C ARG B 77 -23.86 14.10 -16.44
N ALA B 78 -24.24 13.23 -15.51
CA ALA B 78 -24.05 13.43 -14.08
C ALA B 78 -22.60 13.19 -13.65
N ASN B 79 -21.79 12.71 -14.60
CA ASN B 79 -20.36 12.46 -14.42
C ASN B 79 -20.09 11.40 -13.33
N THR B 80 -20.87 10.33 -13.35
CA THR B 80 -20.61 9.21 -12.46
C THR B 80 -20.51 7.98 -13.32
N HIS B 81 -19.40 7.24 -13.23
CA HIS B 81 -19.30 6.02 -14.03
C HIS B 81 -19.08 4.84 -13.11
N GLN B 82 -19.41 5.06 -11.83
CA GLN B 82 -19.37 4.06 -10.78
C GLN B 82 -20.73 3.42 -10.54
N CYS B 83 -20.82 2.09 -10.64
CA CYS B 83 -22.10 1.38 -10.49
C CYS B 83 -22.57 1.23 -9.05
N PHE B 84 -23.89 1.16 -8.89
CA PHE B 84 -24.51 1.16 -7.59
C PHE B 84 -25.07 -0.22 -7.26
N THR B 85 -24.83 -0.65 -6.04
CA THR B 85 -25.37 -1.88 -5.54
C THR B 85 -26.09 -1.63 -4.23
N CYS B 86 -27.34 -2.04 -4.19
CA CYS B 86 -28.16 -1.90 -2.99
C CYS B 86 -27.99 -3.06 -2.00
N THR B 87 -27.52 -2.69 -0.81
CA THR B 87 -27.27 -3.62 0.28
C THR B 87 -28.22 -3.41 1.49
N ASP B 88 -29.30 -2.66 1.28
CA ASP B 88 -30.32 -2.44 2.33
C ASP B 88 -31.52 -3.36 2.13
N SER B 89 -32.54 -2.87 1.45
CA SER B 89 -33.70 -3.71 1.16
C SER B 89 -33.18 -4.80 0.21
N THR B 90 -33.84 -5.96 0.10
CA THR B 90 -33.48 -6.89 -0.98
C THR B 90 -34.57 -6.88 -2.05
N THR B 91 -35.52 -5.95 -1.90
CA THR B 91 -36.49 -5.67 -2.97
C THR B 91 -36.36 -4.20 -3.46
N THR B 92 -36.81 -3.94 -4.69
CA THR B 92 -36.57 -2.63 -5.30
C THR B 92 -37.54 -1.51 -4.96
N ARG B 93 -36.97 -0.30 -4.95
CA ARG B 93 -37.67 0.93 -4.62
C ARG B 93 -36.76 2.09 -5.02
N PRO B 94 -37.27 3.36 -5.02
CA PRO B 94 -36.43 4.54 -5.25
C PRO B 94 -35.24 4.61 -4.31
N GLY B 95 -34.03 4.72 -4.85
CA GLY B 95 -32.84 4.77 -4.03
C GLY B 95 -32.16 3.43 -3.82
N CYS B 96 -32.85 2.36 -4.21
CA CYS B 96 -32.34 1.01 -3.99
C CYS B 96 -32.54 0.11 -5.21
N HIS B 97 -31.53 0.05 -6.08
CA HIS B 97 -31.50 -0.93 -7.16
C HIS B 97 -30.08 -1.47 -7.34
N ASN B 98 -29.96 -2.50 -8.19
CA ASN B 98 -28.67 -2.97 -8.66
C ASN B 98 -28.56 -2.52 -10.12
N ASN B 99 -27.35 -2.45 -10.65
CA ASN B 99 -27.15 -1.95 -12.00
C ASN B 99 -27.61 -0.50 -12.24
N THR B 100 -27.55 0.34 -11.20
CA THR B 100 -27.79 1.76 -11.33
C THR B 100 -26.44 2.46 -11.17
N CYS B 101 -26.40 3.79 -11.00
CA CYS B 101 -25.09 4.43 -10.75
C CYS B 101 -25.04 5.24 -9.48
N GLY B 102 -23.84 5.27 -8.90
CA GLY B 102 -23.65 5.90 -7.62
C GLY B 102 -23.13 7.32 -7.73
N LEU B 103 -23.63 8.13 -6.83
CA LEU B 103 -23.29 9.51 -6.80
C LEU B 103 -23.05 9.89 -5.36
N LEU B 104 -21.90 10.51 -5.11
CA LEU B 104 -21.58 10.94 -3.77
C LEU B 104 -22.23 12.27 -3.39
N SER B 105 -23.06 12.28 -2.35
CA SER B 105 -23.71 13.49 -1.84
C SER B 105 -23.13 13.91 -0.50
N SER B 106 -23.03 15.22 -0.26
CA SER B 106 -22.44 15.73 0.98
C SER B 106 -23.39 16.61 1.78
N ASN B 107 -23.44 16.41 3.10
CA ASN B 107 -24.07 17.35 4.01
C ASN B 107 -23.03 18.41 4.28
N PRO B 108 -23.26 19.66 3.77
CA PRO B 108 -22.26 20.74 3.80
C PRO B 108 -22.08 21.34 5.19
N VAL B 109 -23.04 21.07 6.06
CA VAL B 109 -23.02 21.53 7.43
C VAL B 109 -22.18 20.60 8.27
N THR B 110 -22.44 19.30 8.17
CA THR B 110 -21.72 18.32 8.95
C THR B 110 -20.49 17.84 8.20
N GLN B 111 -20.41 18.13 6.91
CA GLN B 111 -19.32 17.67 6.06
C GLN B 111 -19.33 16.14 5.86
N GLU B 112 -20.41 15.48 6.29
CA GLU B 112 -20.68 14.05 6.02
C GLU B 112 -20.93 13.81 4.54
N SER B 113 -20.53 12.66 4.03
CA SER B 113 -20.97 12.28 2.70
C SER B 113 -21.43 10.84 2.67
N GLY B 114 -22.20 10.50 1.64
CA GLY B 114 -22.71 9.15 1.50
C GLY B 114 -22.96 8.82 0.04
N LEU B 115 -22.92 7.55 -0.33
CA LEU B 115 -23.16 7.19 -1.72
C LEU B 115 -24.66 7.06 -2.02
N GLY B 116 -25.16 7.92 -2.89
CA GLY B 116 -26.56 7.88 -3.27
C GLY B 116 -26.70 7.27 -4.63
N GLU B 117 -27.95 7.16 -5.07
CA GLU B 117 -28.27 6.58 -6.36
C GLU B 117 -28.81 7.67 -7.26
N LEU B 118 -28.31 7.74 -8.48
CA LEU B 118 -28.84 8.73 -9.44
C LEU B 118 -30.34 8.49 -9.73
N ALA B 119 -31.11 9.55 -9.76
CA ALA B 119 -32.53 9.44 -9.95
C ALA B 119 -33.00 10.44 -10.99
N GLN B 120 -34.19 10.19 -11.53
CA GLN B 120 -34.78 11.03 -12.52
C GLN B 120 -36.28 11.16 -12.24
N ASP B 121 -36.82 12.39 -12.22
CA ASP B 121 -38.26 12.62 -12.00
C ASP B 121 -38.62 14.04 -12.38
N VAL B 122 -39.88 14.41 -12.21
CA VAL B 122 -40.32 15.77 -12.49
C VAL B 122 -39.85 16.75 -11.42
N LEU B 123 -39.30 17.88 -11.87
CA LEU B 123 -39.14 19.05 -11.00
C LEU B 123 -39.94 20.17 -11.64
N ALA B 124 -40.63 20.97 -10.83
CA ALA B 124 -41.38 22.15 -11.31
C ALA B 124 -40.94 23.44 -10.61
N ILE B 125 -41.08 24.58 -11.28
CA ILE B 125 -40.66 25.87 -10.74
C ILE B 125 -41.52 27.00 -11.36
N HIS B 126 -41.72 28.08 -10.60
CA HIS B 126 -42.56 29.19 -11.06
C HIS B 126 -41.94 29.90 -12.22
N SER B 127 -42.78 30.21 -13.20
CA SER B 127 -42.45 31.22 -14.19
C SER B 127 -42.97 32.57 -13.68
N THR B 128 -43.01 33.56 -14.57
CA THR B 128 -43.62 34.85 -14.25
C THR B 128 -44.74 35.23 -15.23
N HIS B 129 -45.67 36.04 -14.75
CA HIS B 129 -46.73 36.53 -15.61
C HIS B 129 -46.92 38.00 -15.32
N GLY B 130 -46.43 38.84 -16.22
CA GLY B 130 -46.41 40.28 -15.97
C GLY B 130 -45.50 40.55 -14.79
N SER B 131 -46.01 41.23 -13.77
CA SER B 131 -45.26 41.53 -12.56
C SER B 131 -45.42 40.52 -11.43
N LYS B 132 -46.21 39.48 -11.63
CA LYS B 132 -46.45 38.50 -10.56
C LYS B 132 -45.80 37.17 -10.88
N LEU B 133 -45.83 36.26 -9.93
CA LEU B 133 -45.47 34.87 -10.23
C LEU B 133 -46.46 34.25 -11.21
N GLY B 134 -45.94 33.49 -12.16
CA GLY B 134 -46.79 32.87 -13.16
C GLY B 134 -46.88 31.41 -12.84
N PRO B 135 -47.41 30.64 -13.79
CA PRO B 135 -47.62 29.20 -13.62
C PRO B 135 -46.33 28.41 -13.47
N MET B 136 -46.42 27.27 -12.80
CA MET B 136 -45.30 26.37 -12.72
C MET B 136 -44.95 25.84 -14.07
N VAL B 137 -43.67 25.69 -14.34
CA VAL B 137 -43.26 24.97 -15.54
C VAL B 137 -42.39 23.77 -15.13
N LYS B 138 -42.36 22.71 -15.92
CA LYS B 138 -41.71 21.48 -15.50
C LYS B 138 -40.45 21.12 -16.31
N VAL B 139 -39.47 20.53 -15.62
CA VAL B 139 -38.39 19.72 -16.22
C VAL B 139 -38.75 18.28 -15.94
N PRO B 140 -39.27 17.56 -16.93
CA PRO B 140 -39.83 16.26 -16.63
C PRO B 140 -38.82 15.21 -16.24
N GLN B 141 -37.59 15.34 -16.73
CA GLN B 141 -36.56 14.39 -16.40
C GLN B 141 -35.39 15.01 -15.69
N PHE B 142 -35.68 15.64 -14.57
CA PHE B 142 -34.68 16.30 -13.74
C PHE B 142 -33.80 15.26 -13.06
N LEU B 143 -32.48 15.41 -13.15
CA LEU B 143 -31.56 14.48 -12.53
C LEU B 143 -31.13 14.88 -11.13
N PHE B 144 -31.11 13.93 -10.22
CA PHE B 144 -30.78 14.22 -8.84
C PHE B 144 -30.34 12.95 -8.14
N SER B 145 -30.00 13.03 -6.86
CA SER B 145 -29.56 11.87 -6.13
C SER B 145 -30.50 11.47 -5.02
N CYS B 146 -30.78 10.18 -4.95
CA CYS B 146 -31.43 9.57 -3.78
C CYS B 146 -30.35 9.20 -2.80
N ALA B 147 -30.20 10.02 -1.76
CA ALA B 147 -29.11 9.88 -0.80
C ALA B 147 -29.48 8.98 0.38
N PRO B 148 -28.47 8.38 1.04
CA PRO B 148 -28.76 7.59 2.25
C PRO B 148 -29.38 8.45 3.35
N SER B 149 -30.33 7.89 4.09
CA SER B 149 -31.11 8.61 5.09
C SER B 149 -30.31 9.34 6.14
N PHE B 150 -29.19 8.76 6.56
CA PHE B 150 -28.43 9.34 7.66
C PHE B 150 -27.93 10.74 7.32
N LEU B 151 -27.81 11.03 6.03
CA LEU B 151 -27.07 12.20 5.60
C LEU B 151 -27.80 13.46 5.98
N ALA B 152 -29.13 13.40 6.02
CA ALA B 152 -29.95 14.58 6.34
C ALA B 152 -30.46 14.61 7.78
N GLN B 153 -30.04 13.65 8.60
CA GLN B 153 -30.56 13.52 9.96
C GLN B 153 -29.91 14.49 10.93
N LYS B 154 -28.86 15.16 10.50
CA LYS B 154 -28.12 16.04 11.38
C LYS B 154 -27.75 17.36 10.70
N GLY B 155 -27.99 18.46 11.39
CA GLY B 155 -27.45 19.75 10.99
C GLY B 155 -28.31 20.66 10.13
N LEU B 156 -29.38 20.13 9.56
CA LEU B 156 -30.20 20.88 8.61
C LEU B 156 -31.35 21.52 9.34
N PRO B 157 -32.01 22.53 8.76
CA PRO B 157 -33.23 23.06 9.40
C PRO B 157 -34.26 21.95 9.64
N ASN B 158 -35.18 22.19 10.55
CA ASN B 158 -36.02 21.08 11.00
C ASN B 158 -36.83 20.60 9.82
N ASN B 159 -36.90 19.29 9.68
CA ASN B 159 -37.67 18.62 8.62
C ASN B 159 -37.09 18.78 7.21
N VAL B 160 -35.94 19.43 7.10
CA VAL B 160 -35.30 19.56 5.79
C VAL B 160 -34.70 18.22 5.43
N GLN B 161 -34.90 17.78 4.19
CA GLN B 161 -34.62 16.38 3.81
C GLN B 161 -33.57 16.21 2.73
N GLY B 162 -32.75 17.22 2.49
CA GLY B 162 -31.73 17.18 1.48
C GLY B 162 -31.27 18.59 1.19
N ALA B 163 -30.63 18.77 0.06
CA ALA B 163 -30.09 20.05 -0.32
C ALA B 163 -30.24 20.27 -1.82
N LEU B 164 -30.41 21.51 -2.23
CA LEU B 164 -30.34 21.82 -3.64
C LEU B 164 -29.04 22.56 -3.88
N GLY B 165 -28.28 22.12 -4.86
CA GLY B 165 -26.99 22.68 -5.09
C GLY B 165 -26.99 23.58 -6.31
N LEU B 166 -26.31 24.70 -6.21
CA LEU B 166 -26.21 25.65 -7.31
C LEU B 166 -24.77 25.81 -7.76
N GLY B 167 -23.95 24.80 -7.50
CA GLY B 167 -22.54 24.90 -7.80
C GLY B 167 -22.21 24.77 -9.29
N GLN B 168 -20.94 24.98 -9.63
CA GLN B 168 -20.49 24.83 -11.01
C GLN B 168 -20.19 23.38 -11.33
N ALA B 169 -21.25 22.64 -11.68
CA ALA B 169 -21.17 21.21 -11.90
C ALA B 169 -22.33 20.82 -12.81
N PRO B 170 -22.17 19.76 -13.61
CA PRO B 170 -23.08 19.49 -14.75
C PRO B 170 -24.54 19.21 -14.42
N ILE B 171 -24.88 18.65 -13.27
CA ILE B 171 -26.31 18.53 -12.99
C ILE B 171 -26.75 19.37 -11.81
N SER B 172 -26.11 20.52 -11.65
CA SER B 172 -26.59 21.49 -10.68
C SER B 172 -27.97 21.96 -11.09
N LEU B 173 -28.70 22.53 -10.15
CA LEU B 173 -30.06 22.97 -10.42
C LEU B 173 -30.09 24.01 -11.50
N GLN B 174 -29.25 25.04 -11.38
CA GLN B 174 -29.33 26.11 -12.35
C GLN B 174 -28.90 25.60 -13.73
N ASN B 175 -27.88 24.75 -13.83
CA ASN B 175 -27.44 24.28 -15.13
C ASN B 175 -28.56 23.51 -15.85
N GLN B 176 -29.34 22.75 -15.09
CA GLN B 176 -30.41 21.97 -15.69
C GLN B 176 -31.58 22.88 -16.08
N LEU B 177 -31.85 23.92 -15.31
CA LEU B 177 -32.89 24.86 -15.70
C LEU B 177 -32.48 25.66 -16.95
N PHE B 178 -31.24 26.12 -16.99
CA PHE B 178 -30.72 26.85 -18.14
C PHE B 178 -30.90 26.02 -19.42
N SER B 179 -30.48 24.76 -19.38
CA SER B 179 -30.40 23.97 -20.59
C SER B 179 -31.78 23.51 -21.02
N HIS B 180 -32.67 23.26 -20.08
CA HIS B 180 -34.00 22.80 -20.47
C HIS B 180 -34.82 23.91 -21.13
N PHE B 181 -34.70 25.12 -20.61
CA PHE B 181 -35.52 26.22 -21.06
C PHE B 181 -34.77 27.17 -21.98
N GLY B 182 -33.50 26.92 -22.23
CA GLY B 182 -32.75 27.81 -23.11
C GLY B 182 -32.55 29.21 -22.54
N LEU B 183 -32.33 29.29 -21.22
CA LEU B 183 -32.18 30.57 -20.51
C LEU B 183 -30.77 31.15 -20.68
N LYS B 184 -30.61 32.47 -20.47
CA LYS B 184 -29.29 33.05 -20.28
C LYS B 184 -28.65 32.45 -19.01
N ARG B 185 -27.35 32.22 -19.05
CA ARG B 185 -26.64 31.63 -17.93
C ARG B 185 -26.30 32.70 -16.87
N GLN B 186 -27.28 32.98 -16.02
CA GLN B 186 -27.18 34.03 -15.01
C GLN B 186 -28.18 33.64 -13.95
N PHE B 187 -27.81 33.71 -12.68
CA PHE B 187 -28.83 33.62 -11.65
C PHE B 187 -28.51 34.62 -10.60
N SER B 188 -29.54 35.04 -9.88
CA SER B 188 -29.45 36.13 -8.91
C SER B 188 -29.98 35.72 -7.54
N VAL B 189 -29.27 36.13 -6.49
CA VAL B 189 -29.67 35.73 -5.15
C VAL B 189 -30.08 36.91 -4.28
N CYS B 190 -31.30 36.90 -3.77
CA CYS B 190 -31.71 37.92 -2.81
C CYS B 190 -32.28 37.27 -1.57
N LEU B 191 -31.41 36.96 -0.62
CA LEU B 191 -31.85 36.30 0.60
C LEU B 191 -32.46 37.28 1.58
N SER B 192 -33.49 36.85 2.26
CA SER B 192 -34.13 37.64 3.28
C SER B 192 -33.55 37.36 4.69
N ARG B 193 -33.24 38.44 5.42
CA ARG B 193 -32.76 38.38 6.79
C ARG B 193 -33.79 37.83 7.78
N TYR B 194 -35.06 37.93 7.42
CA TYR B 194 -36.14 37.62 8.35
C TYR B 194 -36.75 36.25 8.09
N SER B 195 -37.01 35.49 9.13
CA SER B 195 -37.65 34.20 8.95
C SER B 195 -39.12 34.32 8.51
N THR B 196 -39.70 35.50 8.71
CA THR B 196 -41.13 35.73 8.48
C THR B 196 -41.52 36.18 7.07
N SER B 197 -40.53 36.39 6.21
CA SER B 197 -40.77 36.72 4.82
C SER B 197 -39.68 36.13 3.93
N ASN B 198 -40.06 35.72 2.73
CA ASN B 198 -39.15 35.03 1.83
C ASN B 198 -38.24 35.91 1.05
N GLY B 199 -37.11 35.37 0.65
CA GLY B 199 -36.27 35.99 -0.36
C GLY B 199 -36.42 35.14 -1.59
N ALA B 200 -35.56 35.32 -2.57
CA ALA B 200 -35.71 34.55 -3.80
C ALA B 200 -34.42 34.31 -4.55
N ILE B 201 -34.46 33.29 -5.40
CA ILE B 201 -33.47 33.10 -6.43
C ILE B 201 -34.13 33.19 -7.78
N LEU B 202 -33.51 33.94 -8.68
CA LEU B 202 -34.02 34.17 -10.03
C LEU B 202 -33.09 33.53 -11.04
N PHE B 203 -33.66 32.84 -12.02
CA PHE B 203 -32.86 32.17 -13.02
C PHE B 203 -33.14 32.76 -14.40
N GLY B 204 -32.11 33.24 -15.08
CA GLY B 204 -32.30 33.86 -16.37
C GLY B 204 -31.86 35.30 -16.36
N ASP B 205 -31.97 35.98 -17.50
CA ASP B 205 -31.50 37.35 -17.67
C ASP B 205 -32.43 38.38 -17.09
N ILE B 206 -31.96 39.19 -16.15
CA ILE B 206 -32.85 40.18 -15.55
C ILE B 206 -32.86 41.46 -16.34
N ASN B 207 -32.05 41.51 -17.38
CA ASN B 207 -31.87 42.69 -18.24
C ASN B 207 -32.51 42.42 -19.60
N ASP B 208 -33.51 41.55 -19.61
CA ASP B 208 -34.18 41.14 -20.83
C ASP B 208 -35.50 41.84 -20.84
N PRO B 209 -35.68 42.72 -21.83
CA PRO B 209 -36.90 43.52 -21.99
C PRO B 209 -38.17 42.70 -21.83
N ASN B 210 -38.13 41.42 -22.19
CA ASN B 210 -39.29 40.54 -21.99
C ASN B 210 -39.60 40.38 -20.51
N ASN B 211 -38.58 40.56 -19.68
CA ASN B 211 -38.75 40.42 -18.24
C ASN B 211 -38.90 41.75 -17.54
N ASN B 212 -39.04 42.83 -18.29
CA ASN B 212 -39.11 44.15 -17.68
C ASN B 212 -40.22 44.36 -16.69
N ASN B 213 -41.35 43.70 -16.91
CA ASN B 213 -42.50 43.91 -16.09
C ASN B 213 -42.34 43.27 -14.71
N TYR B 214 -41.66 42.13 -14.66
CA TYR B 214 -41.42 41.45 -13.39
C TYR B 214 -40.31 42.14 -12.58
N ILE B 215 -39.28 42.64 -13.27
CA ILE B 215 -38.14 43.21 -12.58
C ILE B 215 -38.24 44.73 -12.53
N HIS B 216 -39.38 45.28 -12.94
CA HIS B 216 -39.58 46.72 -13.00
C HIS B 216 -39.34 47.44 -11.68
N ASN B 217 -39.83 46.85 -10.60
CA ASN B 217 -39.67 47.44 -9.29
C ASN B 217 -38.23 47.46 -8.76
N SER B 218 -37.31 46.71 -9.37
CA SER B 218 -35.94 46.62 -8.89
C SER B 218 -34.95 47.46 -9.69
N LEU B 219 -35.48 48.28 -10.59
CA LEU B 219 -34.66 48.94 -11.59
C LEU B 219 -33.64 49.95 -11.04
N ASP B 220 -33.97 50.65 -9.96
CA ASP B 220 -33.02 51.62 -9.39
C ASP B 220 -31.83 50.89 -8.82
N VAL B 221 -32.07 49.73 -8.23
CA VAL B 221 -31.01 48.89 -7.72
C VAL B 221 -30.08 48.38 -8.82
N LEU B 222 -30.67 47.91 -9.91
CA LEU B 222 -29.90 47.32 -11.00
C LEU B 222 -28.96 48.31 -11.68
N HIS B 223 -29.40 49.56 -11.78
CA HIS B 223 -28.62 50.64 -12.37
C HIS B 223 -27.34 50.93 -11.62
N ASP B 224 -27.34 50.64 -10.33
CA ASP B 224 -26.20 50.93 -9.46
C ASP B 224 -25.38 49.71 -9.10
N LEU B 225 -25.63 48.60 -9.77
CA LEU B 225 -24.86 47.37 -9.52
C LEU B 225 -23.38 47.57 -9.80
N VAL B 226 -22.56 46.96 -8.97
CA VAL B 226 -21.12 46.99 -9.10
C VAL B 226 -20.63 45.56 -9.38
N TYR B 227 -19.63 45.38 -10.26
CA TYR B 227 -19.17 44.05 -10.65
C TYR B 227 -17.73 43.73 -10.27
N THR B 228 -17.43 42.45 -10.04
CA THR B 228 -16.07 41.97 -9.80
C THR B 228 -15.92 40.57 -10.41
N PRO B 229 -14.70 40.20 -10.87
CA PRO B 229 -14.53 38.91 -11.54
C PRO B 229 -14.80 37.70 -10.65
N LEU B 230 -15.41 36.68 -11.26
CA LEU B 230 -15.75 35.45 -10.57
C LEU B 230 -14.81 34.36 -10.99
N THR B 231 -14.24 33.62 -10.04
CA THR B 231 -13.41 32.48 -10.34
C THR B 231 -14.01 31.27 -9.68
N ILE B 232 -13.75 30.13 -10.27
CA ILE B 232 -14.37 28.88 -9.86
C ILE B 232 -13.30 27.88 -9.54
N SER B 233 -13.40 27.23 -8.38
CA SER B 233 -12.44 26.20 -8.00
C SER B 233 -12.69 24.87 -8.73
N LYS B 234 -11.77 23.92 -8.60
CA LYS B 234 -11.91 22.60 -9.22
C LYS B 234 -13.11 21.88 -8.67
N GLN B 235 -13.62 22.35 -7.54
CA GLN B 235 -14.77 21.68 -6.96
C GLN B 235 -16.08 22.36 -7.29
N GLY B 236 -16.04 23.41 -8.10
CA GLY B 236 -17.25 24.10 -8.53
C GLY B 236 -17.74 25.21 -7.60
N GLU B 237 -16.87 25.68 -6.72
CA GLU B 237 -17.21 26.74 -5.76
C GLU B 237 -16.98 28.12 -6.32
N TYR B 238 -17.75 29.08 -5.81
CA TYR B 238 -17.68 30.47 -6.25
C TYR B 238 -16.68 31.29 -5.42
N PHE B 239 -15.74 31.93 -6.09
CA PHE B 239 -14.73 32.76 -5.43
C PHE B 239 -14.65 34.14 -6.03
N ILE B 240 -14.39 35.15 -5.20
CA ILE B 240 -13.97 36.47 -5.68
C ILE B 240 -12.67 36.87 -5.02
N GLN B 241 -12.05 37.93 -5.50
CA GLN B 241 -10.77 38.33 -4.95
C GLN B 241 -10.95 39.55 -4.02
N VAL B 242 -10.58 39.37 -2.77
CA VAL B 242 -10.54 40.44 -1.79
C VAL B 242 -9.08 40.78 -1.53
N ASN B 243 -8.64 41.97 -1.95
CA ASN B 243 -7.27 42.38 -1.75
C ASN B 243 -6.98 42.79 -0.32
N ALA B 244 -7.99 43.32 0.36
CA ALA B 244 -7.82 43.79 1.73
C ALA B 244 -9.17 43.97 2.39
N ILE B 245 -9.17 43.95 3.72
CA ILE B 245 -10.31 44.43 4.50
C ILE B 245 -9.96 45.78 5.14
N ARG B 246 -10.77 46.79 4.83
CA ARG B 246 -10.55 48.14 5.35
C ARG B 246 -11.42 48.45 6.55
N VAL B 247 -10.80 48.89 7.64
CA VAL B 247 -11.55 49.38 8.78
C VAL B 247 -11.11 50.80 9.09
N ASN B 248 -11.98 51.75 8.78
CA ASN B 248 -11.60 53.15 8.78
C ASN B 248 -10.35 53.35 7.90
N LYS B 249 -9.18 53.70 8.45
CA LYS B 249 -8.02 53.80 7.55
C LYS B 249 -6.95 52.74 7.76
N HIS B 250 -7.37 51.65 8.39
CA HIS B 250 -6.53 50.48 8.58
C HIS B 250 -6.89 49.46 7.52
N LEU B 251 -5.86 48.80 6.99
CA LEU B 251 -5.98 47.72 6.02
C LEU B 251 -5.50 46.39 6.60
N VAL B 252 -6.36 45.38 6.57
CA VAL B 252 -5.94 44.03 6.91
C VAL B 252 -5.71 43.39 5.54
N ILE B 253 -4.46 43.12 5.20
CA ILE B 253 -4.12 42.65 3.84
C ILE B 253 -3.64 41.19 3.75
N PRO B 254 -4.49 40.30 3.24
CA PRO B 254 -4.17 38.87 3.11
C PRO B 254 -3.07 38.55 2.07
N THR B 255 -2.20 37.58 2.33
CA THR B 255 -1.26 37.07 1.31
C THR B 255 -1.64 35.65 0.82
N GLY B 271 -2.96 35.03 -12.46
CA GLY B 271 -3.93 34.03 -12.90
C GLY B 271 -4.24 32.98 -11.87
N GLU B 272 -4.95 33.38 -10.81
CA GLU B 272 -5.27 32.47 -9.71
C GLU B 272 -6.73 32.63 -9.24
N ILE B 273 -7.23 31.65 -8.49
CA ILE B 273 -8.59 31.69 -7.97
C ILE B 273 -8.60 32.76 -6.89
N GLY B 274 -9.71 33.47 -6.76
CA GLY B 274 -9.87 34.47 -5.72
C GLY B 274 -9.70 33.92 -4.31
N GLY B 275 -9.52 34.79 -3.35
CA GLY B 275 -9.26 34.32 -2.03
C GLY B 275 -10.50 34.26 -1.18
N ALA B 276 -11.61 34.81 -1.64
CA ALA B 276 -12.82 34.81 -0.82
C ALA B 276 -13.90 33.90 -1.37
N LEU B 277 -14.27 32.88 -0.60
CA LEU B 277 -15.36 31.99 -0.95
C LEU B 277 -16.71 32.61 -0.69
N ILE B 278 -17.68 32.33 -1.56
CA ILE B 278 -19.06 32.69 -1.27
C ILE B 278 -19.87 31.43 -1.01
N THR B 279 -20.61 31.40 0.09
CA THR B 279 -21.32 30.18 0.46
C THR B 279 -22.62 30.51 1.18
N THR B 280 -23.56 29.58 1.17
CA THR B 280 -24.79 29.78 1.91
C THR B 280 -24.88 28.83 3.08
N THR B 281 -23.84 28.04 3.32
CA THR B 281 -23.99 26.91 4.25
C THR B 281 -23.44 27.12 5.66
N HIS B 282 -23.04 28.36 5.96
CA HIS B 282 -22.88 28.77 7.34
C HIS B 282 -23.35 30.22 7.45
N PRO B 283 -23.94 30.60 8.61
CA PRO B 283 -24.51 31.94 8.69
C PRO B 283 -23.47 33.04 8.70
N TYR B 284 -22.45 32.94 9.53
CA TYR B 284 -21.52 34.04 9.69
C TYR B 284 -20.31 33.94 8.79
N THR B 285 -19.64 35.06 8.58
CA THR B 285 -18.44 35.11 7.76
C THR B 285 -17.31 34.54 8.57
N VAL B 286 -16.58 33.63 7.94
CA VAL B 286 -15.54 32.86 8.60
C VAL B 286 -14.19 33.32 8.12
N LEU B 287 -13.28 33.62 9.04
CA LEU B 287 -11.93 34.05 8.68
C LEU B 287 -10.89 33.03 9.14
N SER B 288 -9.85 32.78 8.34
CA SER B 288 -8.79 31.91 8.81
C SER B 288 -8.16 32.59 9.99
N HIS B 289 -7.52 31.82 10.84
CA HIS B 289 -7.10 32.28 12.17
C HIS B 289 -6.24 33.56 12.24
N SER B 290 -5.21 33.65 11.41
CA SER B 290 -4.33 34.82 11.46
C SER B 290 -5.06 36.08 11.06
N ILE B 291 -5.94 35.95 10.08
CA ILE B 291 -6.75 37.10 9.67
C ILE B 291 -7.73 37.48 10.75
N PHE B 292 -8.40 36.48 11.30
CA PHE B 292 -9.37 36.67 12.38
C PHE B 292 -8.74 37.39 13.53
N GLU B 293 -7.53 36.96 13.89
CA GLU B 293 -6.83 37.55 15.02
C GLU B 293 -6.48 39.00 14.76
N VAL B 294 -5.94 39.28 13.59
CA VAL B 294 -5.52 40.62 13.31
C VAL B 294 -6.72 41.52 13.08
N PHE B 295 -7.70 41.06 12.30
CA PHE B 295 -8.87 41.85 12.01
C PHE B 295 -9.67 42.24 13.25
N THR B 296 -9.91 41.28 14.13
CA THR B 296 -10.75 41.54 15.29
C THR B 296 -10.13 42.57 16.20
N GLN B 297 -8.81 42.56 16.32
CA GLN B 297 -8.12 43.51 17.19
C GLN B 297 -8.19 44.88 16.59
N VAL B 298 -7.92 44.96 15.28
CA VAL B 298 -8.03 46.22 14.56
C VAL B 298 -9.44 46.75 14.76
N PHE B 299 -10.43 45.88 14.73
CA PHE B 299 -11.78 46.34 14.96
C PHE B 299 -11.92 46.86 16.38
N ALA B 300 -11.44 46.09 17.33
CA ALA B 300 -11.57 46.47 18.73
C ALA B 300 -10.90 47.82 18.99
N ASN B 301 -9.82 48.09 18.26
CA ASN B 301 -9.09 49.35 18.37
C ASN B 301 -9.82 50.56 17.80
N ASN B 302 -10.80 50.33 16.95
CA ASN B 302 -11.58 51.42 16.38
C ASN B 302 -12.93 51.54 17.08
N MET B 303 -12.99 51.06 18.31
CA MET B 303 -14.20 51.05 19.11
C MET B 303 -13.88 51.45 20.56
N PRO B 304 -14.89 51.90 21.32
CA PRO B 304 -14.77 52.17 22.75
C PRO B 304 -14.55 50.92 23.57
N LYS B 305 -13.35 50.78 24.14
CA LYS B 305 -12.93 49.58 24.83
C LYS B 305 -13.79 49.34 26.08
N GLN B 306 -14.39 50.42 26.56
CA GLN B 306 -15.21 50.43 27.76
C GLN B 306 -16.64 50.02 27.44
N ALA B 307 -16.87 49.60 26.19
CA ALA B 307 -18.20 49.15 25.82
C ALA B 307 -18.29 47.64 25.66
N GLN B 308 -17.17 46.96 25.79
CA GLN B 308 -17.19 45.52 25.61
C GLN B 308 -17.88 44.82 26.77
N VAL B 309 -18.44 43.67 26.45
CA VAL B 309 -19.11 42.80 27.41
C VAL B 309 -18.61 41.38 27.24
N LYS B 310 -18.99 40.49 28.16
CA LYS B 310 -18.67 39.06 28.07
C LYS B 310 -19.01 38.51 26.69
N ALA B 311 -18.03 37.92 26.03
CA ALA B 311 -18.23 37.37 24.69
C ALA B 311 -19.33 36.34 24.69
N VAL B 312 -20.10 36.30 23.61
CA VAL B 312 -21.25 35.43 23.59
C VAL B 312 -21.32 34.64 22.30
N GLY B 313 -21.74 33.39 22.42
CA GLY B 313 -21.96 32.55 21.27
C GLY B 313 -20.64 32.21 20.63
N PRO B 314 -20.62 32.15 19.30
CA PRO B 314 -19.46 31.87 18.46
C PRO B 314 -18.57 33.09 18.27
N PHE B 315 -18.98 34.22 18.83
CA PHE B 315 -18.30 35.49 18.58
C PHE B 315 -17.16 35.80 19.53
N GLY B 316 -16.20 36.59 19.04
CA GLY B 316 -15.02 36.90 19.82
C GLY B 316 -15.01 38.30 20.38
N LEU B 317 -15.81 39.18 19.80
CA LEU B 317 -15.81 40.58 20.22
C LEU B 317 -17.26 41.11 20.29
N CYS B 318 -17.74 41.31 21.52
CA CYS B 318 -19.10 41.77 21.77
C CYS B 318 -19.18 43.07 22.56
N TYR B 319 -20.27 43.81 22.36
CA TYR B 319 -20.45 45.08 23.03
C TYR B 319 -21.80 45.17 23.69
N ASP B 320 -21.91 46.09 24.64
CA ASP B 320 -23.20 46.43 25.20
C ASP B 320 -23.87 47.27 24.12
N SER B 321 -25.08 46.89 23.74
CA SER B 321 -25.75 47.49 22.59
C SER B 321 -26.05 48.96 22.79
N ARG B 322 -26.25 49.37 24.04
CA ARG B 322 -26.63 50.75 24.35
C ARG B 322 -25.48 51.74 24.09
N LYS B 323 -24.24 51.33 24.33
CA LYS B 323 -23.16 52.22 23.94
C LYS B 323 -23.07 51.90 22.43
N ILE B 324 -21.97 52.18 21.76
CA ILE B 324 -21.80 51.76 20.36
C ILE B 324 -22.81 52.35 19.37
N SER B 325 -24.05 52.54 19.82
CA SER B 325 -25.10 53.06 18.95
C SER B 325 -24.58 54.19 18.08
N GLY B 326 -24.45 53.91 16.79
CA GLY B 326 -23.94 54.88 15.84
C GLY B 326 -22.46 55.09 16.01
N GLY B 327 -21.75 54.05 16.46
CA GLY B 327 -20.33 54.16 16.72
C GLY B 327 -19.49 53.07 16.08
N ALA B 328 -20.07 52.33 15.14
CA ALA B 328 -19.34 51.29 14.41
C ALA B 328 -18.60 51.90 13.24
N PRO B 329 -17.40 51.40 12.95
CA PRO B 329 -16.59 51.97 11.87
C PRO B 329 -16.95 51.45 10.48
N SER B 330 -16.46 52.15 9.45
CA SER B 330 -16.51 51.68 8.07
C SER B 330 -15.80 50.36 7.93
N VAL B 331 -16.50 49.32 7.48
CA VAL B 331 -15.89 48.04 7.13
C VAL B 331 -16.13 47.71 5.66
N ASP B 332 -15.06 47.71 4.85
CA ASP B 332 -15.16 47.53 3.40
C ASP B 332 -14.24 46.41 2.87
N LEU B 333 -14.72 45.62 1.92
CA LEU B 333 -13.87 44.68 1.20
C LEU B 333 -13.28 45.35 -0.02
N ILE B 334 -11.97 45.41 -0.09
CA ILE B 334 -11.33 45.96 -1.25
C ILE B 334 -11.15 44.84 -2.21
N LEU B 335 -11.74 44.97 -3.39
CA LEU B 335 -11.85 43.82 -4.29
C LEU B 335 -10.78 43.81 -5.35
N ASP B 336 -10.85 42.78 -6.20
CA ASP B 336 -9.82 42.46 -7.17
C ASP B 336 -9.29 43.71 -7.81
N LYS B 337 -7.98 43.86 -7.71
CA LYS B 337 -7.26 44.92 -8.39
C LYS B 337 -7.64 46.33 -7.91
N ASN B 338 -8.26 46.43 -6.73
CA ASN B 338 -8.79 47.69 -6.17
C ASN B 338 -9.71 48.47 -7.09
N ASP B 339 -10.37 47.77 -8.00
CA ASP B 339 -11.28 48.40 -8.93
C ASP B 339 -12.62 48.64 -8.29
N ALA B 340 -12.89 47.91 -7.22
CA ALA B 340 -14.21 47.93 -6.62
C ALA B 340 -14.11 47.78 -5.12
N VAL B 341 -15.20 48.09 -4.44
CA VAL B 341 -15.30 48.03 -2.99
C VAL B 341 -16.62 47.40 -2.60
N TRP B 342 -16.64 46.45 -1.69
CA TRP B 342 -17.91 46.02 -1.17
C TRP B 342 -18.05 46.58 0.23
N ARG B 343 -18.76 47.70 0.38
CA ARG B 343 -18.93 48.33 1.67
C ARG B 343 -19.89 47.47 2.46
N ILE B 344 -19.57 47.17 3.71
CA ILE B 344 -20.45 46.35 4.54
C ILE B 344 -21.07 47.13 5.65
N SER B 345 -22.40 47.13 5.68
CA SER B 345 -23.14 47.88 6.67
C SER B 345 -23.00 47.36 8.09
N SER B 346 -22.98 48.28 9.05
CA SER B 346 -22.86 47.90 10.46
C SER B 346 -24.15 47.24 10.95
N GLU B 347 -25.20 47.26 10.13
CA GLU B 347 -26.44 46.58 10.51
C GLU B 347 -26.37 45.17 10.05
N ASN B 348 -25.42 44.92 9.17
CA ASN B 348 -25.09 43.60 8.73
C ASN B 348 -23.97 42.97 9.54
N PHE B 349 -22.88 43.70 9.81
CA PHE B 349 -21.75 43.06 10.45
C PHE B 349 -21.82 43.07 11.98
N MET B 350 -22.78 43.81 12.56
CA MET B 350 -23.03 43.72 13.99
C MET B 350 -24.20 42.77 14.22
N VAL B 351 -23.99 41.79 15.08
CA VAL B 351 -25.00 40.77 15.37
C VAL B 351 -25.55 40.97 16.77
N GLN B 352 -26.83 40.73 16.97
CA GLN B 352 -27.44 40.91 18.28
C GLN B 352 -27.51 39.60 19.02
N ALA B 353 -26.35 39.07 19.35
CA ALA B 353 -26.23 37.86 20.15
C ALA B 353 -27.26 37.71 21.26
N GLN B 354 -27.43 38.73 22.08
CA GLN B 354 -28.36 38.61 23.21
C GLN B 354 -29.13 39.88 23.41
N ASP B 355 -30.13 39.79 24.28
CA ASP B 355 -30.79 40.97 24.82
C ASP B 355 -29.76 42.02 25.24
N GLY B 356 -29.65 43.06 24.42
CA GLY B 356 -28.72 44.15 24.66
C GLY B 356 -27.25 43.81 24.51
N VAL B 357 -26.91 42.79 23.74
CA VAL B 357 -25.51 42.50 23.46
C VAL B 357 -25.27 42.44 21.95
N SER B 358 -24.35 43.28 21.48
CA SER B 358 -24.10 43.38 20.06
C SER B 358 -22.68 42.95 19.67
N CYS B 359 -22.58 41.93 18.84
CA CYS B 359 -21.31 41.26 18.56
C CYS B 359 -20.79 41.47 17.16
N LEU B 360 -19.48 41.50 17.02
CA LEU B 360 -18.86 41.54 15.70
C LEU B 360 -19.00 40.20 14.99
N GLY B 361 -19.78 40.18 13.90
CA GLY B 361 -20.22 38.95 13.26
C GLY B 361 -19.21 38.27 12.34
N PHE B 362 -17.99 38.08 12.82
CA PHE B 362 -16.99 37.30 12.11
C PHE B 362 -16.46 36.21 13.01
N VAL B 363 -16.28 35.00 12.49
CA VAL B 363 -15.87 33.89 13.33
C VAL B 363 -14.58 33.27 12.83
N ASP B 364 -13.81 32.71 13.76
CA ASP B 364 -12.48 32.11 13.50
C ASP B 364 -12.62 30.75 12.84
N GLY B 365 -12.09 30.61 11.64
CA GLY B 365 -12.13 29.34 10.95
C GLY B 365 -11.02 28.39 11.34
N GLY B 366 -10.13 28.85 12.20
CA GLY B 366 -9.02 28.03 12.63
C GLY B 366 -7.90 28.15 11.62
N VAL B 367 -6.91 27.29 11.77
CA VAL B 367 -5.68 27.37 11.00
C VAL B 367 -5.69 26.55 9.72
N HIS B 368 -6.66 25.67 9.59
CA HIS B 368 -6.82 24.85 8.38
C HIS B 368 -8.13 25.13 7.67
N ALA B 369 -8.50 26.40 7.64
CA ALA B 369 -9.73 26.85 7.00
C ALA B 369 -9.71 26.62 5.51
N ARG B 370 -10.89 26.47 4.92
CA ARG B 370 -11.03 26.19 3.50
C ARG B 370 -10.48 27.39 2.71
N ALA B 371 -10.82 28.60 3.16
CA ALA B 371 -10.33 29.82 2.53
C ALA B 371 -9.96 30.85 3.59
N GLY B 372 -9.20 31.87 3.21
CA GLY B 372 -8.88 32.92 4.17
C GLY B 372 -10.13 33.63 4.62
N ILE B 373 -11.05 33.86 3.68
CA ILE B 373 -12.35 34.48 3.91
C ILE B 373 -13.47 33.69 3.31
N ALA B 374 -14.50 33.37 4.08
CA ALA B 374 -15.69 32.74 3.54
C ALA B 374 -16.93 33.56 3.88
N LEU B 375 -17.47 34.27 2.90
CA LEU B 375 -18.65 35.10 3.07
C LEU B 375 -19.87 34.22 3.09
N GLY B 376 -20.68 34.32 4.13
CA GLY B 376 -21.76 33.37 4.36
C GLY B 376 -23.13 33.93 4.17
N ALA B 377 -24.15 33.26 4.69
CA ALA B 377 -25.53 33.67 4.43
C ALA B 377 -25.81 35.07 5.00
N HIS B 378 -25.26 35.39 6.16
CA HIS B 378 -25.53 36.66 6.80
C HIS B 378 -25.01 37.82 5.96
N HIS B 379 -23.87 37.62 5.34
CA HIS B 379 -23.30 38.63 4.45
C HIS B 379 -24.20 38.94 3.25
N LEU B 380 -24.78 37.88 2.66
CA LEU B 380 -25.61 37.92 1.45
C LEU B 380 -27.00 38.47 1.69
N GLU B 381 -27.50 38.30 2.91
CA GLU B 381 -28.85 38.69 3.24
C GLU B 381 -29.08 40.17 3.04
N GLU B 382 -30.24 40.49 2.44
CA GLU B 382 -30.69 41.84 2.08
C GLU B 382 -29.80 42.54 1.07
N ASN B 383 -29.10 41.75 0.27
CA ASN B 383 -28.37 42.24 -0.87
C ASN B 383 -28.80 41.49 -2.09
N LEU B 384 -28.81 42.16 -3.23
CA LEU B 384 -29.04 41.45 -4.46
C LEU B 384 -27.71 41.08 -5.08
N VAL B 385 -27.45 39.78 -5.23
CA VAL B 385 -26.17 39.29 -5.73
C VAL B 385 -26.34 38.48 -7.03
N VAL B 386 -25.80 39.01 -8.13
CA VAL B 386 -25.99 38.43 -9.47
C VAL B 386 -24.80 37.64 -9.92
N PHE B 387 -25.04 36.37 -10.18
CA PHE B 387 -24.04 35.47 -10.69
C PHE B 387 -24.13 35.38 -12.20
N ASP B 388 -23.29 36.19 -12.84
CA ASP B 388 -23.26 36.33 -14.28
C ASP B 388 -22.25 35.34 -14.86
N LEU B 389 -22.71 34.14 -15.21
CA LEU B 389 -21.78 33.11 -15.66
C LEU B 389 -21.28 33.31 -17.09
N GLU B 390 -22.03 34.02 -17.91
CA GLU B 390 -21.61 34.23 -19.30
C GLU B 390 -20.40 35.15 -19.40
N ARG B 391 -20.27 36.06 -18.44
CA ARG B 391 -19.15 37.00 -18.43
C ARG B 391 -18.19 36.72 -17.25
N SER B 392 -18.49 35.67 -16.48
CA SER B 392 -17.69 35.25 -15.35
C SER B 392 -17.45 36.37 -14.34
N ARG B 393 -18.53 36.93 -13.82
CA ARG B 393 -18.44 38.03 -12.88
C ARG B 393 -19.60 37.97 -11.92
N VAL B 394 -19.42 38.59 -10.76
CA VAL B 394 -20.49 38.74 -9.78
C VAL B 394 -20.83 40.24 -9.60
N GLY B 395 -22.12 40.60 -9.57
CA GLY B 395 -22.59 41.95 -9.32
C GLY B 395 -23.37 42.08 -8.02
N PHE B 396 -23.34 43.24 -7.36
CA PHE B 396 -24.07 43.43 -6.10
C PHE B 396 -24.55 44.88 -5.97
N ASN B 397 -25.54 45.14 -5.10
CA ASN B 397 -26.02 46.50 -4.94
C ASN B 397 -24.94 47.37 -4.29
N SER B 398 -24.72 48.55 -4.86
CA SER B 398 -23.69 49.45 -4.37
C SER B 398 -24.20 50.35 -3.27
N ASN B 399 -25.52 50.40 -3.10
CA ASN B 399 -26.07 51.05 -1.94
C ASN B 399 -26.98 50.04 -1.30
N SER B 400 -27.28 50.21 -0.02
CA SER B 400 -28.12 49.26 0.68
C SER B 400 -29.49 49.22 0.02
N LEU B 401 -30.15 48.07 0.04
CA LEU B 401 -31.50 47.98 -0.48
C LEU B 401 -32.39 48.95 0.25
N LYS B 402 -32.18 49.11 1.56
CA LYS B 402 -33.06 49.96 2.34
C LYS B 402 -33.03 51.40 1.89
N SER B 403 -31.88 51.83 1.36
CA SER B 403 -31.77 53.20 0.84
C SER B 403 -32.61 53.42 -0.42
N TYR B 404 -33.07 52.33 -1.03
CA TYR B 404 -33.99 52.41 -2.16
C TYR B 404 -35.42 52.25 -1.66
N GLY B 405 -35.56 52.02 -0.36
CA GLY B 405 -36.85 51.73 0.24
C GLY B 405 -37.31 50.29 -0.01
N LYS B 406 -36.36 49.42 -0.32
CA LYS B 406 -36.63 48.05 -0.72
C LYS B 406 -36.06 47.03 0.26
N THR B 407 -36.55 45.80 0.16
CA THR B 407 -36.02 44.68 0.89
C THR B 407 -35.89 43.48 -0.07
N CYS B 408 -35.21 42.42 0.34
CA CYS B 408 -35.15 41.24 -0.53
C CYS B 408 -36.51 40.53 -0.65
N SER B 409 -37.39 40.77 0.30
CA SER B 409 -38.72 40.18 0.23
C SER B 409 -39.66 40.94 -0.71
N ASN B 410 -39.49 42.26 -0.89
CA ASN B 410 -40.40 43.02 -1.75
C ASN B 410 -39.77 43.61 -3.03
N LEU B 411 -38.53 43.27 -3.30
CA LEU B 411 -37.88 43.69 -4.55
C LEU B 411 -38.63 43.13 -5.73
N PHE B 412 -39.07 41.88 -5.57
CA PHE B 412 -39.86 41.17 -6.59
C PHE B 412 -41.15 40.71 -5.95
N ASP B 413 -42.16 40.53 -6.78
CA ASP B 413 -43.43 40.02 -6.31
C ASP B 413 -43.28 38.51 -6.11
N LEU B 414 -43.35 38.08 -4.85
CA LEU B 414 -43.24 36.67 -4.54
C LEU B 414 -44.58 36.08 -4.04
N ASN B 415 -45.72 36.76 -4.26
CA ASN B 415 -47.01 36.16 -3.90
C ASN B 415 -47.44 35.23 -5.02
N ASN B 416 -47.75 34.00 -4.63
CA ASN B 416 -48.14 32.93 -5.54
C ASN B 416 -49.34 33.25 -6.44
N LYS C 11 -37.42 30.85 -30.77
CA LYS C 11 -36.54 29.69 -30.60
C LYS C 11 -36.98 28.45 -31.42
N PRO C 12 -36.12 28.03 -32.38
CA PRO C 12 -36.40 26.90 -33.25
C PRO C 12 -36.32 25.60 -32.46
N ASN C 13 -37.06 24.57 -32.86
CA ASN C 13 -37.06 23.31 -32.14
C ASN C 13 -36.22 22.31 -32.85
N LEU C 14 -35.69 22.72 -33.98
CA LEU C 14 -34.92 21.78 -34.78
C LEU C 14 -33.92 22.51 -35.60
N LEU C 15 -32.69 22.00 -35.54
CA LEU C 15 -31.54 22.55 -36.24
C LEU C 15 -30.95 21.48 -37.15
N VAL C 16 -30.36 21.92 -38.24
CA VAL C 16 -29.90 20.99 -39.25
C VAL C 16 -28.50 21.38 -39.71
N LEU C 17 -27.63 20.38 -39.75
CA LEU C 17 -26.27 20.55 -40.24
C LEU C 17 -25.99 19.61 -41.39
N PRO C 18 -25.84 20.14 -42.60
CA PRO C 18 -25.47 19.27 -43.72
C PRO C 18 -24.02 18.81 -43.62
N VAL C 19 -23.76 17.56 -43.95
CA VAL C 19 -22.42 17.00 -43.88
C VAL C 19 -22.14 16.35 -45.22
N GLN C 20 -20.85 16.21 -45.57
CA GLN C 20 -20.48 15.62 -46.85
C GLN C 20 -19.42 14.51 -46.74
N GLU C 21 -19.53 13.48 -47.57
CA GLU C 21 -18.51 12.44 -47.64
C GLU C 21 -17.31 12.84 -48.49
N ASP C 22 -16.11 12.52 -48.02
CA ASP C 22 -14.89 12.71 -48.80
C ASP C 22 -14.50 11.41 -49.49
N ALA C 23 -14.50 11.42 -50.81
CA ALA C 23 -14.32 10.19 -51.58
C ALA C 23 -12.97 9.60 -51.28
N SER C 24 -12.00 10.50 -51.20
CA SER C 24 -10.63 10.13 -50.99
C SER C 24 -10.43 9.39 -49.66
N THR C 25 -10.95 9.96 -48.58
CA THR C 25 -10.70 9.45 -47.23
C THR C 25 -11.82 8.55 -46.69
N GLY C 26 -13.01 8.65 -47.27
CA GLY C 26 -14.12 7.86 -46.78
C GLY C 26 -14.69 8.49 -45.53
N LEU C 27 -14.18 9.68 -45.19
CA LEU C 27 -14.62 10.43 -44.02
C LEU C 27 -15.61 11.50 -44.40
N HIS C 28 -16.26 12.02 -43.37
CA HIS C 28 -17.28 13.04 -43.53
C HIS C 28 -16.90 14.35 -42.86
N TRP C 29 -17.36 15.44 -43.46
CA TRP C 29 -17.03 16.77 -42.99
C TRP C 29 -18.22 17.73 -43.16
N ALA C 30 -18.17 18.86 -42.46
CA ALA C 30 -19.19 19.91 -42.57
C ALA C 30 -18.57 21.30 -42.58
N ASN C 31 -19.19 22.24 -43.30
CA ASN C 31 -18.89 23.67 -43.17
C ASN C 31 -19.63 24.26 -41.97
N ILE C 32 -18.89 24.74 -40.99
CA ILE C 32 -19.48 25.36 -39.81
C ILE C 32 -19.36 26.87 -39.94
N HIS C 33 -20.45 27.58 -39.65
CA HIS C 33 -20.42 29.04 -39.69
C HIS C 33 -20.04 29.60 -38.35
N LYS C 34 -18.98 30.40 -38.34
CA LYS C 34 -18.41 30.95 -37.13
C LYS C 34 -17.99 32.41 -37.30
N ARG C 35 -17.77 33.11 -36.18
CA ARG C 35 -17.13 34.45 -36.14
C ARG C 35 -18.03 35.59 -36.56
N THR C 36 -17.52 36.81 -36.34
CA THR C 36 -18.16 38.00 -36.83
C THR C 36 -17.16 38.83 -37.62
N PRO C 37 -17.39 39.00 -38.93
CA PRO C 37 -18.51 38.50 -39.73
C PRO C 37 -18.48 36.98 -39.90
N LEU C 38 -19.66 36.42 -40.12
CA LEU C 38 -19.85 34.99 -40.20
C LEU C 38 -19.06 34.46 -41.37
N MET C 39 -18.43 33.31 -41.19
CA MET C 39 -17.73 32.68 -42.31
C MET C 39 -17.77 31.16 -42.16
N GLN C 40 -17.27 30.42 -43.15
CA GLN C 40 -17.34 28.96 -43.11
C GLN C 40 -15.99 28.28 -42.80
N VAL C 41 -16.06 27.34 -41.86
CA VAL C 41 -14.90 26.55 -41.48
C VAL C 41 -15.17 25.11 -41.77
N PRO C 42 -14.40 24.50 -42.68
CA PRO C 42 -14.57 23.06 -42.95
C PRO C 42 -13.96 22.17 -41.84
N LEU C 43 -14.78 21.34 -41.21
CA LEU C 43 -14.35 20.56 -40.04
C LEU C 43 -14.74 19.09 -40.16
N LEU C 44 -13.90 18.19 -39.66
CA LEU C 44 -14.21 16.76 -39.66
C LEU C 44 -15.33 16.39 -38.72
N LEU C 45 -16.20 15.50 -39.18
CA LEU C 45 -17.24 14.95 -38.31
C LEU C 45 -16.67 13.85 -37.43
N ASP C 46 -16.63 14.10 -36.13
CA ASP C 46 -16.09 13.17 -35.15
C ASP C 46 -17.16 12.88 -34.12
N LEU C 47 -17.91 11.80 -34.33
CA LEU C 47 -19.04 11.49 -33.45
C LEU C 47 -18.67 11.44 -31.97
N ASN C 48 -17.51 10.86 -31.64
CA ASN C 48 -17.11 10.69 -30.25
C ASN C 48 -16.23 11.80 -29.70
N GLY C 49 -15.96 12.82 -30.50
CA GLY C 49 -15.10 13.91 -30.06
C GLY C 49 -15.64 14.73 -28.90
N LYS C 50 -14.79 15.12 -27.97
CA LYS C 50 -15.26 15.81 -26.78
C LYS C 50 -15.60 17.28 -26.97
N HIS C 51 -15.05 17.89 -28.01
CA HIS C 51 -15.30 19.28 -28.34
C HIS C 51 -15.00 19.59 -29.80
N LEU C 52 -15.38 20.78 -30.21
CA LEU C 52 -15.01 21.30 -31.52
C LEU C 52 -13.66 21.92 -31.38
N TRP C 53 -12.77 21.60 -32.30
CA TRP C 53 -11.51 22.29 -32.29
C TRP C 53 -11.14 22.73 -33.69
N VAL C 54 -10.44 23.85 -33.73
CA VAL C 54 -10.01 24.41 -34.99
C VAL C 54 -8.62 25.01 -34.79
N THR C 55 -7.81 25.01 -35.83
CA THR C 55 -6.51 25.66 -35.83
C THR C 55 -6.62 27.19 -35.90
N CYS C 56 -5.94 27.88 -34.98
CA CYS C 56 -6.01 29.34 -34.90
C CYS C 56 -4.68 30.04 -35.29
N SER C 57 -4.67 30.80 -36.37
CA SER C 57 -3.43 31.46 -36.74
C SER C 57 -3.59 32.94 -36.43
N GLN C 58 -2.60 33.73 -36.80
CA GLN C 58 -2.68 35.19 -36.70
C GLN C 58 -3.82 35.78 -37.52
N HIS C 59 -4.23 35.06 -38.57
CA HIS C 59 -5.24 35.58 -39.48
C HIS C 59 -6.64 35.11 -39.15
N TYR C 60 -6.85 34.79 -37.88
CA TYR C 60 -8.17 34.61 -37.32
C TYR C 60 -8.74 36.03 -37.20
N SER C 61 -9.85 36.28 -37.89
CA SER C 61 -10.49 37.59 -37.80
C SER C 61 -11.90 37.47 -37.24
N SER C 62 -12.15 38.16 -36.12
CA SER C 62 -13.47 38.16 -35.53
C SER C 62 -13.63 39.22 -34.49
N SER C 63 -14.74 39.95 -34.56
CA SER C 63 -15.03 40.98 -33.58
C SER C 63 -15.72 40.41 -32.35
N THR C 64 -15.96 39.09 -32.34
CA THR C 64 -16.63 38.49 -31.18
C THR C 64 -15.75 37.44 -30.49
N TYR C 65 -14.51 37.35 -30.89
CA TYR C 65 -13.65 36.37 -30.30
C TYR C 65 -13.18 36.79 -28.91
N GLN C 66 -13.15 35.86 -27.96
CA GLN C 66 -12.56 36.02 -26.63
C GLN C 66 -11.86 34.76 -26.18
N ALA C 67 -10.81 34.89 -25.38
CA ALA C 67 -10.20 33.74 -24.69
C ALA C 67 -10.49 33.77 -23.19
N PRO C 68 -11.35 32.86 -22.67
CA PRO C 68 -11.63 32.93 -21.22
C PRO C 68 -10.38 32.86 -20.32
N PHE C 69 -10.41 33.58 -19.20
CA PHE C 69 -9.25 33.60 -18.31
C PHE C 69 -9.28 32.34 -17.45
N CYS C 70 -8.12 31.97 -16.95
CA CYS C 70 -8.00 30.78 -16.15
C CYS C 70 -8.89 30.91 -14.93
N HIS C 71 -9.55 29.81 -14.57
CA HIS C 71 -10.46 29.71 -13.42
C HIS C 71 -11.76 30.42 -13.61
N SER C 72 -12.05 30.84 -14.84
CA SER C 72 -13.33 31.45 -15.16
C SER C 72 -14.45 30.42 -15.20
N THR C 73 -15.68 30.91 -15.23
CA THR C 73 -16.84 30.05 -15.36
C THR C 73 -16.82 29.32 -16.69
N GLN C 74 -16.26 29.93 -17.72
CA GLN C 74 -16.11 29.22 -19.01
C GLN C 74 -15.16 28.04 -18.90
N CYS C 75 -14.05 28.20 -18.19
CA CYS C 75 -13.10 27.10 -18.01
C CYS C 75 -13.70 25.97 -17.17
N SER C 76 -14.49 26.36 -16.17
CA SER C 76 -15.20 25.39 -15.35
C SER C 76 -16.12 24.54 -16.19
N ARG C 77 -16.93 25.18 -17.02
CA ARG C 77 -17.88 24.47 -17.87
C ARG C 77 -17.21 23.49 -18.85
N ALA C 78 -16.07 23.90 -19.39
CA ALA C 78 -15.29 23.07 -20.31
C ALA C 78 -14.52 21.98 -19.61
N ASN C 79 -14.51 22.02 -18.28
CA ASN C 79 -13.82 21.05 -17.43
C ASN C 79 -12.29 21.09 -17.57
N THR C 80 -11.74 22.30 -17.64
CA THR C 80 -10.30 22.49 -17.60
C THR C 80 -9.89 23.52 -16.58
N HIS C 81 -9.01 23.12 -15.67
CA HIS C 81 -8.47 24.03 -14.66
C HIS C 81 -6.98 24.13 -14.77
N GLN C 82 -6.47 23.75 -15.94
CA GLN C 82 -5.06 23.89 -16.25
C GLN C 82 -4.88 25.18 -17.01
N CYS C 83 -4.03 26.05 -16.51
CA CYS C 83 -3.83 27.34 -17.14
C CYS C 83 -2.94 27.18 -18.36
N PHE C 84 -3.13 28.07 -19.33
CA PHE C 84 -2.44 28.01 -20.59
C PHE C 84 -1.40 29.11 -20.62
N THR C 85 -0.22 28.80 -21.17
CA THR C 85 0.83 29.77 -21.40
C THR C 85 1.32 29.72 -22.85
N CYS C 86 1.27 30.82 -23.58
CA CYS C 86 1.68 30.71 -24.98
C CYS C 86 3.17 30.78 -25.06
N THR C 87 3.73 29.72 -25.61
CA THR C 87 5.17 29.54 -25.68
C THR C 87 5.63 29.71 -27.10
N ASP C 88 4.72 30.17 -27.94
CA ASP C 88 5.09 30.43 -29.30
C ASP C 88 5.26 31.89 -29.57
N SER C 89 4.24 32.49 -30.18
CA SER C 89 4.29 33.89 -30.53
C SER C 89 4.82 34.68 -29.35
N THR C 90 5.66 35.65 -29.66
CA THR C 90 6.19 36.58 -28.67
C THR C 90 5.11 37.55 -28.24
N THR C 91 4.11 37.71 -29.09
CA THR C 91 2.95 38.53 -28.81
C THR C 91 1.68 37.71 -28.88
N THR C 92 0.62 38.26 -28.32
CA THR C 92 -0.63 37.55 -28.25
C THR C 92 -1.35 37.56 -29.59
N ARG C 93 -2.16 36.54 -29.77
CA ARG C 93 -2.97 36.35 -30.95
C ARG C 93 -4.00 35.31 -30.58
N PRO C 94 -5.03 35.12 -31.41
CA PRO C 94 -5.96 34.04 -31.10
C PRO C 94 -5.25 32.69 -30.97
N GLY C 95 -5.48 32.01 -29.87
CA GLY C 95 -4.82 30.75 -29.62
C GLY C 95 -3.55 30.91 -28.80
N CYS C 96 -3.11 32.15 -28.63
CA CYS C 96 -1.86 32.45 -27.89
C CYS C 96 -2.02 33.60 -26.89
N HIS C 97 -2.27 33.21 -25.64
CA HIS C 97 -2.27 34.11 -24.51
C HIS C 97 -1.63 33.49 -23.28
N ASN C 98 -1.43 34.30 -22.25
CA ASN C 98 -1.05 33.82 -20.93
C ASN C 98 -2.24 33.97 -19.97
N ASN C 99 -2.27 33.19 -18.91
CA ASN C 99 -3.43 33.16 -18.02
C ASN C 99 -4.74 32.75 -18.68
N THR C 100 -4.68 31.87 -19.66
CA THR C 100 -5.88 31.32 -20.22
C THR C 100 -6.00 29.87 -19.76
N CYS C 101 -6.89 29.07 -20.34
CA CYS C 101 -6.87 27.64 -19.98
C CYS C 101 -6.62 26.74 -21.17
N GLY C 102 -5.94 25.65 -20.85
CA GLY C 102 -5.46 24.70 -21.80
C GLY C 102 -6.45 23.58 -21.88
N LEU C 103 -6.60 23.10 -23.10
CA LEU C 103 -7.57 22.08 -23.43
C LEU C 103 -6.87 21.09 -24.37
N LEU C 104 -6.90 19.79 -24.04
CA LEU C 104 -6.27 18.80 -24.90
C LEU C 104 -7.20 18.38 -26.07
N SER C 105 -6.75 18.57 -27.30
CA SER C 105 -7.50 18.21 -28.52
C SER C 105 -6.89 17.05 -29.26
N SER C 106 -7.71 16.21 -29.89
CA SER C 106 -7.21 15.03 -30.61
C SER C 106 -7.56 14.92 -32.06
N ASN C 107 -6.57 14.55 -32.84
CA ASN C 107 -6.77 14.11 -34.20
C ASN C 107 -7.14 12.63 -34.13
N PRO C 108 -8.41 12.29 -34.39
CA PRO C 108 -8.91 10.92 -34.18
C PRO C 108 -8.39 9.98 -35.26
N VAL C 109 -7.88 10.53 -36.34
CA VAL C 109 -7.35 9.73 -37.41
C VAL C 109 -5.93 9.29 -37.09
N THR C 110 -5.09 10.26 -36.74
CA THR C 110 -3.68 10.00 -36.50
C THR C 110 -3.42 9.68 -35.06
N GLN C 111 -4.41 9.97 -34.22
CA GLN C 111 -4.31 9.80 -32.78
C GLN C 111 -3.32 10.76 -32.10
N GLU C 112 -2.83 11.75 -32.85
CA GLU C 112 -2.07 12.83 -32.25
C GLU C 112 -2.97 13.68 -31.34
N SER C 113 -2.41 14.22 -30.26
CA SER C 113 -3.12 15.23 -29.50
C SER C 113 -2.16 16.36 -29.18
N GLY C 114 -2.72 17.53 -28.88
CA GLY C 114 -1.93 18.71 -28.63
C GLY C 114 -2.69 19.64 -27.72
N LEU C 115 -1.98 20.47 -26.97
CA LEU C 115 -2.63 21.35 -26.01
C LEU C 115 -3.09 22.63 -26.70
N GLY C 116 -4.40 22.84 -26.73
CA GLY C 116 -4.98 24.05 -27.30
C GLY C 116 -5.43 25.03 -26.25
N GLU C 117 -5.96 26.16 -26.69
CA GLU C 117 -6.43 27.16 -25.77
C GLU C 117 -7.94 27.27 -25.87
N LEU C 118 -8.63 27.28 -24.74
CA LEU C 118 -10.07 27.47 -24.77
C LEU C 118 -10.40 28.81 -25.42
N ALA C 119 -11.43 28.80 -26.26
CA ALA C 119 -11.84 29.97 -27.03
C ALA C 119 -13.35 30.20 -26.97
N GLN C 120 -13.79 31.43 -27.28
CA GLN C 120 -15.22 31.76 -27.30
C GLN C 120 -15.53 32.67 -28.51
N ASP C 121 -16.54 32.33 -29.31
CA ASP C 121 -16.92 33.13 -30.47
C ASP C 121 -18.33 32.73 -30.95
N VAL C 122 -18.86 33.38 -31.99
CA VAL C 122 -20.15 33.04 -32.58
C VAL C 122 -20.11 31.77 -33.39
N LEU C 123 -21.07 30.88 -33.17
CA LEU C 123 -21.34 29.78 -34.09
C LEU C 123 -22.76 29.92 -34.59
N ALA C 124 -22.99 29.66 -35.88
CA ALA C 124 -24.33 29.68 -36.46
C ALA C 124 -24.71 28.36 -37.13
N ILE C 125 -26.02 28.10 -37.19
CA ILE C 125 -26.54 26.88 -37.75
C ILE C 125 -27.95 27.09 -38.29
N HIS C 126 -28.33 26.36 -39.32
CA HIS C 126 -29.66 26.52 -39.90
C HIS C 126 -30.77 26.09 -38.97
N SER C 127 -31.83 26.87 -38.94
CA SER C 127 -33.08 26.40 -38.37
C SER C 127 -33.87 25.80 -39.52
N THR C 128 -35.16 25.55 -39.32
CA THR C 128 -36.00 25.12 -40.42
C THR C 128 -37.15 26.10 -40.57
N HIS C 129 -37.71 26.17 -41.76
CA HIS C 129 -38.89 27.00 -42.01
C HIS C 129 -39.84 26.19 -42.86
N GLY C 130 -40.89 25.68 -42.24
CA GLY C 130 -41.77 24.74 -42.91
C GLY C 130 -41.01 23.46 -43.26
N SER C 131 -41.04 23.10 -44.55
CA SER C 131 -40.37 21.90 -45.03
C SER C 131 -38.95 22.15 -45.58
N LYS C 132 -38.48 23.39 -45.53
CA LYS C 132 -37.16 23.73 -46.06
C LYS C 132 -36.23 24.11 -44.92
N LEU C 133 -34.95 24.30 -45.21
CA LEU C 133 -34.06 24.95 -44.26
C LEU C 133 -34.44 26.43 -44.01
N GLY C 134 -34.36 26.88 -42.77
CA GLY C 134 -34.67 28.25 -42.44
C GLY C 134 -33.43 29.08 -42.13
N PRO C 135 -33.63 30.29 -41.57
CA PRO C 135 -32.50 31.19 -41.30
C PRO C 135 -31.46 30.64 -40.30
N MET C 136 -30.22 31.10 -40.45
CA MET C 136 -29.20 30.74 -39.49
C MET C 136 -29.57 31.33 -38.15
N VAL C 137 -29.29 30.57 -37.09
CA VAL C 137 -29.40 31.03 -35.71
C VAL C 137 -28.03 30.92 -35.06
N LYS C 138 -27.75 31.79 -34.08
CA LYS C 138 -26.41 31.87 -33.47
C LYS C 138 -26.33 31.42 -32.01
N VAL C 139 -25.20 30.81 -31.68
CA VAL C 139 -24.75 30.69 -30.29
C VAL C 139 -23.63 31.68 -30.16
N PRO C 140 -23.89 32.84 -29.54
CA PRO C 140 -22.91 33.92 -29.54
C PRO C 140 -21.67 33.66 -28.67
N GLN C 141 -21.80 32.82 -27.64
CA GLN C 141 -20.64 32.47 -26.83
C GLN C 141 -20.35 31.00 -26.90
N PHE C 142 -20.14 30.50 -28.11
CA PHE C 142 -19.84 29.09 -28.33
C PHE C 142 -18.39 28.80 -27.88
N LEU C 143 -18.21 27.78 -27.06
CA LEU C 143 -16.90 27.36 -26.56
C LEU C 143 -16.26 26.25 -27.37
N PHE C 144 -14.97 26.42 -27.67
CA PHE C 144 -14.23 25.48 -28.50
C PHE C 144 -12.74 25.64 -28.22
N SER C 145 -11.92 24.86 -28.90
CA SER C 145 -10.49 24.93 -28.69
C SER C 145 -9.77 25.46 -29.92
N CYS C 146 -8.86 26.42 -29.71
CA CYS C 146 -7.91 26.82 -30.70
C CYS C 146 -6.75 25.88 -30.57
N ALA C 147 -6.63 24.93 -31.49
CA ALA C 147 -5.63 23.88 -31.37
C ALA C 147 -4.30 24.24 -32.07
N PRO C 148 -3.21 23.57 -31.67
CA PRO C 148 -1.94 23.78 -32.37
C PRO C 148 -2.09 23.37 -33.82
N SER C 149 -1.50 24.14 -34.71
CA SER C 149 -1.65 23.95 -36.15
C SER C 149 -1.25 22.55 -36.65
N PHE C 150 -0.24 21.95 -36.03
CA PHE C 150 0.26 20.66 -36.51
C PHE C 150 -0.78 19.58 -36.44
N LEU C 151 -1.74 19.76 -35.56
CA LEU C 151 -2.62 18.66 -35.19
C LEU C 151 -3.50 18.28 -36.39
N ALA C 152 -3.80 19.26 -37.22
CA ALA C 152 -4.68 19.03 -38.36
C ALA C 152 -3.87 18.80 -39.64
N GLN C 153 -2.56 18.74 -39.51
CA GLN C 153 -1.75 18.67 -40.71
C GLN C 153 -1.70 17.28 -41.31
N LYS C 154 -2.20 16.28 -40.59
CA LYS C 154 -2.12 14.92 -41.10
C LYS C 154 -3.41 14.18 -40.91
N GLY C 155 -3.81 13.48 -41.96
CA GLY C 155 -4.89 12.51 -41.87
C GLY C 155 -6.30 12.92 -42.26
N LEU C 156 -6.55 14.22 -42.40
CA LEU C 156 -7.91 14.71 -42.64
C LEU C 156 -8.26 14.95 -44.12
N PRO C 157 -9.56 15.04 -44.44
CA PRO C 157 -9.93 15.42 -45.79
C PRO C 157 -9.31 16.75 -46.18
N ASN C 158 -9.25 16.99 -47.48
CA ASN C 158 -8.54 18.14 -48.00
C ASN C 158 -9.16 19.46 -47.51
N ASN C 159 -8.30 20.39 -47.07
CA ASN C 159 -8.66 21.74 -46.57
C ASN C 159 -9.45 21.78 -45.24
N VAL C 160 -9.66 20.63 -44.61
CA VAL C 160 -10.31 20.55 -43.31
C VAL C 160 -9.35 21.02 -42.21
N GLN C 161 -9.83 21.85 -41.31
CA GLN C 161 -8.96 22.53 -40.36
C GLN C 161 -9.24 22.20 -38.88
N GLY C 162 -9.94 21.12 -38.62
CA GLY C 162 -10.24 20.75 -37.27
C GLY C 162 -11.34 19.75 -37.28
N ALA C 163 -12.00 19.56 -36.15
CA ALA C 163 -13.05 18.58 -36.03
C ALA C 163 -14.15 19.10 -35.16
N LEU C 164 -15.35 18.64 -35.39
CA LEU C 164 -16.41 18.90 -34.45
C LEU C 164 -16.81 17.63 -33.71
N GLY C 165 -16.86 17.71 -32.39
CA GLY C 165 -17.11 16.52 -31.62
C GLY C 165 -18.54 16.51 -31.17
N LEU C 166 -19.15 15.34 -31.28
CA LEU C 166 -20.53 15.14 -30.87
C LEU C 166 -20.58 14.14 -29.69
N GLY C 167 -19.48 14.05 -28.96
CA GLY C 167 -19.36 13.10 -27.87
C GLY C 167 -20.12 13.49 -26.62
N GLN C 168 -20.14 12.57 -25.66
CA GLN C 168 -20.76 12.80 -24.37
C GLN C 168 -19.77 13.51 -23.47
N ALA C 169 -19.74 14.84 -23.59
CA ALA C 169 -18.76 15.68 -22.89
C ALA C 169 -19.38 17.07 -22.81
N PRO C 170 -19.01 17.85 -21.79
CA PRO C 170 -19.70 19.10 -21.42
C PRO C 170 -19.70 20.20 -22.45
N ILE C 171 -18.69 20.33 -23.30
CA ILE C 171 -18.81 21.33 -24.37
C ILE C 171 -18.79 20.73 -25.79
N SER C 172 -19.35 19.53 -25.93
CA SER C 172 -19.60 18.95 -27.26
C SER C 172 -20.56 19.84 -28.02
N LEU C 173 -20.61 19.70 -29.34
CA LEU C 173 -21.45 20.58 -30.14
C LEU C 173 -22.94 20.46 -29.78
N GLN C 174 -23.45 19.23 -29.66
CA GLN C 174 -24.86 19.05 -29.39
C GLN C 174 -25.22 19.51 -27.99
N ASN C 175 -24.35 19.26 -27.02
CA ASN C 175 -24.66 19.66 -25.67
C ASN C 175 -24.84 21.16 -25.63
N GLN C 176 -24.03 21.91 -26.38
CA GLN C 176 -24.16 23.39 -26.39
C GLN C 176 -25.37 23.90 -27.18
N LEU C 177 -25.72 23.23 -28.25
CA LEU C 177 -26.92 23.58 -29.00
C LEU C 177 -28.18 23.26 -28.18
N PHE C 178 -28.19 22.10 -27.51
CA PHE C 178 -29.31 21.68 -26.66
C PHE C 178 -29.61 22.76 -25.65
N SER C 179 -28.56 23.20 -24.96
CA SER C 179 -28.73 24.11 -23.83
C SER C 179 -29.00 25.58 -24.24
N HIS C 180 -28.43 26.06 -25.35
CA HIS C 180 -28.68 27.43 -25.79
C HIS C 180 -30.11 27.59 -26.24
N PHE C 181 -30.64 26.59 -26.92
CA PHE C 181 -31.95 26.70 -27.57
C PHE C 181 -33.06 25.97 -26.82
N GLY C 182 -32.72 25.25 -25.75
CA GLY C 182 -33.72 24.50 -25.01
C GLY C 182 -34.29 23.33 -25.80
N LEU C 183 -33.43 22.65 -26.57
CA LEU C 183 -33.86 21.52 -27.39
C LEU C 183 -34.02 20.21 -26.60
N LYS C 184 -34.82 19.28 -27.13
CA LYS C 184 -34.81 17.94 -26.63
C LYS C 184 -33.42 17.38 -26.86
N ARG C 185 -32.94 16.61 -25.90
CA ARG C 185 -31.63 16.03 -25.97
C ARG C 185 -31.65 14.79 -26.87
N GLN C 186 -31.56 15.04 -28.17
CA GLN C 186 -31.64 14.00 -29.18
C GLN C 186 -30.98 14.52 -30.41
N PHE C 187 -30.14 13.73 -31.06
CA PHE C 187 -29.69 14.14 -32.38
C PHE C 187 -29.68 12.95 -33.34
N SER C 188 -29.83 13.24 -34.63
CA SER C 188 -30.02 12.22 -35.64
C SER C 188 -29.00 12.36 -36.72
N VAL C 189 -28.45 11.23 -37.13
CA VAL C 189 -27.41 11.17 -38.12
C VAL C 189 -27.84 10.38 -39.34
N CYS C 190 -27.79 11.03 -40.50
CA CYS C 190 -28.05 10.36 -41.79
C CYS C 190 -26.94 10.72 -42.77
N LEU C 191 -25.89 9.92 -42.80
CA LEU C 191 -24.79 10.16 -43.72
C LEU C 191 -25.12 9.70 -45.16
N SER C 192 -24.69 10.49 -46.15
CA SER C 192 -24.84 10.15 -47.55
C SER C 192 -23.60 9.42 -48.04
N ARG C 193 -23.85 8.30 -48.72
CA ARG C 193 -22.84 7.42 -49.28
C ARG C 193 -22.04 8.07 -50.39
N TYR C 194 -22.65 9.07 -51.01
CA TYR C 194 -22.17 9.70 -52.23
C TYR C 194 -21.49 11.06 -52.00
N SER C 195 -20.37 11.26 -52.68
CA SER C 195 -19.62 12.49 -52.57
C SER C 195 -20.35 13.68 -53.16
N THR C 196 -21.30 13.41 -54.05
CA THR C 196 -22.00 14.44 -54.82
C THR C 196 -23.28 14.98 -54.20
N SER C 197 -23.69 14.44 -53.06
CA SER C 197 -24.86 14.95 -52.38
C SER C 197 -24.69 14.85 -50.88
N ASN C 198 -25.30 15.79 -50.18
CA ASN C 198 -25.14 15.93 -48.74
C ASN C 198 -26.03 15.02 -47.92
N GLY C 199 -25.54 14.70 -46.72
CA GLY C 199 -26.34 14.09 -45.67
C GLY C 199 -26.59 15.12 -44.58
N ALA C 200 -27.09 14.69 -43.44
CA ALA C 200 -27.44 15.68 -42.43
C ALA C 200 -27.28 15.16 -41.03
N ILE C 201 -27.11 16.11 -40.11
CA ILE C 201 -27.28 15.91 -38.69
C ILE C 201 -28.43 16.79 -38.22
N LEU C 202 -29.31 16.23 -37.43
CA LEU C 202 -30.47 16.96 -36.95
C LEU C 202 -30.41 17.06 -35.45
N PHE C 203 -30.70 18.25 -34.91
CA PHE C 203 -30.66 18.48 -33.47
C PHE C 203 -32.03 18.88 -32.94
N GLY C 204 -32.53 18.11 -31.99
CA GLY C 204 -33.84 18.34 -31.45
C GLY C 204 -34.71 17.15 -31.72
N ASP C 205 -35.96 17.24 -31.29
CA ASP C 205 -36.93 16.15 -31.40
C ASP C 205 -37.47 16.01 -32.81
N ILE C 206 -37.30 14.84 -33.40
CA ILE C 206 -37.78 14.72 -34.75
C ILE C 206 -39.25 14.36 -34.75
N ASN C 207 -39.82 14.18 -33.58
CA ASN C 207 -41.20 13.75 -33.45
C ASN C 207 -42.09 14.84 -32.91
N ASP C 208 -41.71 16.07 -33.19
CA ASP C 208 -42.41 17.25 -32.69
C ASP C 208 -43.27 17.83 -33.80
N PRO C 209 -44.61 17.78 -33.60
CA PRO C 209 -45.62 18.32 -34.53
C PRO C 209 -45.26 19.73 -35.02
N ASN C 210 -44.53 20.51 -34.24
CA ASN C 210 -44.08 21.79 -34.74
C ASN C 210 -43.13 21.57 -35.89
N ASN C 211 -42.37 20.49 -35.82
CA ASN C 211 -41.35 20.22 -36.81
C ASN C 211 -41.88 19.30 -37.85
N ASN C 212 -43.19 19.09 -37.81
CA ASN C 212 -43.81 18.06 -38.64
C ASN C 212 -43.68 18.48 -40.09
N ASN C 213 -43.53 19.77 -40.32
CA ASN C 213 -43.48 20.21 -41.69
C ASN C 213 -42.17 19.79 -42.30
N TYR C 214 -41.08 19.89 -41.54
CA TYR C 214 -39.75 19.55 -42.04
C TYR C 214 -39.44 18.05 -42.16
N ILE C 215 -39.97 17.28 -41.22
CA ILE C 215 -39.65 15.87 -41.16
C ILE C 215 -40.72 15.04 -41.85
N HIS C 216 -41.65 15.73 -42.48
CA HIS C 216 -42.79 15.06 -43.05
C HIS C 216 -42.37 13.98 -44.04
N ASN C 217 -41.35 14.26 -44.83
CA ASN C 217 -40.89 13.28 -45.80
C ASN C 217 -40.25 12.04 -45.17
N SER C 218 -39.92 12.11 -43.89
CA SER C 218 -39.31 10.96 -43.26
C SER C 218 -40.25 10.18 -42.35
N LEU C 219 -41.53 10.50 -42.34
CA LEU C 219 -42.45 9.92 -41.35
C LEU C 219 -42.62 8.40 -41.45
N ASP C 220 -42.51 7.81 -42.63
CA ASP C 220 -42.64 6.36 -42.70
C ASP C 220 -41.45 5.67 -42.07
N VAL C 221 -40.28 6.23 -42.32
CA VAL C 221 -39.05 5.69 -41.79
C VAL C 221 -39.09 5.73 -40.29
N LEU C 222 -39.59 6.82 -39.75
CA LEU C 222 -39.67 7.00 -38.30
C LEU C 222 -40.60 6.00 -37.63
N HIS C 223 -41.69 5.66 -38.32
CA HIS C 223 -42.71 4.73 -37.82
C HIS C 223 -42.09 3.35 -37.54
N ASP C 224 -41.07 3.03 -38.32
CA ASP C 224 -40.45 1.70 -38.28
C ASP C 224 -39.10 1.64 -37.55
N LEU C 225 -38.74 2.70 -36.84
CA LEU C 225 -37.48 2.68 -36.11
C LEU C 225 -37.42 1.55 -35.08
N VAL C 226 -36.25 0.96 -34.99
CA VAL C 226 -35.95 -0.08 -34.03
C VAL C 226 -34.91 0.47 -33.08
N TYR C 227 -35.04 0.17 -31.79
CA TYR C 227 -34.13 0.74 -30.79
C TYR C 227 -33.31 -0.29 -30.01
N THR C 228 -32.14 0.15 -29.53
CA THR C 228 -31.29 -0.69 -28.70
C THR C 228 -30.64 0.20 -27.63
N PRO C 229 -30.36 -0.35 -26.44
CA PRO C 229 -29.83 0.56 -25.43
C PRO C 229 -28.46 1.12 -25.79
N LEU C 230 -28.29 2.37 -25.41
CA LEU C 230 -27.06 3.09 -25.65
C LEU C 230 -26.27 3.19 -24.34
N THR C 231 -25.00 2.83 -24.40
CA THR C 231 -24.10 3.01 -23.25
C THR C 231 -22.93 3.86 -23.66
N ILE C 232 -22.36 4.50 -22.66
CA ILE C 232 -21.35 5.50 -22.86
C ILE C 232 -20.09 5.17 -22.07
N SER C 233 -18.92 5.24 -22.71
CA SER C 233 -17.67 5.03 -21.98
C SER C 233 -17.26 6.22 -21.12
N LYS C 234 -16.24 6.02 -20.28
CA LYS C 234 -15.75 7.08 -19.43
C LYS C 234 -15.16 8.19 -20.26
N GLN C 235 -14.85 7.89 -21.51
CA GLN C 235 -14.24 8.87 -22.39
C GLN C 235 -15.29 9.53 -23.25
N GLY C 236 -16.55 9.18 -23.03
CA GLY C 236 -17.67 9.81 -23.72
C GLY C 236 -18.05 9.19 -25.06
N GLU C 237 -17.63 7.96 -25.30
CA GLU C 237 -17.92 7.27 -26.56
C GLU C 237 -19.23 6.52 -26.56
N TYR C 238 -19.82 6.37 -27.76
CA TYR C 238 -21.09 5.70 -27.97
C TYR C 238 -20.89 4.22 -28.29
N PHE C 239 -21.54 3.37 -27.50
CA PHE C 239 -21.46 1.91 -27.61
C PHE C 239 -22.84 1.28 -27.70
N ILE C 240 -22.95 0.18 -28.43
CA ILE C 240 -24.12 -0.70 -28.27
C ILE C 240 -23.67 -2.14 -28.01
N GLN C 241 -24.61 -3.00 -27.66
CA GLN C 241 -24.28 -4.38 -27.39
C GLN C 241 -24.70 -5.28 -28.54
N VAL C 242 -23.70 -5.89 -29.14
CA VAL C 242 -23.89 -6.88 -30.19
C VAL C 242 -23.55 -8.28 -29.64
N ASN C 243 -24.55 -9.15 -29.54
CA ASN C 243 -24.34 -10.51 -29.03
C ASN C 243 -23.68 -11.48 -30.03
N ALA C 244 -23.94 -11.26 -31.32
CA ALA C 244 -23.40 -12.11 -32.37
C ALA C 244 -23.44 -11.41 -33.69
N ILE C 245 -22.55 -11.82 -34.58
CA ILE C 245 -22.65 -11.47 -35.97
C ILE C 245 -23.13 -12.71 -36.65
N ARG C 246 -24.25 -12.59 -37.34
CA ARG C 246 -24.82 -13.73 -38.03
C ARG C 246 -24.45 -13.72 -39.49
N VAL C 247 -23.96 -14.84 -40.00
CA VAL C 247 -23.81 -15.01 -41.44
C VAL C 247 -24.60 -16.26 -41.83
N ASN C 248 -25.72 -16.06 -42.50
CA ASN C 248 -26.67 -17.13 -42.76
C ASN C 248 -27.03 -17.91 -41.48
N LYS C 249 -26.59 -19.14 -41.32
CA LYS C 249 -26.90 -19.87 -40.09
C LYS C 249 -25.68 -20.07 -39.16
N HIS C 250 -24.64 -19.27 -39.38
CA HIS C 250 -23.47 -19.33 -38.51
C HIS C 250 -23.38 -18.09 -37.65
N LEU C 251 -23.28 -18.26 -36.33
CA LEU C 251 -23.22 -17.10 -35.44
C LEU C 251 -21.88 -16.98 -34.74
N VAL C 252 -21.23 -15.83 -34.96
CA VAL C 252 -19.96 -15.49 -34.36
C VAL C 252 -20.19 -14.65 -33.11
N ILE C 253 -19.76 -15.16 -31.97
CA ILE C 253 -20.02 -14.54 -30.68
C ILE C 253 -18.75 -13.81 -30.26
N PRO C 254 -18.78 -12.47 -30.24
CA PRO C 254 -17.60 -11.71 -29.82
C PRO C 254 -17.23 -12.03 -28.36
N THR C 255 -16.26 -12.94 -28.21
CA THR C 255 -15.63 -13.40 -26.96
C THR C 255 -16.63 -14.10 -26.03
N GLY C 271 -26.53 -4.23 -17.45
CA GLY C 271 -26.12 -2.82 -17.51
C GLY C 271 -24.63 -2.61 -17.29
N GLU C 272 -23.89 -3.03 -18.32
CA GLU C 272 -22.43 -2.93 -18.39
C GLU C 272 -22.27 -2.40 -19.82
N ILE C 273 -21.14 -1.77 -20.15
CA ILE C 273 -21.01 -1.14 -21.48
C ILE C 273 -20.98 -2.16 -22.60
N GLY C 274 -21.62 -1.80 -23.71
CA GLY C 274 -21.66 -2.61 -24.91
C GLY C 274 -20.29 -2.83 -25.52
N GLY C 275 -20.19 -3.81 -26.38
CA GLY C 275 -18.92 -4.17 -26.96
C GLY C 275 -18.71 -3.56 -28.33
N ALA C 276 -19.73 -2.91 -28.88
CA ALA C 276 -19.59 -2.34 -30.21
C ALA C 276 -19.57 -0.82 -30.17
N LEU C 277 -18.43 -0.27 -30.54
CA LEU C 277 -18.26 1.15 -30.62
C LEU C 277 -18.92 1.66 -31.88
N ILE C 278 -19.55 2.83 -31.77
CA ILE C 278 -20.01 3.54 -32.95
C ILE C 278 -19.13 4.76 -33.15
N THR C 279 -18.59 4.92 -34.36
CA THR C 279 -17.65 6.00 -34.64
C THR C 279 -17.76 6.45 -36.10
N THR C 280 -17.32 7.68 -36.39
CA THR C 280 -17.31 8.20 -37.77
C THR C 280 -15.93 8.48 -38.30
N THR C 281 -14.91 8.10 -37.52
CA THR C 281 -13.57 8.55 -37.87
C THR C 281 -12.74 7.47 -38.56
N HIS C 282 -13.38 6.37 -38.97
CA HIS C 282 -12.78 5.49 -39.98
C HIS C 282 -13.88 4.94 -40.86
N PRO C 283 -13.56 4.68 -42.15
CA PRO C 283 -14.61 4.24 -43.07
C PRO C 283 -15.13 2.84 -42.84
N TYR C 284 -14.27 1.85 -42.76
CA TYR C 284 -14.74 0.48 -42.71
C TYR C 284 -14.93 0.01 -41.27
N THR C 285 -15.72 -1.04 -41.08
CA THR C 285 -15.91 -1.61 -39.74
C THR C 285 -14.69 -2.43 -39.30
N VAL C 286 -14.22 -2.17 -38.09
CA VAL C 286 -12.97 -2.75 -37.61
C VAL C 286 -13.26 -3.82 -36.55
N LEU C 287 -12.65 -4.99 -36.72
CA LEU C 287 -12.81 -6.09 -35.78
C LEU C 287 -11.49 -6.44 -35.10
N SER C 288 -11.57 -6.77 -33.81
CA SER C 288 -10.38 -7.23 -33.13
C SER C 288 -9.93 -8.51 -33.81
N HIS C 289 -8.63 -8.78 -33.74
CA HIS C 289 -8.04 -9.83 -34.53
C HIS C 289 -8.69 -11.19 -34.36
N SER C 290 -8.96 -11.55 -33.11
CA SER C 290 -9.57 -12.85 -32.84
C SER C 290 -10.96 -12.91 -33.49
N ILE C 291 -11.70 -11.82 -33.44
CA ILE C 291 -13.01 -11.76 -34.07
C ILE C 291 -12.87 -11.74 -35.58
N PHE C 292 -11.92 -10.96 -36.07
CA PHE C 292 -11.68 -10.87 -37.49
C PHE C 292 -11.41 -12.25 -38.09
N GLU C 293 -10.56 -13.04 -37.43
CA GLU C 293 -10.15 -14.32 -37.97
C GLU C 293 -11.33 -15.26 -38.18
N VAL C 294 -12.20 -15.32 -37.18
CA VAL C 294 -13.34 -16.21 -37.20
C VAL C 294 -14.38 -15.76 -38.20
N PHE C 295 -14.70 -14.48 -38.16
CA PHE C 295 -15.72 -13.96 -39.02
C PHE C 295 -15.37 -14.09 -40.51
N THR C 296 -14.14 -13.73 -40.91
CA THR C 296 -13.82 -13.74 -42.35
C THR C 296 -13.83 -15.15 -42.90
N GLN C 297 -13.45 -16.10 -42.06
CA GLN C 297 -13.46 -17.50 -42.43
C GLN C 297 -14.90 -18.01 -42.50
N VAL C 298 -15.72 -17.69 -41.50
CA VAL C 298 -17.13 -18.08 -41.55
C VAL C 298 -17.78 -17.53 -42.81
N PHE C 299 -17.41 -16.30 -43.13
CA PHE C 299 -17.92 -15.68 -44.33
C PHE C 299 -17.44 -16.43 -45.55
N ALA C 300 -16.15 -16.75 -45.61
CA ALA C 300 -15.61 -17.46 -46.77
C ALA C 300 -16.28 -18.79 -47.00
N ASN C 301 -16.73 -19.42 -45.90
CA ASN C 301 -17.45 -20.69 -45.97
C ASN C 301 -18.88 -20.57 -46.49
N ASN C 302 -19.44 -19.37 -46.51
CA ASN C 302 -20.78 -19.17 -47.03
C ASN C 302 -20.78 -18.53 -48.44
N MET C 303 -19.67 -18.71 -49.14
CA MET C 303 -19.48 -18.17 -50.48
C MET C 303 -18.76 -19.20 -51.36
N PRO C 304 -18.82 -19.04 -52.69
CA PRO C 304 -18.07 -19.93 -53.57
C PRO C 304 -16.57 -19.72 -53.38
N LYS C 305 -15.89 -20.73 -52.84
CA LYS C 305 -14.48 -20.63 -52.46
C LYS C 305 -13.55 -20.42 -53.62
N GLN C 306 -14.00 -20.84 -54.80
CA GLN C 306 -13.16 -20.63 -55.96
C GLN C 306 -13.66 -19.43 -56.76
N ALA C 307 -14.30 -18.51 -56.06
CA ALA C 307 -14.70 -17.24 -56.62
C ALA C 307 -13.81 -16.17 -56.03
N GLN C 308 -13.01 -16.59 -55.06
CA GLN C 308 -12.12 -15.69 -54.34
C GLN C 308 -10.97 -15.24 -55.23
N VAL C 309 -10.47 -14.03 -54.96
CA VAL C 309 -9.33 -13.45 -55.66
C VAL C 309 -8.36 -12.91 -54.62
N LYS C 310 -7.13 -12.62 -55.05
CA LYS C 310 -6.18 -11.99 -54.15
C LYS C 310 -6.82 -10.77 -53.53
N ALA C 311 -6.84 -10.74 -52.21
CA ALA C 311 -7.31 -9.58 -51.48
C ALA C 311 -6.45 -8.36 -51.81
N VAL C 312 -7.08 -7.20 -51.87
CA VAL C 312 -6.41 -5.96 -52.26
C VAL C 312 -6.77 -4.87 -51.25
N GLY C 313 -5.86 -3.93 -51.05
CA GLY C 313 -6.11 -2.82 -50.16
C GLY C 313 -6.02 -3.26 -48.71
N PRO C 314 -6.92 -2.73 -47.87
CA PRO C 314 -6.97 -3.09 -46.45
C PRO C 314 -7.76 -4.36 -46.19
N PHE C 315 -8.39 -4.91 -47.23
CA PHE C 315 -9.35 -6.00 -47.06
C PHE C 315 -8.67 -7.33 -47.09
N GLY C 316 -9.30 -8.30 -46.45
CA GLY C 316 -8.71 -9.63 -46.35
C GLY C 316 -9.34 -10.69 -47.21
N LEU C 317 -10.55 -10.43 -47.66
CA LEU C 317 -11.28 -11.43 -48.43
C LEU C 317 -11.94 -10.76 -49.62
N CYS C 318 -11.38 -11.00 -50.80
CA CYS C 318 -11.91 -10.39 -52.01
C CYS C 318 -12.30 -11.42 -53.02
N TYR C 319 -13.25 -11.06 -53.86
CA TYR C 319 -13.78 -11.95 -54.86
C TYR C 319 -13.76 -11.37 -56.24
N ASP C 320 -13.90 -12.24 -57.25
CA ASP C 320 -14.19 -11.78 -58.60
C ASP C 320 -15.65 -11.32 -58.60
N SER C 321 -15.88 -10.10 -59.06
CA SER C 321 -17.18 -9.46 -58.94
C SER C 321 -18.21 -10.12 -59.86
N ARG C 322 -17.73 -10.82 -60.89
CA ARG C 322 -18.58 -11.53 -61.85
C ARG C 322 -19.23 -12.82 -61.31
N LYS C 323 -18.47 -13.60 -60.52
CA LYS C 323 -18.93 -14.87 -59.96
C LYS C 323 -19.78 -14.72 -58.70
N ILE C 324 -19.47 -13.70 -57.90
CA ILE C 324 -20.27 -13.39 -56.74
C ILE C 324 -21.25 -12.37 -57.28
N SER C 325 -22.52 -12.54 -56.97
CA SER C 325 -23.56 -11.61 -57.45
C SER C 325 -24.89 -11.96 -56.84
N GLY C 326 -25.63 -12.86 -57.48
CA GLY C 326 -26.80 -13.44 -56.82
C GLY C 326 -26.30 -14.76 -56.27
N GLY C 327 -25.85 -14.78 -55.01
CA GLY C 327 -25.87 -13.63 -54.12
C GLY C 327 -24.82 -13.67 -53.01
N ALA C 328 -24.87 -12.65 -52.14
CA ALA C 328 -24.09 -12.58 -50.91
C ALA C 328 -24.94 -13.09 -49.74
N PRO C 329 -24.30 -13.58 -48.67
CA PRO C 329 -25.13 -14.16 -47.60
C PRO C 329 -25.78 -13.12 -46.69
N SER C 330 -26.79 -13.52 -45.91
CA SER C 330 -27.36 -12.68 -44.84
C SER C 330 -26.34 -12.35 -43.75
N VAL C 331 -26.08 -11.06 -43.54
CA VAL C 331 -25.24 -10.59 -42.42
C VAL C 331 -25.98 -9.68 -41.46
N ASP C 332 -26.16 -10.12 -40.22
CA ASP C 332 -26.92 -9.41 -39.21
C ASP C 332 -26.15 -9.28 -37.92
N LEU C 333 -26.27 -8.12 -37.28
CA LEU C 333 -25.83 -7.93 -35.92
C LEU C 333 -26.96 -8.30 -35.03
N ILE C 334 -26.71 -9.28 -34.19
CA ILE C 334 -27.67 -9.72 -33.20
C ILE C 334 -27.54 -8.91 -31.89
N LEU C 335 -28.63 -8.27 -31.52
CA LEU C 335 -28.60 -7.33 -30.43
C LEU C 335 -29.16 -8.02 -29.19
N ASP C 336 -28.60 -7.73 -28.02
CA ASP C 336 -29.04 -8.39 -26.78
C ASP C 336 -30.52 -8.17 -26.46
N LYS C 337 -31.20 -9.25 -26.12
CA LYS C 337 -32.56 -9.19 -25.59
C LYS C 337 -33.54 -8.65 -26.58
N ASN C 338 -33.16 -8.67 -27.84
CA ASN C 338 -34.01 -7.99 -28.77
C ASN C 338 -34.71 -9.00 -29.60
N ASP C 339 -35.87 -8.59 -30.06
CA ASP C 339 -36.64 -9.34 -31.02
C ASP C 339 -35.96 -9.03 -32.33
N ALA C 340 -35.06 -8.06 -32.26
CA ALA C 340 -34.53 -7.44 -33.46
C ALA C 340 -33.02 -7.28 -33.53
N VAL C 341 -32.67 -6.94 -34.77
CA VAL C 341 -31.45 -7.22 -35.43
C VAL C 341 -31.06 -5.98 -36.21
N TRP C 342 -29.76 -5.69 -36.33
CA TRP C 342 -29.37 -4.64 -37.26
C TRP C 342 -28.84 -5.32 -38.51
N ARG C 343 -29.71 -5.42 -39.51
CA ARG C 343 -29.40 -6.12 -40.75
C ARG C 343 -28.48 -5.29 -41.60
N ILE C 344 -27.47 -5.90 -42.20
CA ILE C 344 -26.57 -5.16 -43.07
C ILE C 344 -26.72 -5.61 -44.52
N SER C 345 -27.01 -4.67 -45.40
CA SER C 345 -27.20 -4.94 -46.83
C SER C 345 -25.89 -5.33 -47.49
N SER C 346 -25.92 -6.26 -48.45
CA SER C 346 -24.70 -6.69 -49.11
C SER C 346 -24.17 -5.56 -49.99
N GLU C 347 -25.00 -4.55 -50.14
CA GLU C 347 -24.66 -3.39 -50.94
C GLU C 347 -23.84 -2.47 -50.05
N ASN C 348 -23.89 -2.74 -48.76
CA ASN C 348 -23.09 -1.98 -47.82
C ASN C 348 -21.74 -2.63 -47.49
N PHE C 349 -21.75 -3.92 -47.19
CA PHE C 349 -20.53 -4.53 -46.67
C PHE C 349 -19.60 -5.10 -47.73
N MET C 350 -20.03 -5.13 -48.99
CA MET C 350 -19.16 -5.49 -50.11
C MET C 350 -18.54 -4.23 -50.74
N VAL C 351 -17.22 -4.20 -50.85
CA VAL C 351 -16.52 -3.02 -51.34
C VAL C 351 -15.92 -3.26 -52.71
N GLN C 352 -15.98 -2.23 -53.56
CA GLN C 352 -15.50 -2.29 -54.92
C GLN C 352 -14.08 -1.76 -55.03
N ALA C 353 -13.19 -2.38 -54.24
CA ALA C 353 -11.74 -2.13 -54.26
C ALA C 353 -11.13 -1.86 -55.63
N GLN C 354 -11.44 -2.70 -56.61
CA GLN C 354 -10.90 -2.56 -57.95
C GLN C 354 -12.01 -2.94 -58.93
N ASP C 355 -11.88 -2.58 -60.21
CA ASP C 355 -12.84 -3.03 -61.22
C ASP C 355 -12.97 -4.55 -61.27
N GLY C 356 -14.21 -5.02 -61.26
CA GLY C 356 -14.53 -6.43 -61.23
C GLY C 356 -13.95 -7.18 -60.04
N VAL C 357 -13.63 -6.44 -58.97
CA VAL C 357 -13.20 -7.05 -57.73
C VAL C 357 -14.07 -6.50 -56.62
N SER C 358 -14.74 -7.37 -55.88
CA SER C 358 -15.62 -6.93 -54.82
C SER C 358 -15.17 -7.49 -53.44
N CYS C 359 -14.90 -6.62 -52.47
CA CYS C 359 -14.26 -7.06 -51.22
C CYS C 359 -15.13 -7.03 -49.96
N LEU C 360 -14.87 -7.96 -49.06
CA LEU C 360 -15.53 -7.95 -47.76
C LEU C 360 -14.99 -6.82 -46.91
N GLY C 361 -15.88 -5.87 -46.61
CA GLY C 361 -15.51 -4.60 -46.00
C GLY C 361 -15.36 -4.57 -44.48
N PHE C 362 -14.67 -5.57 -43.95
CA PHE C 362 -14.28 -5.58 -42.55
C PHE C 362 -12.78 -5.72 -42.50
N VAL C 363 -12.15 -4.98 -41.60
CA VAL C 363 -10.70 -4.97 -41.53
C VAL C 363 -10.23 -5.40 -40.13
N ASP C 364 -9.03 -5.97 -40.09
CA ASP C 364 -8.43 -6.49 -38.87
C ASP C 364 -7.88 -5.35 -38.03
N GLY C 365 -8.43 -5.22 -36.82
CA GLY C 365 -8.00 -4.19 -35.88
C GLY C 365 -6.81 -4.56 -35.00
N GLY C 366 -6.32 -5.78 -35.16
CA GLY C 366 -5.20 -6.26 -34.38
C GLY C 366 -5.61 -6.79 -33.03
N VAL C 367 -4.61 -7.10 -32.21
CA VAL C 367 -4.81 -7.76 -30.93
C VAL C 367 -4.96 -6.75 -29.80
N HIS C 368 -4.61 -5.49 -30.07
CA HIS C 368 -4.80 -4.47 -29.07
C HIS C 368 -5.81 -3.48 -29.60
N ALA C 369 -6.85 -3.99 -30.25
CA ALA C 369 -7.90 -3.15 -30.76
C ALA C 369 -8.68 -2.54 -29.60
N ARG C 370 -9.25 -1.35 -29.84
CA ARG C 370 -9.97 -0.57 -28.84
C ARG C 370 -11.25 -1.27 -28.37
N ALA C 371 -12.00 -1.82 -29.33
CA ALA C 371 -13.21 -2.59 -29.05
C ALA C 371 -13.22 -3.80 -29.97
N GLY C 372 -14.08 -4.78 -29.67
CA GLY C 372 -14.22 -6.02 -30.45
C GLY C 372 -14.79 -5.73 -31.82
N ILE C 373 -15.74 -4.80 -31.81
CA ILE C 373 -16.38 -4.28 -33.01
C ILE C 373 -16.38 -2.76 -32.96
N ALA C 374 -15.91 -2.13 -34.03
CA ALA C 374 -16.08 -0.69 -34.16
C ALA C 374 -16.76 -0.36 -35.49
N LEU C 375 -18.05 -0.01 -35.40
CA LEU C 375 -18.84 0.32 -36.55
C LEU C 375 -18.49 1.73 -37.03
N GLY C 376 -18.10 1.85 -38.31
CA GLY C 376 -17.56 3.10 -38.85
C GLY C 376 -18.48 3.83 -39.80
N ALA C 377 -17.90 4.72 -40.60
CA ALA C 377 -18.68 5.59 -41.48
C ALA C 377 -19.48 4.85 -42.54
N HIS C 378 -18.87 3.85 -43.17
N HIS C 378 -18.83 3.89 -43.20
CA HIS C 378 -19.55 3.12 -44.23
CA HIS C 378 -19.45 3.03 -44.21
C HIS C 378 -20.75 2.34 -43.70
C HIS C 378 -20.71 2.33 -43.70
N HIS C 379 -20.67 1.85 -42.46
CA HIS C 379 -21.81 1.18 -41.82
C HIS C 379 -23.00 2.14 -41.68
N LEU C 380 -22.72 3.38 -41.27
CA LEU C 380 -23.75 4.38 -41.00
C LEU C 380 -24.40 5.01 -42.24
N GLU C 381 -23.66 5.03 -43.32
CA GLU C 381 -24.12 5.68 -44.54
C GLU C 381 -25.43 5.06 -45.07
N GLU C 382 -26.34 5.95 -45.47
CA GLU C 382 -27.66 5.57 -45.99
C GLU C 382 -28.54 4.85 -44.96
N ASN C 383 -28.26 5.10 -43.69
CA ASN C 383 -29.12 4.71 -42.59
C ASN C 383 -29.46 5.94 -41.79
N LEU C 384 -30.68 6.00 -41.26
CA LEU C 384 -31.05 7.05 -40.32
C LEU C 384 -30.85 6.55 -38.87
N VAL C 385 -29.94 7.19 -38.15
CA VAL C 385 -29.58 6.74 -36.81
C VAL C 385 -29.87 7.82 -35.75
N VAL C 386 -30.79 7.53 -34.85
CA VAL C 386 -31.27 8.49 -33.89
C VAL C 386 -30.65 8.25 -32.54
N PHE C 387 -29.91 9.23 -32.03
CA PHE C 387 -29.31 9.12 -30.72
C PHE C 387 -30.26 9.78 -29.73
N ASP C 388 -31.06 8.94 -29.08
CA ASP C 388 -32.04 9.41 -28.13
C ASP C 388 -31.42 9.46 -26.74
N LEU C 389 -30.83 10.59 -26.39
CA LEU C 389 -30.06 10.66 -25.18
C LEU C 389 -30.97 10.70 -23.96
N GLU C 390 -32.21 11.13 -24.13
CA GLU C 390 -33.12 11.23 -22.99
C GLU C 390 -33.52 9.87 -22.51
N ARG C 391 -33.56 8.91 -23.42
CA ARG C 391 -33.93 7.56 -23.06
C ARG C 391 -32.76 6.62 -23.13
N SER C 392 -31.57 7.14 -23.43
CA SER C 392 -30.34 6.33 -23.52
C SER C 392 -30.48 5.12 -24.48
N ARG C 393 -30.84 5.39 -25.71
CA ARG C 393 -31.00 4.33 -26.69
C ARG C 393 -30.67 4.86 -28.07
N VAL C 394 -30.35 3.95 -28.96
CA VAL C 394 -30.10 4.27 -30.35
C VAL C 394 -31.19 3.65 -31.18
N GLY C 395 -31.72 4.41 -32.13
CA GLY C 395 -32.71 3.92 -33.07
C GLY C 395 -32.19 3.90 -34.49
N PHE C 396 -32.68 2.98 -35.31
CA PHE C 396 -32.25 2.94 -36.71
C PHE C 396 -33.38 2.42 -37.57
N ASN C 397 -33.32 2.68 -38.87
CA ASN C 397 -34.39 2.23 -39.74
C ASN C 397 -34.41 0.70 -39.85
N SER C 398 -35.58 0.09 -39.71
CA SER C 398 -35.66 -1.36 -39.73
C SER C 398 -35.84 -1.89 -41.14
N ASN C 399 -36.06 -1.01 -42.11
CA ASN C 399 -36.04 -1.41 -43.51
C ASN C 399 -35.06 -0.48 -44.19
N SER C 400 -34.54 -0.84 -45.35
CA SER C 400 -33.58 0.02 -46.04
C SER C 400 -34.27 1.30 -46.42
N LEU C 401 -33.50 2.39 -46.43
CA LEU C 401 -34.07 3.63 -46.88
C LEU C 401 -34.59 3.48 -48.32
N LYS C 402 -33.83 2.75 -49.11
CA LYS C 402 -34.12 2.58 -50.51
C LYS C 402 -35.48 1.89 -50.67
N SER C 403 -35.85 1.03 -49.71
CA SER C 403 -37.18 0.37 -49.79
C SER C 403 -38.34 1.34 -49.57
N TYR C 404 -38.05 2.50 -48.99
CA TYR C 404 -39.03 3.56 -48.81
C TYR C 404 -38.98 4.54 -49.96
N GLY C 405 -38.07 4.31 -50.89
CA GLY C 405 -37.82 5.24 -51.97
C GLY C 405 -36.99 6.44 -51.53
N LYS C 406 -36.28 6.30 -50.41
CA LYS C 406 -35.54 7.42 -49.83
C LYS C 406 -34.02 7.24 -49.83
N THR C 407 -33.33 8.35 -49.67
CA THR C 407 -31.89 8.42 -49.46
C THR C 407 -31.61 9.37 -48.30
N CYS C 408 -30.37 9.38 -47.84
CA CYS C 408 -29.98 10.30 -46.78
C CYS C 408 -29.92 11.73 -47.28
N SER C 409 -29.84 11.89 -48.61
CA SER C 409 -29.84 13.21 -49.24
C SER C 409 -31.23 13.78 -49.39
N ASN C 410 -32.24 12.94 -49.55
CA ASN C 410 -33.59 13.46 -49.76
C ASN C 410 -34.60 13.11 -48.66
N LEU C 411 -34.18 12.51 -47.58
CA LEU C 411 -35.12 12.26 -46.50
C LEU C 411 -35.68 13.57 -46.01
N PHE C 412 -34.79 14.56 -45.96
CA PHE C 412 -35.09 15.94 -45.54
C PHE C 412 -34.68 16.94 -46.61
N ASP C 413 -35.30 18.11 -46.64
CA ASP C 413 -34.89 19.11 -47.62
C ASP C 413 -33.62 19.82 -47.18
N LEU C 414 -32.52 19.59 -47.91
CA LEU C 414 -31.22 20.19 -47.56
C LEU C 414 -30.79 21.26 -48.56
N ASN C 415 -31.72 21.79 -49.34
CA ASN C 415 -31.39 22.86 -50.28
C ASN C 415 -31.30 24.19 -49.54
N ASN C 416 -30.31 25.03 -49.88
CA ASN C 416 -29.95 26.18 -49.04
C ASN C 416 -30.57 27.50 -49.38
N PRO C 417 -30.98 28.21 -48.32
CA PRO C 417 -31.40 29.60 -48.47
C PRO C 417 -30.17 30.54 -48.66
N SER D 10 0.23 -58.22 -4.33
CA SER D 10 0.83 -58.26 -5.66
C SER D 10 0.62 -56.90 -6.35
N LYS D 11 0.04 -55.95 -5.62
CA LYS D 11 -0.32 -54.62 -6.13
C LYS D 11 -1.24 -54.65 -7.39
N PRO D 12 -2.48 -54.18 -7.21
CA PRO D 12 -3.54 -54.18 -8.19
C PRO D 12 -3.24 -53.19 -9.30
N ASN D 13 -3.83 -53.43 -10.47
CA ASN D 13 -3.62 -52.57 -11.63
C ASN D 13 -4.81 -51.64 -11.92
N LEU D 14 -5.87 -51.79 -11.13
CA LEU D 14 -7.08 -51.00 -11.30
C LEU D 14 -7.84 -50.92 -10.00
N LEU D 15 -8.31 -49.73 -9.65
CA LEU D 15 -9.08 -49.50 -8.44
C LEU D 15 -10.42 -48.92 -8.81
N VAL D 16 -11.46 -49.23 -8.04
CA VAL D 16 -12.79 -48.81 -8.40
C VAL D 16 -13.51 -48.17 -7.21
N LEU D 17 -14.06 -46.99 -7.44
CA LEU D 17 -14.83 -46.28 -6.43
C LEU D 17 -16.27 -46.05 -6.89
N PRO D 18 -17.21 -46.76 -6.29
CA PRO D 18 -18.61 -46.54 -6.63
C PRO D 18 -19.10 -45.18 -6.12
N VAL D 19 -19.90 -44.48 -6.93
CA VAL D 19 -20.42 -43.15 -6.60
C VAL D 19 -21.92 -43.12 -6.83
N GLN D 20 -22.63 -42.23 -6.14
CA GLN D 20 -24.09 -42.16 -6.26
C GLN D 20 -24.65 -40.76 -6.50
N GLU D 21 -25.69 -40.64 -7.33
CA GLU D 21 -26.31 -39.35 -7.56
C GLU D 21 -27.28 -39.00 -6.45
N ASP D 22 -27.24 -37.75 -6.01
CA ASP D 22 -28.19 -37.26 -5.00
C ASP D 22 -29.32 -36.51 -5.72
N ALA D 23 -30.53 -37.01 -5.57
CA ALA D 23 -31.66 -36.50 -6.33
C ALA D 23 -31.94 -35.03 -6.08
N SER D 24 -31.90 -34.63 -4.81
CA SER D 24 -32.20 -33.27 -4.40
C SER D 24 -31.29 -32.21 -5.05
N THR D 25 -29.98 -32.43 -4.98
CA THR D 25 -28.98 -31.45 -5.41
C THR D 25 -28.46 -31.69 -6.82
N GLY D 26 -28.60 -32.91 -7.32
CA GLY D 26 -28.11 -33.25 -8.65
C GLY D 26 -26.63 -33.52 -8.68
N LEU D 27 -26.04 -33.55 -7.48
CA LEU D 27 -24.61 -33.79 -7.28
C LEU D 27 -24.36 -35.27 -6.99
N HIS D 28 -23.10 -35.68 -7.05
CA HIS D 28 -22.73 -37.08 -6.84
C HIS D 28 -21.83 -37.19 -5.62
N TRP D 29 -21.92 -38.31 -4.90
CA TRP D 29 -21.18 -38.54 -3.65
C TRP D 29 -20.73 -40.01 -3.59
N ALA D 30 -19.76 -40.29 -2.71
CA ALA D 30 -19.27 -41.64 -2.52
C ALA D 30 -19.04 -41.91 -1.04
N ASN D 31 -19.26 -43.14 -0.63
CA ASN D 31 -18.81 -43.60 0.67
C ASN D 31 -17.34 -43.98 0.56
N ILE D 32 -16.51 -43.28 1.32
CA ILE D 32 -15.06 -43.56 1.39
C ILE D 32 -14.71 -44.33 2.67
N HIS D 33 -13.88 -45.37 2.54
CA HIS D 33 -13.46 -46.13 3.70
C HIS D 33 -12.19 -45.54 4.27
N LYS D 34 -12.23 -45.21 5.57
CA LYS D 34 -11.12 -44.58 6.26
C LYS D 34 -10.95 -45.13 7.67
N ARG D 35 -9.75 -44.94 8.23
CA ARG D 35 -9.42 -45.16 9.64
C ARG D 35 -9.22 -46.61 10.08
N THR D 36 -8.72 -46.76 11.30
CA THR D 36 -8.62 -48.05 11.97
C THR D 36 -9.32 -47.93 13.33
N PRO D 37 -10.46 -48.62 13.49
CA PRO D 37 -11.12 -49.55 12.56
C PRO D 37 -11.69 -48.85 11.34
N LEU D 38 -11.76 -49.55 10.22
CA LEU D 38 -12.20 -48.96 8.96
C LEU D 38 -13.67 -48.56 9.03
N MET D 39 -14.03 -47.39 8.47
CA MET D 39 -15.46 -47.02 8.40
C MET D 39 -15.78 -46.18 7.18
N GLN D 40 -17.06 -45.91 6.96
CA GLN D 40 -17.50 -45.17 5.77
C GLN D 40 -17.84 -43.72 6.07
N VAL D 41 -17.29 -42.83 5.25
CA VAL D 41 -17.54 -41.41 5.36
C VAL D 41 -18.14 -40.91 4.07
N PRO D 42 -19.39 -40.40 4.11
CA PRO D 42 -19.96 -39.86 2.87
C PRO D 42 -19.35 -38.51 2.50
N LEU D 43 -18.80 -38.41 1.29
CA LEU D 43 -18.09 -37.22 0.78
C LEU D 43 -18.54 -36.79 -0.61
N LEU D 44 -18.55 -35.49 -0.87
CA LEU D 44 -18.91 -34.95 -2.19
C LEU D 44 -17.82 -35.20 -3.25
N LEU D 45 -18.25 -35.57 -4.46
CA LEU D 45 -17.37 -35.72 -5.60
C LEU D 45 -17.04 -34.37 -6.24
N ASP D 46 -15.79 -33.97 -6.12
CA ASP D 46 -15.37 -32.68 -6.63
C ASP D 46 -14.26 -32.94 -7.62
N LEU D 47 -14.63 -33.01 -8.89
CA LEU D 47 -13.71 -33.35 -9.93
C LEU D 47 -12.45 -32.48 -9.94
N ASN D 48 -12.62 -31.17 -9.72
CA ASN D 48 -11.51 -30.24 -9.79
C ASN D 48 -10.88 -29.92 -8.44
N GLY D 49 -11.38 -30.55 -7.39
CA GLY D 49 -10.90 -30.31 -6.05
C GLY D 49 -9.45 -30.73 -5.88
N LYS D 50 -8.71 -29.91 -5.16
CA LYS D 50 -7.30 -30.09 -5.02
C LYS D 50 -6.98 -31.18 -4.02
N HIS D 51 -7.92 -31.49 -3.13
CA HIS D 51 -7.68 -32.55 -2.13
C HIS D 51 -8.96 -33.08 -1.51
N LEU D 52 -8.80 -34.12 -0.71
CA LEU D 52 -9.88 -34.63 0.11
C LEU D 52 -9.93 -33.90 1.42
N TRP D 53 -11.09 -33.43 1.82
CA TRP D 53 -11.23 -32.82 3.14
C TRP D 53 -12.45 -33.39 3.85
N VAL D 54 -12.36 -33.49 5.17
CA VAL D 54 -13.43 -34.06 5.99
C VAL D 54 -13.58 -33.28 7.29
N THR D 55 -14.79 -33.24 7.85
CA THR D 55 -14.96 -32.67 9.18
C THR D 55 -14.38 -33.66 10.17
N CYS D 56 -13.47 -33.15 10.98
CA CYS D 56 -12.79 -33.94 11.97
C CYS D 56 -13.44 -33.48 13.24
N SER D 57 -14.20 -34.39 13.80
CA SER D 57 -15.05 -34.09 14.92
C SER D 57 -14.79 -34.69 16.30
N GLN D 58 -15.97 -34.76 16.94
CA GLN D 58 -16.34 -35.44 18.17
C GLN D 58 -15.42 -36.60 18.52
N HIS D 59 -15.93 -37.83 18.42
CA HIS D 59 -15.12 -38.97 18.69
C HIS D 59 -14.65 -39.51 17.36
N TYR D 60 -13.77 -38.76 16.72
CA TYR D 60 -13.03 -39.23 15.57
C TYR D 60 -12.19 -40.34 16.15
N SER D 61 -12.48 -41.57 15.76
CA SER D 61 -11.76 -42.67 16.34
C SER D 61 -10.97 -43.39 15.27
N SER D 62 -9.66 -43.36 15.45
CA SER D 62 -8.70 -44.01 14.56
C SER D 62 -7.39 -44.16 15.27
N SER D 63 -6.85 -45.36 15.21
CA SER D 63 -5.59 -45.67 15.84
C SER D 63 -4.44 -45.40 14.90
N THR D 64 -4.73 -44.95 13.69
CA THR D 64 -3.66 -44.67 12.74
C THR D 64 -3.63 -43.19 12.41
N TYR D 65 -4.40 -42.41 13.14
CA TYR D 65 -4.45 -40.99 12.84
C TYR D 65 -3.17 -40.33 13.36
N GLN D 66 -2.66 -39.40 12.54
CA GLN D 66 -1.57 -38.49 12.88
C GLN D 66 -1.72 -37.09 12.25
N ALA D 67 -1.28 -36.06 12.97
CA ALA D 67 -1.15 -34.71 12.41
C ALA D 67 0.32 -34.33 12.19
N PRO D 68 0.78 -34.30 10.90
CA PRO D 68 2.18 -34.00 10.59
C PRO D 68 2.63 -32.68 11.18
N PHE D 69 3.89 -32.59 11.58
CA PHE D 69 4.38 -31.36 12.20
C PHE D 69 4.73 -30.38 11.10
N CYS D 70 4.70 -29.08 11.42
CA CYS D 70 5.00 -28.08 10.40
C CYS D 70 6.43 -28.28 9.93
N HIS D 71 6.63 -28.09 8.62
CA HIS D 71 7.89 -28.29 7.90
C HIS D 71 8.30 -29.76 7.69
N SER D 72 7.38 -30.69 7.94
CA SER D 72 7.66 -32.10 7.68
C SER D 72 7.65 -32.43 6.19
N THR D 73 8.12 -33.63 5.87
CA THR D 73 8.04 -34.10 4.49
C THR D 73 6.57 -34.19 4.02
N GLN D 74 5.65 -34.52 4.92
CA GLN D 74 4.23 -34.57 4.58
C GLN D 74 3.66 -33.24 4.21
N CYS D 75 4.04 -32.22 4.96
CA CYS D 75 3.59 -30.89 4.68
C CYS D 75 4.19 -30.38 3.37
N SER D 76 5.44 -30.74 3.10
CA SER D 76 6.08 -30.38 1.84
C SER D 76 5.35 -30.98 0.63
N ARG D 77 5.00 -32.27 0.72
CA ARG D 77 4.28 -32.95 -0.36
C ARG D 77 2.92 -32.31 -0.61
N ALA D 78 2.27 -31.91 0.49
CA ALA D 78 0.96 -31.24 0.43
C ALA D 78 1.08 -29.80 -0.03
N ASN D 79 2.32 -29.32 -0.16
CA ASN D 79 2.59 -27.99 -0.62
C ASN D 79 2.04 -26.91 0.29
N THR D 80 2.17 -27.15 1.59
CA THR D 80 1.83 -26.13 2.56
C THR D 80 2.96 -25.92 3.54
N HIS D 81 3.41 -24.69 3.69
CA HIS D 81 4.49 -24.46 4.63
C HIS D 81 4.07 -23.42 5.68
N GLN D 82 2.76 -23.22 5.77
CA GLN D 82 2.14 -22.39 6.80
C GLN D 82 1.69 -23.25 7.98
N CYS D 83 2.17 -22.94 9.18
CA CYS D 83 1.88 -23.73 10.38
C CYS D 83 0.49 -23.50 10.97
N PHE D 84 -0.03 -24.51 11.64
CA PHE D 84 -1.39 -24.46 12.13
C PHE D 84 -1.37 -24.25 13.61
N THR D 85 -2.25 -23.37 14.07
CA THR D 85 -2.39 -23.11 15.49
C THR D 85 -3.84 -23.35 15.89
N CYS D 86 -4.06 -24.23 16.86
CA CYS D 86 -5.42 -24.58 17.18
C CYS D 86 -6.12 -23.53 18.00
N THR D 87 -7.23 -23.07 17.45
CA THR D 87 -7.98 -21.97 18.00
C THR D 87 -9.34 -22.24 18.65
N ASP D 88 -9.70 -23.51 18.87
CA ASP D 88 -10.88 -23.77 19.67
C ASP D 88 -10.46 -24.25 21.08
N SER D 89 -10.32 -25.54 21.29
CA SER D 89 -9.94 -26.10 22.59
C SER D 89 -8.54 -25.70 23.09
N THR D 90 -8.32 -25.87 24.40
CA THR D 90 -6.98 -25.68 24.98
C THR D 90 -6.37 -27.05 25.23
N THR D 91 -7.08 -28.09 24.79
CA THR D 91 -6.51 -29.43 24.71
C THR D 91 -6.64 -29.95 23.25
N THR D 92 -5.80 -30.91 22.88
CA THR D 92 -5.73 -31.41 21.50
C THR D 92 -6.72 -32.51 21.11
N ARG D 93 -7.01 -32.56 19.81
CA ARG D 93 -7.89 -33.54 19.18
C ARG D 93 -7.60 -33.45 17.68
N PRO D 94 -8.08 -34.43 16.88
CA PRO D 94 -7.91 -34.33 15.42
C PRO D 94 -8.42 -33.02 14.83
N GLY D 95 -7.59 -32.34 14.05
CA GLY D 95 -7.99 -31.07 13.46
C GLY D 95 -7.55 -29.93 14.33
N CYS D 96 -7.11 -30.27 15.53
CA CYS D 96 -6.73 -29.26 16.51
C CYS D 96 -5.42 -29.58 17.21
N HIS D 97 -4.35 -29.05 16.66
CA HIS D 97 -3.06 -29.13 17.33
C HIS D 97 -2.33 -27.81 17.11
N ASN D 98 -1.21 -27.64 17.79
CA ASN D 98 -0.36 -26.52 17.44
C ASN D 98 0.89 -27.09 16.75
N ASN D 99 1.57 -26.26 15.96
CA ASN D 99 2.77 -26.66 15.17
C ASN D 99 2.54 -27.79 14.20
N THR D 100 1.34 -27.80 13.64
CA THR D 100 1.00 -28.67 12.55
C THR D 100 0.95 -27.81 11.31
N CYS D 101 0.34 -28.30 10.25
CA CYS D 101 0.25 -27.53 9.02
C CYS D 101 -1.16 -27.19 8.66
N GLY D 102 -1.30 -25.98 8.10
CA GLY D 102 -2.60 -25.45 7.72
C GLY D 102 -2.84 -25.64 6.23
N LEU D 103 -4.08 -25.98 5.89
CA LEU D 103 -4.46 -26.29 4.52
C LEU D 103 -5.79 -25.60 4.19
N LEU D 104 -5.83 -24.82 3.13
CA LEU D 104 -7.06 -24.15 2.79
C LEU D 104 -7.98 -25.04 1.94
N SER D 105 -9.19 -25.31 2.46
CA SER D 105 -10.19 -26.14 1.79
C SER D 105 -11.36 -25.33 1.23
N SER D 106 -11.97 -25.77 0.13
CA SER D 106 -13.06 -25.03 -0.45
C SER D 106 -14.31 -25.87 -0.51
N ASN D 107 -15.42 -25.28 -0.11
CA ASN D 107 -16.73 -25.86 -0.33
C ASN D 107 -17.08 -25.49 -1.76
N PRO D 108 -17.11 -26.47 -2.67
CA PRO D 108 -17.24 -26.06 -4.09
C PRO D 108 -18.63 -25.58 -4.48
N VAL D 109 -19.63 -25.89 -3.67
CA VAL D 109 -21.01 -25.49 -3.91
C VAL D 109 -21.27 -24.08 -3.40
N THR D 110 -20.89 -23.83 -2.14
CA THR D 110 -21.17 -22.56 -1.48
C THR D 110 -20.08 -21.56 -1.76
N GLN D 111 -18.99 -22.02 -2.35
CA GLN D 111 -17.84 -21.20 -2.67
C GLN D 111 -17.13 -20.71 -1.38
N GLU D 112 -17.53 -21.20 -0.21
CA GLU D 112 -16.79 -20.96 1.03
C GLU D 112 -15.43 -21.67 1.10
N SER D 113 -14.47 -21.09 1.81
CA SER D 113 -13.24 -21.80 2.12
C SER D 113 -12.88 -21.66 3.60
N GLY D 114 -12.08 -22.59 4.11
CA GLY D 114 -11.74 -22.54 5.51
C GLY D 114 -10.39 -23.14 5.74
N LEU D 115 -9.69 -22.70 6.78
CA LEU D 115 -8.38 -23.23 7.05
C LEU D 115 -8.46 -24.45 7.95
N GLY D 116 -8.06 -25.58 7.39
CA GLY D 116 -8.01 -26.84 8.08
C GLY D 116 -6.58 -27.24 8.41
N GLU D 117 -6.45 -28.39 9.04
CA GLU D 117 -5.15 -28.94 9.43
C GLU D 117 -4.83 -30.20 8.62
N LEU D 118 -3.61 -30.29 8.12
CA LEU D 118 -3.20 -31.50 7.41
C LEU D 118 -3.27 -32.73 8.30
N ALA D 119 -3.80 -33.81 7.75
CA ALA D 119 -4.01 -35.02 8.50
C ALA D 119 -3.48 -36.21 7.72
N GLN D 120 -3.25 -37.32 8.40
CA GLN D 120 -2.76 -38.54 7.80
C GLN D 120 -3.52 -39.73 8.44
N ASP D 121 -4.06 -40.63 7.62
CA ASP D 121 -4.76 -41.80 8.15
C ASP D 121 -4.88 -42.84 7.05
N VAL D 122 -5.49 -43.97 7.37
CA VAL D 122 -5.76 -45.04 6.40
C VAL D 122 -6.94 -44.71 5.48
N LEU D 123 -6.76 -44.90 4.19
CA LEU D 123 -7.86 -44.96 3.23
C LEU D 123 -7.81 -46.32 2.55
N ALA D 124 -8.99 -46.93 2.33
CA ALA D 124 -9.11 -48.21 1.62
C ALA D 124 -10.00 -48.03 0.41
N ILE D 125 -9.77 -48.83 -0.62
CA ILE D 125 -10.54 -48.75 -1.86
C ILE D 125 -10.56 -50.14 -2.51
N HIS D 126 -11.62 -50.45 -3.23
CA HIS D 126 -11.70 -51.75 -3.86
C HIS D 126 -10.67 -51.91 -4.94
N SER D 127 -10.06 -53.09 -5.01
CA SER D 127 -9.34 -53.49 -6.21
C SER D 127 -10.34 -54.26 -7.09
N THR D 128 -9.84 -54.97 -8.09
CA THR D 128 -10.70 -55.84 -8.88
C THR D 128 -10.21 -57.28 -8.79
N HIS D 129 -11.12 -58.20 -9.03
CA HIS D 129 -10.80 -59.61 -8.97
C HIS D 129 -11.43 -60.30 -10.16
N GLY D 130 -10.62 -60.56 -11.18
CA GLY D 130 -11.18 -61.06 -12.43
C GLY D 130 -12.10 -59.99 -12.97
N SER D 131 -13.35 -60.36 -13.20
CA SER D 131 -14.38 -59.43 -13.72
C SER D 131 -15.23 -58.75 -12.61
N LYS D 132 -14.91 -59.07 -11.35
CA LYS D 132 -15.61 -58.55 -10.19
C LYS D 132 -14.78 -57.53 -9.42
N LEU D 133 -15.40 -56.85 -8.48
CA LEU D 133 -14.68 -56.09 -7.50
C LEU D 133 -13.90 -57.05 -6.64
N GLY D 134 -12.68 -56.68 -6.31
CA GLY D 134 -11.85 -57.51 -5.49
C GLY D 134 -11.81 -56.93 -4.11
N PRO D 135 -10.91 -57.46 -3.29
CA PRO D 135 -10.77 -57.03 -1.90
C PRO D 135 -10.31 -55.57 -1.78
N MET D 136 -10.61 -54.93 -0.68
CA MET D 136 -10.13 -53.58 -0.39
C MET D 136 -8.62 -53.56 -0.26
N VAL D 137 -7.98 -52.53 -0.81
CA VAL D 137 -6.57 -52.29 -0.62
C VAL D 137 -6.37 -50.94 0.07
N LYS D 138 -5.27 -50.79 0.80
CA LYS D 138 -5.06 -49.63 1.65
C LYS D 138 -3.91 -48.73 1.23
N VAL D 139 -4.14 -47.44 1.43
CA VAL D 139 -3.07 -46.44 1.53
C VAL D 139 -2.94 -46.07 3.01
N PRO D 140 -1.94 -46.63 3.70
CA PRO D 140 -1.89 -46.52 5.15
C PRO D 140 -1.59 -45.09 5.66
N GLN D 141 -0.89 -44.26 4.89
CA GLN D 141 -0.66 -42.86 5.28
C GLN D 141 -1.32 -41.87 4.33
N PHE D 142 -2.62 -41.98 4.11
CA PHE D 142 -3.27 -41.07 3.18
C PHE D 142 -3.37 -39.64 3.74
N LEU D 143 -2.95 -38.67 2.94
CA LEU D 143 -2.98 -37.26 3.32
C LEU D 143 -4.26 -36.52 2.91
N PHE D 144 -4.82 -35.77 3.83
CA PHE D 144 -6.08 -35.09 3.61
C PHE D 144 -6.18 -33.96 4.61
N SER D 145 -7.29 -33.21 4.58
CA SER D 145 -7.43 -32.09 5.51
C SER D 145 -8.54 -32.32 6.52
N CYS D 146 -8.26 -32.05 7.80
CA CYS D 146 -9.32 -31.93 8.79
C CYS D 146 -9.85 -30.54 8.73
N ALA D 147 -11.00 -30.37 8.10
CA ALA D 147 -11.53 -29.05 7.86
C ALA D 147 -12.47 -28.61 8.96
N PRO D 148 -12.67 -27.28 9.13
CA PRO D 148 -13.63 -26.76 10.12
C PRO D 148 -15.07 -27.21 9.85
N SER D 149 -15.78 -27.50 10.93
CA SER D 149 -17.13 -28.06 10.88
C SER D 149 -18.09 -27.24 10.04
N PHE D 150 -17.91 -25.93 10.06
CA PHE D 150 -18.84 -25.06 9.36
C PHE D 150 -18.80 -25.33 7.85
N LEU D 151 -17.71 -25.89 7.33
CA LEU D 151 -17.51 -25.92 5.88
C LEU D 151 -18.47 -26.82 5.10
N ALA D 152 -18.91 -27.91 5.72
CA ALA D 152 -19.78 -28.88 5.04
C ALA D 152 -21.26 -28.67 5.35
N GLN D 153 -21.56 -27.60 6.09
CA GLN D 153 -22.90 -27.41 6.63
C GLN D 153 -23.87 -26.90 5.59
N LYS D 154 -23.37 -26.49 4.43
CA LYS D 154 -24.25 -25.91 3.44
C LYS D 154 -23.98 -26.40 2.04
N GLY D 155 -25.03 -26.70 1.29
CA GLY D 155 -24.91 -26.88 -0.17
C GLY D 155 -24.66 -28.30 -0.59
N LEU D 156 -24.29 -29.12 0.36
CA LEU D 156 -23.90 -30.46 0.08
C LEU D 156 -25.10 -31.35 0.32
N PRO D 157 -25.09 -32.56 -0.26
CA PRO D 157 -26.15 -33.52 0.09
C PRO D 157 -26.20 -33.77 1.58
N ASN D 158 -27.33 -34.17 2.14
CA ASN D 158 -27.41 -34.29 3.60
C ASN D 158 -26.53 -35.44 4.09
N ASN D 159 -25.92 -35.23 5.25
CA ASN D 159 -25.04 -36.18 5.90
C ASN D 159 -23.70 -36.33 5.22
N VAL D 160 -23.51 -35.62 4.11
CA VAL D 160 -22.20 -35.59 3.47
C VAL D 160 -21.30 -34.66 4.25
N GLN D 161 -20.07 -35.12 4.53
CA GLN D 161 -19.26 -34.47 5.55
C GLN D 161 -17.94 -33.88 5.01
N GLY D 162 -17.85 -33.71 3.69
CA GLY D 162 -16.65 -33.17 3.09
C GLY D 162 -16.63 -33.45 1.61
N ALA D 163 -15.45 -33.40 1.00
CA ALA D 163 -15.31 -33.64 -0.43
C ALA D 163 -14.03 -34.39 -0.76
N LEU D 164 -14.08 -35.16 -1.83
CA LEU D 164 -12.90 -35.74 -2.40
C LEU D 164 -12.58 -35.05 -3.74
N GLY D 165 -11.34 -34.59 -3.88
CA GLY D 165 -10.94 -33.83 -5.05
C GLY D 165 -10.09 -34.66 -6.00
N LEU D 166 -10.37 -34.56 -7.28
CA LEU D 166 -9.64 -35.33 -8.27
C LEU D 166 -8.92 -34.39 -9.20
N GLY D 167 -8.64 -33.20 -8.69
CA GLY D 167 -8.03 -32.15 -9.49
C GLY D 167 -6.56 -32.37 -9.68
N GLN D 168 -5.97 -31.55 -10.53
CA GLN D 168 -4.54 -31.65 -10.80
C GLN D 168 -3.79 -30.93 -9.69
N ALA D 169 -3.51 -31.65 -8.62
CA ALA D 169 -2.91 -31.07 -7.44
C ALA D 169 -2.18 -32.19 -6.72
N PRO D 170 -1.12 -31.86 -5.94
CA PRO D 170 -0.18 -32.88 -5.42
C PRO D 170 -0.73 -33.97 -4.47
N ILE D 171 -1.71 -33.66 -3.61
CA ILE D 171 -2.32 -34.72 -2.82
C ILE D 171 -3.79 -34.90 -3.18
N SER D 172 -4.11 -34.72 -4.45
CA SER D 172 -5.43 -35.06 -4.93
C SER D 172 -5.59 -36.55 -4.75
N LEU D 173 -6.81 -37.04 -4.75
CA LEU D 173 -7.05 -38.45 -4.53
C LEU D 173 -6.38 -39.31 -5.58
N GLN D 174 -6.52 -38.97 -6.86
CA GLN D 174 -5.93 -39.84 -7.86
C GLN D 174 -4.38 -39.80 -7.82
N ASN D 175 -3.78 -38.64 -7.59
CA ASN D 175 -2.35 -38.53 -7.59
C ASN D 175 -1.79 -39.44 -6.49
N GLN D 176 -2.50 -39.55 -5.37
CA GLN D 176 -2.03 -40.40 -4.30
C GLN D 176 -2.21 -41.91 -4.56
N LEU D 177 -3.31 -42.30 -5.20
CA LEU D 177 -3.51 -43.68 -5.55
C LEU D 177 -2.52 -44.14 -6.59
N PHE D 178 -2.32 -43.32 -7.62
CA PHE D 178 -1.35 -43.62 -8.66
C PHE D 178 -0.01 -43.96 -8.06
N SER D 179 0.47 -43.08 -7.19
CA SER D 179 1.82 -43.23 -6.72
C SER D 179 1.93 -44.37 -5.66
N HIS D 180 0.89 -44.63 -4.87
CA HIS D 180 1.02 -45.69 -3.89
C HIS D 180 1.06 -47.04 -4.57
N PHE D 181 0.27 -47.22 -5.62
CA PHE D 181 0.13 -48.54 -6.23
C PHE D 181 0.87 -48.70 -7.56
N GLY D 182 1.53 -47.65 -8.06
CA GLY D 182 2.21 -47.74 -9.35
C GLY D 182 1.27 -47.87 -10.54
N LEU D 183 0.14 -47.17 -10.52
CA LEU D 183 -0.88 -47.23 -11.56
C LEU D 183 -0.51 -46.37 -12.79
N LYS D 184 -1.09 -46.71 -13.94
CA LYS D 184 -1.06 -45.80 -15.07
C LYS D 184 -1.83 -44.54 -14.64
N ARG D 185 -1.33 -43.38 -15.02
CA ARG D 185 -1.94 -42.13 -14.60
C ARG D 185 -3.18 -41.79 -15.45
N GLN D 186 -4.30 -42.41 -15.08
CA GLN D 186 -5.54 -42.30 -15.83
C GLN D 186 -6.71 -42.65 -14.92
N PHE D 187 -7.78 -41.87 -14.98
CA PHE D 187 -9.00 -42.25 -14.30
C PHE D 187 -10.19 -41.99 -15.20
N SER D 188 -11.22 -42.78 -14.99
CA SER D 188 -12.39 -42.77 -15.82
C SER D 188 -13.62 -42.66 -14.96
N VAL D 189 -14.52 -41.79 -15.42
CA VAL D 189 -15.72 -41.50 -14.69
C VAL D 189 -16.93 -41.93 -15.49
N CYS D 190 -17.77 -42.75 -14.87
CA CYS D 190 -19.05 -43.13 -15.44
C CYS D 190 -20.14 -42.89 -14.42
N LEU D 191 -20.69 -41.65 -14.41
CA LEU D 191 -21.75 -41.28 -13.48
C LEU D 191 -23.06 -41.82 -13.94
N SER D 192 -23.82 -42.33 -12.98
CA SER D 192 -25.13 -42.86 -13.26
C SER D 192 -26.17 -41.79 -12.97
N ARG D 193 -27.09 -41.58 -13.91
CA ARG D 193 -28.15 -40.62 -13.70
C ARG D 193 -29.17 -40.95 -12.60
N TYR D 194 -29.23 -42.20 -12.15
CA TYR D 194 -30.25 -42.63 -11.18
C TYR D 194 -29.67 -42.69 -9.79
N SER D 195 -30.38 -42.14 -8.82
CA SER D 195 -29.93 -42.20 -7.43
C SER D 195 -30.05 -43.62 -6.91
N THR D 196 -30.82 -44.43 -7.61
CA THR D 196 -31.13 -45.79 -7.15
C THR D 196 -30.11 -46.78 -7.63
N SER D 197 -29.11 -46.31 -8.36
CA SER D 197 -28.03 -47.20 -8.76
C SER D 197 -26.73 -46.44 -8.85
N ASN D 198 -25.63 -47.11 -8.55
CA ASN D 198 -24.34 -46.45 -8.49
C ASN D 198 -23.66 -46.32 -9.85
N GLY D 199 -22.82 -45.31 -9.97
CA GLY D 199 -21.87 -45.20 -11.06
C GLY D 199 -20.49 -45.45 -10.44
N ALA D 200 -19.43 -45.16 -11.17
CA ALA D 200 -18.11 -45.42 -10.62
C ALA D 200 -17.03 -44.53 -11.18
N ILE D 201 -15.94 -44.45 -10.43
CA ILE D 201 -14.69 -43.94 -10.93
C ILE D 201 -13.68 -45.08 -10.90
N LEU D 202 -12.94 -45.21 -11.99
CA LEU D 202 -11.96 -46.29 -12.09
C LEU D 202 -10.58 -45.65 -12.20
N PHE D 203 -9.62 -46.16 -11.42
CA PHE D 203 -8.28 -45.60 -11.39
C PHE D 203 -7.30 -46.60 -11.98
N GLY D 204 -6.58 -46.19 -13.02
CA GLY D 204 -5.68 -47.12 -13.66
C GLY D 204 -6.03 -47.35 -15.10
N ASP D 205 -5.26 -48.22 -15.73
CA ASP D 205 -5.33 -48.49 -17.15
C ASP D 205 -6.57 -49.30 -17.58
N ILE D 206 -7.34 -48.78 -18.52
CA ILE D 206 -8.45 -49.57 -19.08
C ILE D 206 -8.17 -49.80 -20.55
N ASN D 207 -6.90 -49.94 -20.88
CA ASN D 207 -6.56 -50.00 -22.29
C ASN D 207 -6.10 -51.33 -22.77
N ASP D 208 -6.13 -52.38 -21.94
CA ASP D 208 -5.65 -53.63 -22.53
C ASP D 208 -6.56 -54.81 -22.14
N PRO D 209 -7.57 -55.06 -22.98
CA PRO D 209 -8.57 -56.12 -22.87
C PRO D 209 -8.04 -57.55 -22.70
N ASN D 210 -6.92 -57.88 -23.35
CA ASN D 210 -6.35 -59.22 -23.24
C ASN D 210 -5.86 -59.51 -21.87
N ASN D 211 -5.37 -58.48 -21.21
CA ASN D 211 -4.84 -58.59 -19.88
C ASN D 211 -5.75 -57.94 -18.83
N ASN D 212 -7.01 -57.73 -19.17
CA ASN D 212 -7.94 -57.04 -18.28
C ASN D 212 -9.40 -57.52 -18.42
N ASN D 213 -9.82 -58.48 -17.59
CA ASN D 213 -11.18 -59.04 -17.62
C ASN D 213 -12.25 -58.14 -17.03
N TYR D 214 -11.85 -57.22 -16.17
CA TYR D 214 -12.83 -56.34 -15.53
C TYR D 214 -13.50 -55.44 -16.57
N ILE D 215 -12.75 -55.07 -17.61
CA ILE D 215 -13.28 -54.14 -18.60
C ILE D 215 -13.84 -54.90 -19.81
N HIS D 216 -13.90 -56.22 -19.73
CA HIS D 216 -14.33 -57.00 -20.88
C HIS D 216 -15.77 -56.69 -21.36
N ASN D 217 -16.70 -56.47 -20.44
CA ASN D 217 -18.07 -56.14 -20.82
C ASN D 217 -18.20 -54.76 -21.47
N SER D 218 -17.15 -53.95 -21.39
CA SER D 218 -17.22 -52.61 -21.95
C SER D 218 -16.52 -52.47 -23.28
N LEU D 219 -16.07 -53.57 -23.85
CA LEU D 219 -15.19 -53.49 -24.99
C LEU D 219 -15.73 -52.84 -26.25
N ASP D 220 -17.00 -53.01 -26.58
CA ASP D 220 -17.52 -52.41 -27.80
C ASP D 220 -17.53 -50.89 -27.67
N VAL D 221 -17.81 -50.43 -26.46
CA VAL D 221 -17.77 -49.01 -26.13
C VAL D 221 -16.39 -48.36 -26.29
N LEU D 222 -15.38 -49.05 -25.75
CA LEU D 222 -13.99 -48.62 -25.72
C LEU D 222 -13.42 -48.53 -27.10
N HIS D 223 -13.87 -49.43 -27.93
CA HIS D 223 -13.42 -49.47 -29.29
C HIS D 223 -13.78 -48.20 -30.03
N ASP D 224 -14.88 -47.58 -29.61
CA ASP D 224 -15.43 -46.43 -30.29
C ASP D 224 -15.16 -45.11 -29.58
N LEU D 225 -14.28 -45.13 -28.59
CA LEU D 225 -13.93 -43.91 -27.89
C LEU D 225 -13.35 -42.91 -28.85
N VAL D 226 -13.70 -41.65 -28.63
CA VAL D 226 -13.14 -40.53 -29.36
C VAL D 226 -12.36 -39.65 -28.37
N TYR D 227 -11.21 -39.12 -28.77
CA TYR D 227 -10.33 -38.32 -27.89
C TYR D 227 -10.16 -36.86 -28.32
N THR D 228 -9.91 -35.98 -27.35
CA THR D 228 -9.63 -34.56 -27.61
C THR D 228 -8.62 -34.01 -26.56
N PRO D 229 -7.78 -32.99 -26.91
CA PRO D 229 -6.74 -32.60 -25.95
C PRO D 229 -7.29 -32.02 -24.68
N LEU D 230 -6.61 -32.36 -23.60
CA LEU D 230 -6.96 -31.88 -22.27
C LEU D 230 -6.00 -30.82 -21.84
N THR D 231 -6.53 -29.70 -21.37
CA THR D 231 -5.70 -28.63 -20.81
C THR D 231 -6.10 -28.33 -19.36
N ILE D 232 -5.13 -27.82 -18.59
CA ILE D 232 -5.27 -27.62 -17.13
C ILE D 232 -5.03 -26.14 -16.73
N SER D 233 -5.96 -25.57 -15.96
CA SER D 233 -5.83 -24.18 -15.49
C SER D 233 -4.83 -24.06 -14.33
N LYS D 234 -4.49 -22.83 -13.94
CA LYS D 234 -3.52 -22.65 -12.88
C LYS D 234 -4.02 -23.20 -11.57
N GLN D 235 -5.32 -23.38 -11.49
CA GLN D 235 -5.88 -23.87 -10.25
C GLN D 235 -6.17 -25.36 -10.32
N GLY D 236 -5.73 -25.99 -11.40
CA GLY D 236 -5.81 -27.43 -11.50
C GLY D 236 -7.10 -28.00 -12.05
N GLU D 237 -7.84 -27.16 -12.80
CA GLU D 237 -9.13 -27.52 -13.40
C GLU D 237 -9.00 -28.14 -14.80
N TYR D 238 -9.94 -29.02 -15.13
CA TYR D 238 -9.94 -29.73 -16.39
C TYR D 238 -10.72 -28.99 -17.45
N PHE D 239 -10.04 -28.75 -18.58
CA PHE D 239 -10.59 -28.04 -19.72
C PHE D 239 -10.41 -28.77 -21.02
N ILE D 240 -11.39 -28.63 -21.88
CA ILE D 240 -11.26 -29.01 -23.28
C ILE D 240 -11.63 -27.82 -24.17
N GLN D 241 -11.34 -27.93 -25.45
CA GLN D 241 -11.63 -26.84 -26.34
C GLN D 241 -12.87 -27.14 -27.15
N VAL D 242 -13.88 -26.28 -27.03
CA VAL D 242 -15.07 -26.38 -27.87
C VAL D 242 -15.03 -25.26 -28.90
N ASN D 243 -14.89 -25.61 -30.17
CA ASN D 243 -14.82 -24.59 -31.19
C ASN D 243 -16.18 -24.01 -31.52
N ALA D 244 -17.22 -24.84 -31.41
CA ALA D 244 -18.57 -24.44 -31.74
C ALA D 244 -19.63 -25.38 -31.18
N ILE D 245 -20.83 -24.86 -31.03
CA ILE D 245 -22.02 -25.67 -30.79
C ILE D 245 -22.86 -25.72 -32.04
N ARG D 246 -23.14 -26.93 -32.50
CA ARG D 246 -23.99 -27.19 -33.68
C ARG D 246 -25.42 -27.56 -33.26
N VAL D 247 -26.43 -26.92 -33.79
CA VAL D 247 -27.79 -27.45 -33.65
C VAL D 247 -28.36 -27.60 -35.04
N ASN D 248 -28.53 -28.83 -35.49
CA ASN D 248 -28.85 -29.10 -36.88
C ASN D 248 -27.85 -28.44 -37.78
N LYS D 249 -28.26 -27.44 -38.55
CA LYS D 249 -27.26 -26.79 -39.40
C LYS D 249 -26.88 -25.37 -38.98
N HIS D 250 -27.15 -25.04 -37.71
CA HIS D 250 -26.73 -23.79 -37.07
C HIS D 250 -25.52 -24.01 -36.19
N LEU D 251 -24.54 -23.12 -36.32
CA LEU D 251 -23.32 -23.11 -35.54
C LEU D 251 -23.28 -21.90 -34.63
N VAL D 252 -23.06 -22.13 -33.33
CA VAL D 252 -22.77 -21.03 -32.42
C VAL D 252 -21.25 -21.04 -32.18
N ILE D 253 -20.56 -20.04 -32.72
CA ILE D 253 -19.10 -19.97 -32.71
C ILE D 253 -18.51 -18.87 -31.83
N PRO D 254 -18.05 -19.24 -30.63
CA PRO D 254 -17.42 -18.35 -29.65
C PRO D 254 -16.05 -17.92 -30.15
N THR D 255 -15.64 -16.68 -29.93
CA THR D 255 -14.29 -16.26 -30.28
C THR D 255 -13.40 -16.06 -29.04
N GLU D 272 -3.68 -20.43 -23.96
CA GLU D 272 -4.35 -21.40 -24.81
C GLU D 272 -4.98 -22.59 -24.06
N ILE D 273 -5.58 -22.29 -22.92
CA ILE D 273 -6.34 -23.26 -22.14
C ILE D 273 -7.62 -23.46 -22.95
N GLY D 274 -8.22 -24.65 -22.92
CA GLY D 274 -9.49 -24.84 -23.60
C GLY D 274 -10.55 -23.88 -23.05
N GLY D 275 -11.65 -23.70 -23.77
CA GLY D 275 -12.65 -22.78 -23.32
C GLY D 275 -13.75 -23.45 -22.55
N ALA D 276 -13.76 -24.78 -22.51
CA ALA D 276 -14.84 -25.45 -21.81
C ALA D 276 -14.37 -26.18 -20.55
N LEU D 277 -14.86 -25.75 -19.41
CA LEU D 277 -14.58 -26.41 -18.15
C LEU D 277 -15.40 -27.64 -18.02
N ILE D 278 -14.80 -28.67 -17.45
CA ILE D 278 -15.50 -29.86 -16.99
C ILE D 278 -15.49 -29.89 -15.47
N THR D 279 -16.68 -30.06 -14.87
CA THR D 279 -16.83 -29.97 -13.42
C THR D 279 -17.96 -30.87 -12.90
N THR D 280 -17.93 -31.27 -11.62
CA THR D 280 -19.05 -32.09 -11.08
C THR D 280 -19.82 -31.39 -9.98
N THR D 281 -19.52 -30.15 -9.73
CA THR D 281 -20.05 -29.50 -8.55
C THR D 281 -21.27 -28.61 -8.81
N HIS D 282 -21.79 -28.66 -10.05
CA HIS D 282 -23.15 -28.22 -10.34
C HIS D 282 -23.72 -29.15 -11.42
N PRO D 283 -25.04 -29.41 -11.39
CA PRO D 283 -25.69 -30.37 -12.30
C PRO D 283 -25.80 -29.94 -13.78
N TYR D 284 -26.27 -28.73 -14.07
CA TYR D 284 -26.53 -28.37 -15.46
C TYR D 284 -25.36 -27.65 -16.13
N THR D 285 -25.33 -27.67 -17.45
CA THR D 285 -24.27 -26.95 -18.15
C THR D 285 -24.50 -25.44 -18.18
N VAL D 286 -23.46 -24.69 -17.87
CA VAL D 286 -23.58 -23.27 -17.71
C VAL D 286 -22.94 -22.51 -18.87
N LEU D 287 -23.66 -21.56 -19.45
CA LEU D 287 -23.12 -20.77 -20.54
C LEU D 287 -23.00 -19.33 -20.17
N SER D 288 -21.92 -18.71 -20.62
CA SER D 288 -21.75 -17.31 -20.39
C SER D 288 -22.90 -16.64 -21.11
N HIS D 289 -23.27 -15.47 -20.63
CA HIS D 289 -24.51 -14.85 -21.06
C HIS D 289 -24.65 -14.70 -22.56
N SER D 290 -23.59 -14.26 -23.21
CA SER D 290 -23.67 -14.03 -24.65
C SER D 290 -23.90 -15.32 -25.42
N ILE D 291 -23.23 -16.37 -25.00
CA ILE D 291 -23.40 -17.67 -25.64
C ILE D 291 -24.76 -18.21 -25.29
N PHE D 292 -25.12 -18.06 -24.02
CA PHE D 292 -26.42 -18.51 -23.57
C PHE D 292 -27.57 -17.91 -24.36
N GLU D 293 -27.54 -16.60 -24.59
CA GLU D 293 -28.62 -15.95 -25.30
C GLU D 293 -28.73 -16.37 -26.76
N VAL D 294 -27.60 -16.45 -27.43
CA VAL D 294 -27.54 -16.78 -28.85
C VAL D 294 -27.90 -18.23 -29.08
N PHE D 295 -27.34 -19.08 -28.23
CA PHE D 295 -27.57 -20.51 -28.32
C PHE D 295 -29.05 -20.86 -28.11
N THR D 296 -29.69 -20.25 -27.12
CA THR D 296 -31.09 -20.58 -26.86
C THR D 296 -31.99 -20.12 -28.01
N GLN D 297 -31.66 -19.01 -28.67
CA GLN D 297 -32.49 -18.60 -29.78
C GLN D 297 -32.31 -19.52 -30.98
N VAL D 298 -31.10 -19.87 -31.31
CA VAL D 298 -30.83 -20.84 -32.36
C VAL D 298 -31.59 -22.17 -32.14
N PHE D 299 -31.61 -22.61 -30.89
CA PHE D 299 -32.29 -23.84 -30.55
C PHE D 299 -33.78 -23.66 -30.80
N ALA D 300 -34.34 -22.57 -30.30
CA ALA D 300 -35.76 -22.26 -30.48
C ALA D 300 -36.18 -22.13 -31.95
N ASN D 301 -35.26 -21.65 -32.78
CA ASN D 301 -35.49 -21.58 -34.23
C ASN D 301 -35.47 -22.93 -34.87
N ASN D 302 -34.94 -23.91 -34.16
CA ASN D 302 -34.93 -25.29 -34.64
C ASN D 302 -36.01 -26.09 -33.94
N MET D 303 -37.03 -25.40 -33.46
CA MET D 303 -38.13 -26.03 -32.75
C MET D 303 -39.44 -25.40 -33.19
N PRO D 304 -40.56 -26.10 -32.92
CA PRO D 304 -41.86 -25.49 -33.15
C PRO D 304 -42.07 -24.32 -32.19
N LYS D 305 -42.15 -23.09 -32.70
CA LYS D 305 -42.21 -21.93 -31.81
C LYS D 305 -43.47 -21.89 -30.95
N GLN D 306 -44.52 -22.60 -31.35
CA GLN D 306 -45.74 -22.54 -30.56
C GLN D 306 -45.87 -23.69 -29.59
N ALA D 307 -44.73 -24.30 -29.23
CA ALA D 307 -44.70 -25.38 -28.24
C ALA D 307 -44.12 -24.91 -26.91
N GLN D 308 -43.66 -23.66 -26.89
CA GLN D 308 -43.02 -23.08 -25.71
C GLN D 308 -43.94 -22.78 -24.54
N VAL D 309 -43.35 -22.84 -23.35
CA VAL D 309 -44.01 -22.56 -22.09
C VAL D 309 -43.14 -21.55 -21.33
N LYS D 310 -43.75 -20.79 -20.42
CA LYS D 310 -42.99 -19.86 -19.57
C LYS D 310 -41.87 -20.61 -18.90
N ALA D 311 -40.64 -20.27 -19.26
CA ALA D 311 -39.52 -20.92 -18.59
C ALA D 311 -39.56 -20.53 -17.12
N VAL D 312 -39.36 -21.51 -16.25
CA VAL D 312 -39.39 -21.25 -14.82
C VAL D 312 -38.24 -22.07 -14.26
N GLY D 313 -37.72 -21.64 -13.13
CA GLY D 313 -36.58 -22.27 -12.51
C GLY D 313 -35.33 -21.63 -13.06
N PRO D 314 -34.25 -22.40 -13.20
CA PRO D 314 -33.01 -21.83 -13.71
C PRO D 314 -32.94 -21.76 -15.24
N PHE D 315 -33.96 -22.28 -15.92
CA PHE D 315 -33.94 -22.37 -17.37
C PHE D 315 -34.51 -21.19 -18.10
N GLY D 316 -34.07 -21.04 -19.34
CA GLY D 316 -34.49 -19.95 -20.17
C GLY D 316 -35.43 -20.36 -21.29
N LEU D 317 -35.42 -21.64 -21.64
CA LEU D 317 -36.28 -22.11 -22.74
C LEU D 317 -36.91 -23.43 -22.35
N CYS D 318 -38.21 -23.41 -22.09
CA CYS D 318 -38.91 -24.61 -21.65
C CYS D 318 -40.08 -24.94 -22.57
N TYR D 319 -40.43 -26.23 -22.70
CA TYR D 319 -41.53 -26.65 -23.58
C TYR D 319 -42.58 -27.53 -22.88
N ASP D 320 -43.79 -27.60 -23.45
CA ASP D 320 -44.76 -28.61 -23.04
C ASP D 320 -44.36 -29.94 -23.72
N SER D 321 -44.37 -31.03 -22.98
CA SER D 321 -43.80 -32.29 -23.52
C SER D 321 -44.51 -33.13 -24.59
N ARG D 322 -45.83 -33.31 -24.55
CA ARG D 322 -46.44 -34.15 -25.59
C ARG D 322 -46.56 -33.39 -26.89
N LYS D 323 -46.18 -32.13 -26.82
CA LYS D 323 -46.12 -31.24 -27.97
C LYS D 323 -44.84 -31.44 -28.77
N ILE D 324 -43.73 -31.63 -28.06
CA ILE D 324 -42.41 -31.81 -28.67
C ILE D 324 -41.84 -33.23 -28.86
N SER D 325 -42.52 -34.29 -28.43
CA SER D 325 -41.98 -35.63 -28.70
C SER D 325 -42.15 -36.03 -30.17
N GLY D 326 -42.27 -35.01 -31.03
CA GLY D 326 -42.19 -35.14 -32.47
C GLY D 326 -40.72 -35.01 -32.92
N GLY D 327 -39.78 -35.01 -31.98
CA GLY D 327 -38.35 -35.00 -32.31
C GLY D 327 -37.53 -33.75 -32.00
N ALA D 328 -36.50 -33.89 -31.16
CA ALA D 328 -35.54 -32.80 -30.85
C ALA D 328 -34.28 -32.82 -31.72
N PRO D 329 -33.63 -31.66 -31.93
CA PRO D 329 -32.53 -31.58 -32.89
C PRO D 329 -31.19 -32.13 -32.42
N SER D 330 -30.29 -32.32 -33.39
CA SER D 330 -28.89 -32.61 -33.15
C SER D 330 -28.21 -31.49 -32.36
N VAL D 331 -27.68 -31.80 -31.18
CA VAL D 331 -26.85 -30.81 -30.49
C VAL D 331 -25.44 -31.33 -30.28
N ASP D 332 -24.49 -30.75 -30.99
CA ASP D 332 -23.15 -31.31 -30.97
C ASP D 332 -22.09 -30.29 -30.61
N LEU D 333 -21.12 -30.70 -29.79
CA LEU D 333 -19.93 -29.89 -29.51
C LEU D 333 -18.86 -30.13 -30.53
N ILE D 334 -18.47 -29.08 -31.27
CA ILE D 334 -17.36 -29.20 -32.20
C ILE D 334 -16.12 -28.84 -31.43
N LEU D 335 -15.22 -29.82 -31.37
CA LEU D 335 -14.09 -29.77 -30.45
C LEU D 335 -12.82 -29.28 -31.12
N ASP D 336 -11.76 -29.20 -30.30
CA ASP D 336 -10.48 -28.62 -30.64
C ASP D 336 -10.06 -29.01 -32.06
N LYS D 337 -9.78 -28.00 -32.90
CA LYS D 337 -9.24 -28.20 -34.26
C LYS D 337 -10.23 -28.98 -35.17
N ASN D 338 -11.52 -28.87 -34.84
CA ASN D 338 -12.64 -29.66 -35.37
C ASN D 338 -12.30 -31.06 -35.90
N ASP D 339 -11.47 -31.80 -35.14
CA ASP D 339 -11.11 -33.18 -35.47
C ASP D 339 -12.18 -34.13 -34.95
N ALA D 340 -12.95 -33.65 -33.98
CA ALA D 340 -13.86 -34.51 -33.25
C ALA D 340 -15.13 -33.78 -32.92
N VAL D 341 -16.14 -34.53 -32.53
CA VAL D 341 -17.46 -34.00 -32.24
C VAL D 341 -17.94 -34.71 -30.99
N TRP D 342 -18.46 -34.00 -30.01
CA TRP D 342 -19.13 -34.65 -28.88
C TRP D 342 -20.63 -34.49 -29.02
N ARG D 343 -21.28 -35.50 -29.57
CA ARG D 343 -22.71 -35.45 -29.78
C ARG D 343 -23.48 -35.65 -28.49
N ILE D 344 -24.48 -34.81 -28.28
CA ILE D 344 -25.31 -34.86 -27.09
C ILE D 344 -26.71 -35.33 -27.42
N SER D 345 -27.11 -36.41 -26.76
CA SER D 345 -28.42 -36.99 -26.98
C SER D 345 -29.48 -36.08 -26.38
N SER D 346 -30.63 -36.00 -27.04
CA SER D 346 -31.73 -35.19 -26.54
C SER D 346 -32.32 -35.81 -25.29
N GLU D 347 -31.94 -37.04 -24.98
CA GLU D 347 -32.45 -37.66 -23.76
C GLU D 347 -31.55 -37.19 -22.64
N ASN D 348 -30.40 -36.63 -23.02
CA ASN D 348 -29.49 -36.03 -22.08
C ASN D 348 -29.73 -34.52 -21.87
N PHE D 349 -29.93 -33.72 -22.93
CA PHE D 349 -29.99 -32.25 -22.77
C PHE D 349 -31.38 -31.68 -22.53
N MET D 350 -32.40 -32.52 -22.62
CA MET D 350 -33.76 -32.17 -22.22
C MET D 350 -34.03 -32.61 -20.80
N VAL D 351 -34.50 -31.68 -19.98
CA VAL D 351 -34.77 -31.96 -18.58
C VAL D 351 -36.27 -31.96 -18.31
N GLN D 352 -36.69 -32.86 -17.45
CA GLN D 352 -38.09 -33.02 -17.09
C GLN D 352 -38.36 -32.23 -15.82
N ALA D 353 -39.15 -31.17 -15.93
CA ALA D 353 -39.53 -30.43 -14.73
C ALA D 353 -40.69 -31.12 -14.07
N GLN D 354 -41.87 -30.59 -14.32
CA GLN D 354 -43.07 -31.12 -13.74
C GLN D 354 -44.03 -31.06 -14.85
N ASP D 355 -45.17 -31.71 -14.67
CA ASP D 355 -46.29 -31.40 -15.53
C ASP D 355 -46.00 -31.60 -16.99
N GLY D 356 -45.16 -32.56 -17.35
CA GLY D 356 -44.92 -32.72 -18.78
C GLY D 356 -44.29 -31.48 -19.35
N VAL D 357 -43.45 -30.82 -18.56
CA VAL D 357 -42.74 -29.67 -19.07
C VAL D 357 -41.28 -30.04 -19.07
N SER D 358 -40.69 -29.96 -20.26
CA SER D 358 -39.30 -30.33 -20.46
C SER D 358 -38.49 -29.16 -20.95
N CYS D 359 -37.39 -28.88 -20.25
CA CYS D 359 -36.59 -27.69 -20.50
C CYS D 359 -35.23 -28.00 -21.11
N LEU D 360 -34.77 -27.05 -21.90
CA LEU D 360 -33.44 -27.13 -22.50
C LEU D 360 -32.43 -27.00 -21.37
N GLY D 361 -31.63 -28.04 -21.14
CA GLY D 361 -30.83 -28.10 -19.94
C GLY D 361 -29.57 -27.27 -19.89
N PHE D 362 -29.65 -25.99 -20.25
CA PHE D 362 -28.51 -25.08 -20.13
C PHE D 362 -28.84 -23.83 -19.30
N VAL D 363 -27.90 -23.34 -18.48
CA VAL D 363 -28.16 -22.19 -17.62
C VAL D 363 -27.21 -21.00 -17.87
N ASP D 364 -27.72 -19.80 -17.69
CA ASP D 364 -26.97 -18.59 -17.95
C ASP D 364 -26.00 -18.36 -16.83
N GLY D 365 -24.72 -18.33 -17.18
CA GLY D 365 -23.69 -18.05 -16.19
C GLY D 365 -23.52 -16.57 -15.98
N GLY D 366 -24.28 -15.77 -16.72
CA GLY D 366 -24.21 -14.34 -16.55
C GLY D 366 -22.97 -13.85 -17.27
N VAL D 367 -22.62 -12.60 -17.01
CA VAL D 367 -21.53 -11.91 -17.70
C VAL D 367 -20.17 -12.01 -17.02
N HIS D 368 -20.13 -12.48 -15.77
CA HIS D 368 -18.84 -12.76 -15.15
C HIS D 368 -18.67 -14.24 -14.88
N ALA D 369 -19.13 -15.05 -15.83
CA ALA D 369 -18.98 -16.48 -15.73
C ALA D 369 -17.50 -16.81 -15.83
N ARG D 370 -17.09 -17.82 -15.07
CA ARG D 370 -15.69 -18.24 -14.99
C ARG D 370 -15.19 -18.84 -16.33
N ALA D 371 -16.07 -19.54 -17.04
CA ALA D 371 -15.75 -20.06 -18.38
C ALA D 371 -16.91 -19.81 -19.32
N GLY D 372 -16.65 -19.85 -20.64
CA GLY D 372 -17.70 -19.63 -21.63
C GLY D 372 -18.73 -20.75 -21.62
N ILE D 373 -18.22 -21.97 -21.48
CA ILE D 373 -19.00 -23.19 -21.35
C ILE D 373 -18.46 -23.92 -20.14
N ALA D 374 -19.34 -24.32 -19.24
CA ALA D 374 -18.94 -25.17 -18.13
C ALA D 374 -19.79 -26.42 -18.08
N LEU D 375 -19.20 -27.54 -18.48
CA LEU D 375 -19.89 -28.84 -18.54
C LEU D 375 -20.06 -29.46 -17.17
N GLY D 376 -21.30 -29.79 -16.79
CA GLY D 376 -21.59 -30.25 -15.44
C GLY D 376 -21.96 -31.73 -15.31
N ALA D 377 -22.53 -32.09 -14.16
CA ALA D 377 -22.81 -33.49 -13.84
C ALA D 377 -23.81 -34.15 -14.81
N HIS D 378 -24.81 -33.39 -15.22
N HIS D 378 -24.82 -33.42 -15.24
CA HIS D 378 -25.85 -33.89 -16.12
CA HIS D 378 -25.83 -34.01 -16.10
C HIS D 378 -25.25 -34.27 -17.46
C HIS D 378 -25.28 -34.26 -17.50
N HIS D 379 -24.28 -33.49 -17.90
CA HIS D 379 -23.59 -33.79 -19.14
C HIS D 379 -22.83 -35.14 -19.05
N LEU D 380 -22.16 -35.36 -17.93
CA LEU D 380 -21.34 -36.54 -17.76
C LEU D 380 -22.12 -37.83 -17.55
N GLU D 381 -23.29 -37.72 -16.93
CA GLU D 381 -24.07 -38.90 -16.56
C GLU D 381 -24.37 -39.75 -17.78
N GLU D 382 -24.25 -41.07 -17.57
CA GLU D 382 -24.46 -42.12 -18.57
C GLU D 382 -23.50 -42.03 -19.74
N ASN D 383 -22.36 -41.40 -19.48
CA ASN D 383 -21.23 -41.40 -20.41
C ASN D 383 -19.99 -41.89 -19.73
N LEU D 384 -19.14 -42.59 -20.47
CA LEU D 384 -17.82 -42.93 -19.97
C LEU D 384 -16.80 -41.91 -20.46
N VAL D 385 -16.18 -41.20 -19.52
CA VAL D 385 -15.27 -40.14 -19.87
C VAL D 385 -13.91 -40.42 -19.32
N VAL D 386 -12.93 -40.58 -20.20
CA VAL D 386 -11.60 -41.01 -19.81
C VAL D 386 -10.64 -39.83 -19.71
N PHE D 387 -10.08 -39.65 -18.50
CA PHE D 387 -9.08 -38.63 -18.22
C PHE D 387 -7.71 -39.27 -18.28
N ASP D 388 -7.11 -39.15 -19.45
CA ASP D 388 -5.82 -39.73 -19.78
C ASP D 388 -4.76 -38.70 -19.47
N LEU D 389 -4.22 -38.77 -18.27
CA LEU D 389 -3.25 -37.78 -17.83
C LEU D 389 -1.89 -38.02 -18.49
N GLU D 390 -1.62 -39.26 -18.92
CA GLU D 390 -0.33 -39.58 -19.56
C GLU D 390 -0.16 -39.00 -20.97
N ARG D 391 -1.27 -38.89 -21.72
CA ARG D 391 -1.24 -38.36 -23.10
C ARG D 391 -1.92 -37.00 -23.16
N SER D 392 -2.34 -36.51 -21.99
CA SER D 392 -3.02 -35.22 -21.80
C SER D 392 -4.25 -35.07 -22.73
N ARG D 393 -5.19 -36.00 -22.60
CA ARG D 393 -6.36 -36.04 -23.47
C ARG D 393 -7.59 -36.59 -22.72
N VAL D 394 -8.78 -36.27 -23.23
CA VAL D 394 -10.02 -36.80 -22.71
C VAL D 394 -10.68 -37.69 -23.75
N GLY D 395 -11.15 -38.87 -23.36
CA GLY D 395 -11.87 -39.74 -24.26
C GLY D 395 -13.31 -39.91 -23.82
N PHE D 396 -14.22 -40.13 -24.77
CA PHE D 396 -15.62 -40.35 -24.41
C PHE D 396 -16.27 -41.28 -25.41
N ASN D 397 -17.38 -41.91 -24.99
CA ASN D 397 -18.10 -42.83 -25.88
C ASN D 397 -18.72 -42.04 -27.01
N SER D 398 -18.50 -42.50 -28.25
CA SER D 398 -18.99 -41.77 -29.40
C SER D 398 -20.42 -42.13 -29.78
N ASN D 399 -20.96 -43.18 -29.17
CA ASN D 399 -22.40 -43.47 -29.26
C ASN D 399 -22.93 -43.60 -27.84
N SER D 400 -24.25 -43.49 -27.67
CA SER D 400 -24.84 -43.60 -26.34
C SER D 400 -24.62 -45.00 -25.77
N LEU D 401 -24.46 -45.08 -24.46
CA LEU D 401 -24.33 -46.35 -23.79
C LEU D 401 -25.56 -47.19 -24.05
N LYS D 402 -26.69 -46.50 -24.07
CA LYS D 402 -27.98 -47.15 -24.18
C LYS D 402 -28.01 -47.88 -25.52
N SER D 403 -27.30 -47.33 -26.51
CA SER D 403 -27.21 -47.97 -27.83
C SER D 403 -26.34 -49.22 -27.84
N TYR D 404 -25.50 -49.40 -26.82
CA TYR D 404 -24.75 -50.66 -26.69
C TYR D 404 -25.50 -51.60 -25.75
N GLY D 405 -26.64 -51.14 -25.22
CA GLY D 405 -27.39 -51.89 -24.22
C GLY D 405 -26.84 -51.78 -22.81
N LYS D 406 -26.05 -50.73 -22.57
CA LYS D 406 -25.33 -50.55 -21.33
C LYS D 406 -25.81 -49.33 -20.58
N THR D 407 -25.48 -49.30 -19.29
CA THR D 407 -25.64 -48.12 -18.47
C THR D 407 -24.37 -47.94 -17.67
N CYS D 408 -24.22 -46.79 -17.02
CA CYS D 408 -23.05 -46.55 -16.19
C CYS D 408 -23.07 -47.45 -14.95
N SER D 409 -24.22 -48.03 -14.60
CA SER D 409 -24.22 -48.97 -13.49
C SER D 409 -23.79 -50.35 -13.88
N ASN D 410 -24.07 -50.74 -15.13
CA ASN D 410 -23.77 -52.10 -15.52
C ASN D 410 -22.65 -52.20 -16.55
N LEU D 411 -22.01 -51.08 -16.88
CA LEU D 411 -20.90 -51.15 -17.81
C LEU D 411 -19.80 -52.00 -17.18
N PHE D 412 -19.64 -51.85 -15.86
CA PHE D 412 -18.72 -52.65 -15.06
C PHE D 412 -19.46 -53.28 -13.90
N ASP D 413 -18.91 -54.36 -13.37
CA ASP D 413 -19.51 -55.06 -12.22
C ASP D 413 -19.21 -54.30 -10.95
N LEU D 414 -20.22 -53.69 -10.35
CA LEU D 414 -20.05 -52.89 -9.14
C LEU D 414 -20.70 -53.51 -7.93
N ASN D 415 -21.00 -54.81 -8.02
CA ASN D 415 -21.59 -55.54 -6.89
C ASN D 415 -20.52 -55.98 -5.89
N ASN D 416 -20.83 -55.91 -4.60
CA ASN D 416 -19.78 -56.00 -3.59
C ASN D 416 -19.56 -57.43 -3.05
N PRO D 417 -18.27 -57.87 -2.94
CA PRO D 417 -17.97 -59.14 -2.26
C PRO D 417 -18.04 -59.03 -0.75
N LYS E 11 6.86 -55.63 -10.59
CA LYS E 11 7.26 -54.33 -10.06
C LYS E 11 8.24 -54.48 -8.88
N PRO E 12 9.47 -53.97 -9.06
CA PRO E 12 10.62 -54.10 -8.17
C PRO E 12 10.42 -53.36 -6.86
N ASN E 13 11.08 -53.83 -5.80
CA ASN E 13 10.95 -53.23 -4.49
C ASN E 13 12.15 -52.38 -4.16
N LEU E 14 13.13 -52.38 -5.03
CA LEU E 14 14.33 -51.61 -4.75
C LEU E 14 15.05 -51.28 -6.03
N LEU E 15 15.49 -50.03 -6.15
CA LEU E 15 16.26 -49.55 -7.28
C LEU E 15 17.58 -49.02 -6.81
N VAL E 16 18.58 -49.13 -7.66
CA VAL E 16 19.94 -48.80 -7.27
C VAL E 16 20.59 -47.96 -8.33
N LEU E 17 21.17 -46.84 -7.90
CA LEU E 17 21.91 -45.98 -8.80
C LEU E 17 23.33 -45.77 -8.33
N PRO E 18 24.29 -46.31 -9.08
CA PRO E 18 25.69 -46.07 -8.71
C PRO E 18 26.12 -44.63 -8.92
N VAL E 19 26.90 -44.10 -7.98
CA VAL E 19 27.36 -42.73 -8.03
C VAL E 19 28.87 -42.74 -7.86
N GLN E 20 29.54 -41.78 -8.47
CA GLN E 20 30.98 -41.75 -8.43
C GLN E 20 31.51 -40.40 -7.98
N GLU E 21 32.59 -40.43 -7.20
CA GLU E 21 33.26 -39.23 -6.75
C GLU E 21 34.21 -38.71 -7.84
N ASP E 22 34.18 -37.39 -8.04
CA ASP E 22 35.09 -36.72 -8.95
C ASP E 22 36.18 -36.09 -8.13
N ALA E 23 37.42 -36.53 -8.36
CA ALA E 23 38.54 -36.12 -7.54
C ALA E 23 38.84 -34.64 -7.64
N SER E 24 38.80 -34.14 -8.85
CA SER E 24 39.13 -32.75 -9.12
C SER E 24 38.22 -31.80 -8.38
N THR E 25 36.91 -32.03 -8.47
CA THR E 25 35.93 -31.10 -7.91
C THR E 25 35.43 -31.50 -6.53
N GLY E 26 35.59 -32.78 -6.18
CA GLY E 26 35.10 -33.25 -4.90
C GLY E 26 33.59 -33.49 -4.93
N LEU E 27 32.99 -33.36 -6.11
CA LEU E 27 31.56 -33.56 -6.27
C LEU E 27 31.30 -34.96 -6.77
N HIS E 28 30.04 -35.38 -6.75
CA HIS E 28 29.62 -36.72 -7.17
C HIS E 28 28.70 -36.65 -8.38
N TRP E 29 28.76 -37.65 -9.24
CA TRP E 29 27.96 -37.68 -10.46
C TRP E 29 27.52 -39.12 -10.77
N ALA E 30 26.54 -39.28 -11.64
CA ALA E 30 26.04 -40.61 -12.02
C ALA E 30 25.79 -40.74 -13.52
N ASN E 31 26.01 -41.93 -14.06
CA ASN E 31 25.53 -42.24 -15.39
C ASN E 31 24.07 -42.67 -15.36
N ILE E 32 23.23 -41.84 -15.95
CA ILE E 32 21.83 -42.12 -16.03
C ILE E 32 21.49 -42.63 -17.41
N HIS E 33 20.68 -43.68 -17.46
CA HIS E 33 20.23 -44.25 -18.73
C HIS E 33 18.92 -43.62 -19.20
N LYS E 34 18.95 -43.05 -20.39
CA LYS E 34 17.82 -42.35 -20.97
C LYS E 34 17.66 -42.59 -22.46
N ARG E 35 16.46 -42.27 -22.96
CA ARG E 35 16.15 -42.25 -24.40
C ARG E 35 15.89 -43.61 -25.02
N THR E 36 15.40 -43.60 -26.25
CA THR E 36 15.26 -44.82 -27.03
C THR E 36 15.96 -44.64 -28.38
N PRO E 37 17.05 -45.39 -28.62
CA PRO E 37 17.66 -46.44 -27.79
C PRO E 37 18.30 -45.91 -26.52
N LEU E 38 18.40 -46.77 -25.51
CA LEU E 38 18.88 -46.37 -24.21
C LEU E 38 20.35 -45.93 -24.27
N MET E 39 20.72 -44.85 -23.58
CA MET E 39 22.13 -44.46 -23.53
C MET E 39 22.48 -43.77 -22.19
N GLN E 40 23.75 -43.49 -21.95
CA GLN E 40 24.19 -42.97 -20.65
C GLN E 40 24.41 -41.49 -20.66
N VAL E 41 23.87 -40.83 -19.64
CA VAL E 41 24.04 -39.40 -19.43
C VAL E 41 24.74 -39.10 -18.12
N PRO E 42 25.95 -38.50 -18.16
CA PRO E 42 26.62 -38.13 -16.92
C PRO E 42 25.99 -36.86 -16.35
N LEU E 43 25.50 -36.95 -15.12
CA LEU E 43 24.83 -35.84 -14.45
C LEU E 43 25.31 -35.68 -13.03
N LEU E 44 25.38 -34.43 -12.60
CA LEU E 44 25.76 -34.07 -11.25
C LEU E 44 24.68 -34.52 -10.28
N LEU E 45 25.11 -35.11 -9.18
CA LEU E 45 24.22 -35.48 -8.11
C LEU E 45 23.87 -34.24 -7.29
N ASP E 46 22.61 -33.80 -7.37
CA ASP E 46 22.19 -32.60 -6.66
C ASP E 46 21.06 -32.94 -5.72
N LEU E 47 21.40 -33.22 -4.47
CA LEU E 47 20.45 -33.69 -3.47
C LEU E 47 19.20 -32.81 -3.34
N ASN E 48 19.38 -31.49 -3.35
CA ASN E 48 18.25 -30.59 -3.11
C ASN E 48 17.60 -30.08 -4.41
N GLY E 49 18.07 -30.56 -5.55
CA GLY E 49 17.57 -30.12 -6.84
C GLY E 49 16.13 -30.52 -7.07
N LYS E 50 15.36 -29.62 -7.66
CA LYS E 50 13.93 -29.86 -7.82
C LYS E 50 13.59 -30.81 -8.96
N HIS E 51 14.50 -30.95 -9.92
CA HIS E 51 14.26 -31.83 -11.04
C HIS E 51 15.57 -32.20 -11.73
N LEU E 52 15.49 -33.13 -12.68
CA LEU E 52 16.62 -33.47 -13.53
C LEU E 52 16.67 -32.49 -14.71
N TRP E 53 17.83 -31.93 -15.01
CA TRP E 53 17.92 -31.11 -16.21
C TRP E 53 19.16 -31.44 -16.99
N VAL E 54 19.04 -31.27 -18.29
CA VAL E 54 20.15 -31.58 -19.15
C VAL E 54 20.12 -30.57 -20.28
N THR E 55 21.29 -30.29 -20.83
CA THR E 55 21.37 -29.53 -22.04
C THR E 55 20.94 -30.50 -23.15
N CYS E 56 20.02 -30.08 -24.00
CA CYS E 56 19.52 -30.90 -25.11
C CYS E 56 20.06 -30.37 -26.42
N SER E 57 20.42 -31.25 -27.34
CA SER E 57 21.12 -30.82 -28.55
C SER E 57 20.31 -30.91 -29.85
N GLN E 58 20.93 -30.48 -30.94
CA GLN E 58 20.43 -30.78 -32.28
C GLN E 58 20.55 -32.27 -32.52
N HIS E 59 21.56 -32.87 -31.87
CA HIS E 59 21.86 -34.28 -32.03
C HIS E 59 21.25 -35.13 -30.93
N TYR E 60 20.24 -34.58 -30.26
CA TYR E 60 19.47 -35.34 -29.30
C TYR E 60 18.66 -36.30 -30.15
N SER E 61 18.97 -37.59 -30.04
CA SER E 61 18.28 -38.61 -30.82
C SER E 61 17.50 -39.62 -29.95
N SER E 62 16.17 -39.66 -30.13
CA SER E 62 15.30 -40.56 -29.37
C SER E 62 13.93 -40.71 -30.04
N SER E 63 13.47 -41.95 -30.15
CA SER E 63 12.17 -42.22 -30.76
C SER E 63 11.07 -42.11 -29.73
N THR E 64 11.44 -41.82 -28.49
CA THR E 64 10.45 -41.71 -27.44
C THR E 64 10.40 -40.33 -26.80
N TYR E 65 11.10 -39.36 -27.38
CA TYR E 65 11.13 -38.00 -26.82
C TYR E 65 9.88 -37.18 -27.16
N GLN E 66 9.41 -36.37 -26.21
CA GLN E 66 8.32 -35.41 -26.45
C GLN E 66 8.48 -34.11 -25.68
N ALA E 67 8.01 -33.01 -26.24
CA ALA E 67 7.89 -31.78 -25.48
C ALA E 67 6.42 -31.53 -25.18
N PRO E 68 5.99 -31.69 -23.90
CA PRO E 68 4.58 -31.49 -23.58
C PRO E 68 4.10 -30.11 -24.01
N PHE E 69 2.84 -29.98 -24.42
CA PHE E 69 2.33 -28.68 -24.85
C PHE E 69 1.95 -27.84 -23.67
N CYS E 70 1.91 -26.51 -23.86
CA CYS E 70 1.62 -25.65 -22.74
C CYS E 70 0.22 -25.91 -22.17
N HIS E 71 0.10 -25.88 -20.84
CA HIS E 71 -1.16 -26.14 -20.10
C HIS E 71 -1.57 -27.62 -20.10
N SER E 72 -0.65 -28.49 -20.53
CA SER E 72 -0.92 -29.93 -20.53
C SER E 72 -0.87 -30.51 -19.12
N THR E 73 -1.36 -31.74 -18.97
CA THR E 73 -1.25 -32.41 -17.69
C THR E 73 0.21 -32.65 -17.26
N GLN E 74 1.12 -32.88 -18.20
CA GLN E 74 2.51 -32.99 -17.81
C GLN E 74 3.03 -31.71 -17.22
N CYS E 75 2.66 -30.59 -17.84
CA CYS E 75 3.11 -29.29 -17.36
C CYS E 75 2.50 -29.00 -15.99
N SER E 76 1.25 -29.41 -15.82
CA SER E 76 0.61 -29.27 -14.53
C SER E 76 1.38 -30.04 -13.44
N ARG E 77 1.72 -31.28 -13.75
CA ARG E 77 2.44 -32.08 -12.78
C ARG E 77 3.80 -31.45 -12.43
N ALA E 78 4.44 -30.85 -13.41
CA ALA E 78 5.73 -30.21 -13.19
C ALA E 78 5.57 -28.89 -12.47
N ASN E 79 4.34 -28.44 -12.28
CA ASN E 79 4.06 -27.18 -11.58
C ASN E 79 4.64 -25.98 -12.31
N THR E 80 4.50 -25.99 -13.64
CA THR E 80 4.82 -24.83 -14.47
C THR E 80 3.65 -24.50 -15.37
N HIS E 81 3.16 -23.27 -15.27
CA HIS E 81 2.05 -22.86 -16.13
C HIS E 81 2.43 -21.63 -16.96
N GLN E 82 3.74 -21.40 -17.03
CA GLN E 82 4.34 -20.37 -17.86
C GLN E 82 4.86 -20.96 -19.18
N CYS E 83 4.34 -20.48 -20.31
CA CYS E 83 4.62 -21.11 -21.61
C CYS E 83 5.98 -20.85 -22.20
N PHE E 84 6.43 -21.76 -23.06
CA PHE E 84 7.77 -21.65 -23.62
C PHE E 84 7.75 -21.22 -25.08
N THR E 85 8.62 -20.26 -25.39
CA THR E 85 8.81 -19.79 -26.76
C THR E 85 10.29 -19.87 -27.12
N CYS E 86 10.64 -20.59 -28.18
CA CYS E 86 12.04 -20.68 -28.56
C CYS E 86 12.32 -20.09 -29.89
N THR E 87 13.08 -19.00 -29.85
CA THR E 87 13.50 -18.39 -31.09
C THR E 87 15.05 -18.41 -31.03
N ASP E 88 15.58 -19.28 -30.16
CA ASP E 88 17.02 -19.61 -30.14
C ASP E 88 17.23 -20.08 -31.55
N SER E 89 17.11 -21.37 -31.78
CA SER E 89 16.95 -21.75 -33.16
C SER E 89 15.53 -21.33 -33.56
N THR E 90 15.27 -21.11 -34.85
CA THR E 90 13.92 -20.89 -35.34
C THR E 90 13.39 -22.14 -36.12
N THR E 91 14.07 -23.30 -36.07
CA THR E 91 13.51 -24.58 -36.56
C THR E 91 13.44 -25.44 -35.30
N THR E 92 12.59 -26.45 -35.25
CA THR E 92 12.44 -27.15 -33.98
C THR E 92 13.51 -28.22 -33.75
N ARG E 93 13.76 -28.49 -32.47
CA ARG E 93 14.75 -29.47 -32.02
C ARG E 93 14.40 -29.78 -30.59
N PRO E 94 14.96 -30.87 -30.03
CA PRO E 94 14.72 -31.06 -28.60
C PRO E 94 15.17 -29.82 -27.85
N GLY E 95 14.29 -29.25 -27.04
CA GLY E 95 14.62 -28.04 -26.30
C GLY E 95 14.19 -26.70 -26.91
N CYS E 96 13.74 -26.70 -28.16
CA CYS E 96 13.27 -25.45 -28.82
C CYS E 96 12.04 -25.73 -29.73
N HIS E 97 10.83 -25.49 -29.18
CA HIS E 97 9.53 -25.57 -29.90
C HIS E 97 8.75 -24.35 -29.39
N ASN E 98 7.60 -23.99 -29.98
CA ASN E 98 6.79 -23.06 -29.22
C ASN E 98 5.55 -23.80 -28.82
N ASN E 99 4.71 -23.12 -28.05
CA ASN E 99 3.48 -23.67 -27.45
C ASN E 99 3.86 -24.85 -26.54
N THR E 100 5.06 -24.79 -25.97
CA THR E 100 5.50 -25.72 -24.95
C THR E 100 5.52 -24.99 -23.62
N CYS E 101 6.06 -25.61 -22.57
CA CYS E 101 6.16 -24.89 -21.29
C CYS E 101 7.55 -24.83 -20.67
N GLY E 102 7.78 -23.75 -19.96
CA GLY E 102 9.06 -23.39 -19.39
C GLY E 102 9.32 -23.76 -17.95
N LEU E 103 10.57 -24.10 -17.68
CA LEU E 103 10.97 -24.56 -16.37
C LEU E 103 12.29 -23.90 -15.96
N LEU E 104 12.33 -23.28 -14.77
CA LEU E 104 13.58 -22.69 -14.34
C LEU E 104 14.48 -23.74 -13.71
N SER E 105 15.68 -23.91 -14.27
CA SER E 105 16.67 -24.85 -13.78
C SER E 105 17.84 -24.12 -13.13
N SER E 106 18.42 -24.68 -12.08
CA SER E 106 19.50 -23.97 -11.40
C SER E 106 20.80 -24.77 -11.39
N ASN E 107 21.90 -24.09 -11.70
CA ASN E 107 23.22 -24.65 -11.50
C ASN E 107 23.55 -24.41 -10.06
N PRO E 108 23.62 -25.50 -9.29
CA PRO E 108 23.72 -25.40 -7.84
C PRO E 108 25.08 -24.94 -7.37
N VAL E 109 26.08 -25.03 -8.24
CA VAL E 109 27.43 -24.57 -7.92
C VAL E 109 27.56 -23.07 -8.09
N THR E 110 27.13 -22.59 -9.24
CA THR E 110 27.29 -21.19 -9.57
C THR E 110 26.11 -20.33 -9.15
N GLN E 111 25.01 -20.99 -8.79
CA GLN E 111 23.76 -20.36 -8.40
C GLN E 111 23.06 -19.69 -9.54
N GLU E 112 23.63 -19.82 -10.73
CA GLU E 112 22.93 -19.37 -11.93
C GLU E 112 21.76 -20.25 -12.18
N SER E 113 20.74 -19.65 -12.78
CA SER E 113 19.59 -20.38 -13.27
C SER E 113 19.19 -19.95 -14.67
N GLY E 114 18.42 -20.79 -15.37
CA GLY E 114 18.04 -20.49 -16.72
C GLY E 114 16.73 -21.14 -17.02
N LEU E 115 15.98 -20.58 -17.95
CA LEU E 115 14.69 -21.13 -18.28
C LEU E 115 14.79 -22.20 -19.37
N GLY E 116 14.46 -23.43 -19.01
CA GLY E 116 14.46 -24.52 -19.96
C GLY E 116 13.06 -24.92 -20.42
N GLU E 117 13.01 -25.94 -21.26
CA GLU E 117 11.75 -26.45 -21.78
C GLU E 117 11.46 -27.82 -21.17
N LEU E 118 10.24 -28.02 -20.69
CA LEU E 118 9.88 -29.32 -20.13
C LEU E 118 9.98 -30.39 -21.22
N ALA E 119 10.54 -31.54 -20.86
CA ALA E 119 10.76 -32.64 -21.78
C ALA E 119 10.27 -33.92 -21.12
N GLN E 120 10.04 -34.92 -21.97
CA GLN E 120 9.58 -36.24 -21.54
C GLN E 120 10.31 -37.31 -22.38
N ASP E 121 10.87 -38.34 -21.75
CA ASP E 121 11.57 -39.37 -22.51
C ASP E 121 11.67 -40.57 -21.60
N VAL E 122 12.25 -41.66 -22.10
CA VAL E 122 12.53 -42.86 -21.32
C VAL E 122 13.71 -42.63 -20.35
N LEU E 123 13.54 -43.01 -19.07
CA LEU E 123 14.68 -43.21 -18.14
C LEU E 123 14.68 -44.67 -17.65
N ALA E 124 15.87 -45.28 -17.54
CA ALA E 124 16.01 -46.63 -17.01
C ALA E 124 16.96 -46.67 -15.81
N ILE E 125 16.75 -47.64 -14.94
CA ILE E 125 17.57 -47.73 -13.75
C ILE E 125 17.59 -49.18 -13.29
N HIS E 126 18.67 -49.60 -12.63
CA HIS E 126 18.80 -50.99 -12.19
C HIS E 126 17.79 -51.43 -11.15
N SER E 127 17.25 -52.63 -11.31
CA SER E 127 16.55 -53.29 -10.22
C SER E 127 17.51 -54.18 -9.47
N THR E 128 17.01 -55.03 -8.59
CA THR E 128 17.89 -55.96 -7.91
C THR E 128 17.48 -57.38 -8.15
N HIS E 129 18.47 -58.26 -8.10
CA HIS E 129 18.25 -59.67 -8.32
C HIS E 129 19.04 -60.47 -7.31
N GLY E 130 18.38 -60.96 -6.28
CA GLY E 130 19.09 -61.62 -5.19
C GLY E 130 20.03 -60.67 -4.48
N SER E 131 21.30 -61.06 -4.36
CA SER E 131 22.25 -60.20 -3.70
C SER E 131 22.91 -59.31 -4.73
N LYS E 132 22.50 -59.44 -5.98
CA LYS E 132 23.14 -58.72 -7.08
C LYS E 132 22.25 -57.63 -7.67
N LEU E 133 22.81 -56.82 -8.57
CA LEU E 133 22.00 -55.93 -9.41
C LEU E 133 21.13 -56.71 -10.40
N GLY E 134 19.91 -56.24 -10.63
CA GLY E 134 19.05 -56.92 -11.57
C GLY E 134 18.93 -56.13 -12.86
N PRO E 135 18.00 -56.55 -13.72
CA PRO E 135 17.82 -55.88 -15.02
C PRO E 135 17.31 -54.44 -14.90
N MET E 136 17.61 -53.63 -15.90
CA MET E 136 17.12 -52.27 -16.00
C MET E 136 15.63 -52.25 -16.11
N VAL E 137 15.00 -51.31 -15.41
CA VAL E 137 13.58 -51.07 -15.54
C VAL E 137 13.38 -49.63 -15.98
N LYS E 138 12.30 -49.39 -16.73
CA LYS E 138 12.10 -48.11 -17.41
C LYS E 138 10.93 -47.28 -16.93
N VAL E 139 11.11 -45.96 -16.92
CA VAL E 139 10.02 -44.98 -16.86
C VAL E 139 9.90 -44.34 -18.23
N PRO E 140 8.92 -44.77 -19.04
CA PRO E 140 8.80 -44.38 -20.46
C PRO E 140 8.43 -42.92 -20.65
N GLN E 141 7.84 -42.31 -19.64
CA GLN E 141 7.47 -40.90 -19.71
C GLN E 141 8.12 -40.10 -18.58
N PHE E 142 9.44 -40.16 -18.48
CA PHE E 142 10.13 -39.40 -17.43
C PHE E 142 10.20 -37.89 -17.78
N LEU E 143 9.78 -37.03 -16.85
CA LEU E 143 9.78 -35.59 -17.08
C LEU E 143 11.04 -34.87 -16.57
N PHE E 144 11.56 -34.00 -17.40
CA PHE E 144 12.80 -33.36 -17.06
C PHE E 144 12.89 -32.06 -17.83
N SER E 145 13.97 -31.32 -17.69
CA SER E 145 14.09 -30.06 -18.39
C SER E 145 15.22 -30.10 -19.38
N CYS E 146 14.97 -29.65 -20.59
CA CYS E 146 16.04 -29.37 -21.51
C CYS E 146 16.47 -27.96 -21.18
N ALA E 147 17.59 -27.83 -20.48
CA ALA E 147 18.03 -26.55 -19.95
C ALA E 147 18.87 -25.82 -20.97
N PRO E 148 18.97 -24.49 -20.85
CA PRO E 148 19.84 -23.71 -21.75
C PRO E 148 21.31 -24.15 -21.64
N SER E 149 22.04 -24.18 -22.76
CA SER E 149 23.39 -24.73 -22.83
C SER E 149 24.41 -24.08 -21.84
N PHE E 150 24.25 -22.79 -21.58
CA PHE E 150 25.19 -22.06 -20.74
C PHE E 150 25.25 -22.62 -19.33
N LEU E 151 24.18 -23.29 -18.93
CA LEU E 151 23.95 -23.66 -17.54
C LEU E 151 24.97 -24.68 -17.04
N ALA E 152 25.45 -25.53 -17.93
CA ALA E 152 26.40 -26.56 -17.54
C ALA E 152 27.86 -26.20 -17.92
N GLN E 153 28.05 -24.99 -18.42
CA GLN E 153 29.32 -24.59 -19.01
C GLN E 153 30.37 -24.22 -17.93
N LYS E 154 29.89 -24.07 -16.68
CA LYS E 154 30.73 -23.74 -15.49
C LYS E 154 30.46 -24.53 -14.18
N GLY E 155 31.51 -24.99 -13.53
CA GLY E 155 31.44 -25.53 -12.17
C GLY E 155 31.27 -27.04 -11.96
N LEU E 156 30.91 -27.75 -13.03
CA LEU E 156 30.55 -29.16 -12.92
C LEU E 156 31.76 -30.04 -13.26
N PRO E 157 31.73 -31.34 -12.85
CA PRO E 157 32.81 -32.22 -13.33
C PRO E 157 32.83 -32.21 -14.86
N ASN E 158 33.97 -32.50 -15.46
CA ASN E 158 34.07 -32.29 -16.90
C ASN E 158 33.15 -33.24 -17.64
N ASN E 159 32.51 -32.65 -18.65
CA ASN E 159 31.60 -33.33 -19.55
C ASN E 159 30.27 -33.72 -18.91
N VAL E 160 30.07 -33.36 -17.65
CA VAL E 160 28.76 -33.60 -17.05
C VAL E 160 27.88 -32.54 -17.68
N GLN E 161 26.68 -32.94 -18.12
CA GLN E 161 25.89 -32.10 -19.00
C GLN E 161 24.57 -31.73 -18.35
N GLY E 162 24.49 -31.82 -17.03
CA GLY E 162 23.26 -31.47 -16.33
C GLY E 162 23.33 -31.97 -14.92
N ALA E 163 22.18 -32.04 -14.23
CA ALA E 163 22.14 -32.49 -12.84
C ALA E 163 20.88 -33.30 -12.58
N LEU E 164 20.96 -34.25 -11.66
CA LEU E 164 19.77 -34.98 -11.22
C LEU E 164 19.41 -34.50 -9.84
N GLY E 165 18.15 -34.12 -9.68
CA GLY E 165 17.71 -33.54 -8.44
C GLY E 165 16.90 -34.51 -7.62
N LEU E 166 17.17 -34.54 -6.32
CA LEU E 166 16.45 -35.42 -5.41
C LEU E 166 15.71 -34.62 -4.34
N GLY E 167 15.38 -33.37 -4.64
CA GLY E 167 14.77 -32.51 -3.67
C GLY E 167 13.33 -32.90 -3.43
N GLN E 168 12.71 -32.21 -2.49
CA GLN E 168 11.28 -32.36 -2.20
C GLN E 168 10.47 -31.50 -3.17
N ALA E 169 10.16 -32.06 -4.33
CA ALA E 169 9.52 -31.28 -5.37
C ALA E 169 8.86 -32.27 -6.31
N PRO E 170 7.78 -31.87 -6.99
CA PRO E 170 6.92 -32.84 -7.67
C PRO E 170 7.55 -33.66 -8.81
N ILE E 171 8.51 -33.16 -9.56
CA ILE E 171 9.09 -34.06 -10.56
C ILE E 171 10.57 -34.37 -10.29
N SER E 172 10.91 -34.42 -9.00
CA SER E 172 12.24 -34.87 -8.60
C SER E 172 12.40 -36.32 -9.02
N LEU E 173 13.64 -36.79 -9.10
CA LEU E 173 13.87 -38.14 -9.55
C LEU E 173 13.23 -39.17 -8.65
N GLN E 174 13.44 -39.07 -7.34
CA GLN E 174 12.89 -40.09 -6.46
C GLN E 174 11.36 -40.03 -6.47
N ASN E 175 10.76 -38.84 -6.52
CA ASN E 175 9.30 -38.74 -6.51
C ASN E 175 8.73 -39.44 -7.75
N GLN E 176 9.43 -39.38 -8.86
CA GLN E 176 8.95 -40.03 -10.06
C GLN E 176 9.17 -41.55 -10.02
N LEU E 177 10.27 -42.00 -9.43
CA LEU E 177 10.51 -43.43 -9.28
C LEU E 177 9.52 -44.05 -8.31
N PHE E 178 9.30 -43.38 -7.19
CA PHE E 178 8.31 -43.81 -6.22
C PHE E 178 6.96 -44.04 -6.85
N SER E 179 6.51 -43.06 -7.62
CA SER E 179 5.14 -43.08 -8.08
C SER E 179 4.97 -44.07 -9.25
N HIS E 180 5.97 -44.19 -10.10
CA HIS E 180 5.82 -45.10 -11.22
C HIS E 180 5.81 -46.56 -10.74
N PHE E 181 6.62 -46.90 -9.74
CA PHE E 181 6.76 -48.29 -9.32
C PHE E 181 6.02 -48.64 -8.02
N GLY E 182 5.41 -47.66 -7.38
CA GLY E 182 4.71 -47.90 -6.13
C GLY E 182 5.67 -48.26 -5.01
N LEU E 183 6.84 -47.63 -4.98
CA LEU E 183 7.86 -47.91 -3.96
C LEU E 183 7.49 -47.21 -2.67
N LYS E 184 7.97 -47.74 -1.55
CA LYS E 184 7.89 -46.99 -0.30
C LYS E 184 8.69 -45.69 -0.49
N ARG E 185 8.24 -44.58 0.11
CA ARG E 185 8.91 -43.26 -0.04
C ARG E 185 10.14 -43.12 0.88
N GLN E 186 11.27 -43.61 0.41
CA GLN E 186 12.47 -43.64 1.20
C GLN E 186 13.65 -43.75 0.25
N PHE E 187 14.72 -43.01 0.47
CA PHE E 187 15.93 -43.32 -0.27
C PHE E 187 17.13 -43.18 0.62
N SER E 188 18.20 -43.88 0.26
CA SER E 188 19.39 -43.95 1.06
C SER E 188 20.61 -43.59 0.22
N VAL E 189 21.48 -42.78 0.78
CA VAL E 189 22.68 -42.31 0.10
C VAL E 189 23.96 -42.79 0.75
N CYS E 190 24.80 -43.45 -0.03
CA CYS E 190 26.09 -43.86 0.46
C CYS E 190 27.19 -43.39 -0.49
N LEU E 191 27.69 -42.18 -0.26
CA LEU E 191 28.74 -41.66 -1.10
C LEU E 191 30.11 -42.27 -0.77
N SER E 192 30.88 -42.53 -1.81
CA SER E 192 32.21 -43.05 -1.65
C SER E 192 33.24 -41.94 -1.59
N ARG E 193 34.13 -42.04 -0.61
CA ARG E 193 35.25 -41.15 -0.46
C ARG E 193 36.27 -41.31 -1.58
N TYR E 194 36.26 -42.46 -2.25
CA TYR E 194 37.29 -42.80 -3.23
C TYR E 194 36.85 -42.62 -4.66
N SER E 195 37.73 -42.01 -5.46
CA SER E 195 37.46 -41.82 -6.88
C SER E 195 37.58 -43.16 -7.60
N THR E 196 38.22 -44.13 -6.94
CA THR E 196 38.45 -45.45 -7.55
C THR E 196 37.34 -46.48 -7.29
N SER E 197 36.36 -46.15 -6.45
CA SER E 197 35.23 -47.04 -6.23
C SER E 197 33.94 -46.24 -6.03
N ASN E 198 32.83 -46.78 -6.52
CA ASN E 198 31.55 -46.09 -6.50
C ASN E 198 30.80 -46.20 -5.20
N GLY E 199 29.93 -45.23 -4.98
CA GLY E 199 28.90 -45.35 -3.98
C GLY E 199 27.54 -45.57 -4.64
N ALA E 200 26.44 -45.45 -3.90
CA ALA E 200 25.11 -45.73 -4.45
C ALA E 200 23.99 -44.93 -3.78
N ILE E 201 22.88 -44.79 -4.52
CA ILE E 201 21.60 -44.36 -3.98
C ILE E 201 20.63 -45.52 -4.11
N LEU E 202 19.89 -45.81 -3.05
CA LEU E 202 18.94 -46.91 -3.05
C LEU E 202 17.58 -46.32 -2.93
N PHE E 203 16.65 -46.80 -3.75
CA PHE E 203 15.29 -46.27 -3.73
C PHE E 203 14.33 -47.37 -3.35
N GLY E 204 13.55 -47.15 -2.31
CA GLY E 204 12.64 -48.18 -1.83
C GLY E 204 12.97 -48.50 -0.39
N ASP E 205 12.20 -49.42 0.17
CA ASP E 205 12.32 -49.77 1.57
C ASP E 205 13.50 -50.70 1.78
N ILE E 206 14.45 -50.33 2.64
CA ILE E 206 15.59 -51.21 2.80
C ILE E 206 15.33 -52.19 3.91
N ASN E 207 14.22 -52.03 4.62
CA ASN E 207 13.89 -52.89 5.74
C ASN E 207 12.78 -53.79 5.32
N ASP E 208 12.66 -53.94 4.02
CA ASP E 208 11.62 -54.73 3.43
C ASP E 208 12.26 -56.06 3.21
N PRO E 209 11.76 -57.08 3.92
CA PRO E 209 12.21 -58.47 3.88
C PRO E 209 12.39 -58.97 2.45
N ASN E 210 11.64 -58.43 1.50
CA ASN E 210 11.87 -58.79 0.10
C ASN E 210 13.23 -58.29 -0.40
N ASN E 211 13.75 -57.23 0.19
CA ASN E 211 15.01 -56.73 -0.31
C ASN E 211 16.13 -57.30 0.50
N ASN E 212 15.78 -58.29 1.29
CA ASN E 212 16.71 -58.77 2.29
C ASN E 212 18.05 -59.31 1.74
N ASN E 213 18.09 -59.97 0.58
CA ASN E 213 19.38 -60.52 0.22
C ASN E 213 20.27 -59.43 -0.30
N TYR E 214 19.64 -58.48 -0.92
CA TYR E 214 20.45 -57.46 -1.53
C TYR E 214 21.15 -56.64 -0.45
N ILE E 215 20.46 -56.40 0.65
CA ILE E 215 20.98 -55.55 1.71
C ILE E 215 21.61 -56.36 2.83
N HIS E 216 21.77 -57.67 2.64
CA HIS E 216 22.23 -58.53 3.71
C HIS E 216 23.58 -58.12 4.31
N ASN E 217 24.52 -57.70 3.48
CA ASN E 217 25.83 -57.33 3.99
C ASN E 217 25.81 -56.02 4.82
N SER E 218 24.69 -55.29 4.82
CA SER E 218 24.62 -54.06 5.60
C SER E 218 23.83 -54.18 6.90
N LEU E 219 23.43 -55.39 7.27
CA LEU E 219 22.49 -55.58 8.37
C LEU E 219 22.97 -55.13 9.74
N ASP E 220 24.26 -55.25 10.01
CA ASP E 220 24.75 -54.82 11.31
C ASP E 220 24.68 -53.32 11.40
N VAL E 221 24.97 -52.65 10.30
CA VAL E 221 24.91 -51.20 10.23
C VAL E 221 23.49 -50.63 10.50
N LEU E 222 22.49 -51.22 9.87
CA LEU E 222 21.10 -50.79 9.99
C LEU E 222 20.57 -50.97 11.40
N HIS E 223 21.06 -52.01 12.05
CA HIS E 223 20.69 -52.35 13.41
C HIS E 223 21.04 -51.20 14.35
N ASP E 224 22.11 -50.49 14.02
CA ASP E 224 22.64 -49.46 14.89
C ASP E 224 22.35 -48.04 14.42
N LEU E 225 21.52 -47.89 13.38
CA LEU E 225 21.20 -46.56 12.90
C LEU E 225 20.57 -45.68 13.95
N VAL E 226 20.95 -44.41 13.91
CA VAL E 226 20.43 -43.37 14.78
C VAL E 226 19.61 -42.38 13.94
N TYR E 227 18.48 -41.93 14.46
CA TYR E 227 17.57 -41.07 13.71
C TYR E 227 17.39 -39.68 14.32
N THR E 228 17.08 -38.69 13.49
CA THR E 228 16.76 -37.34 13.95
C THR E 228 15.71 -36.76 13.01
N PRO E 229 14.85 -35.85 13.50
CA PRO E 229 13.76 -35.34 12.65
C PRO E 229 14.25 -34.58 11.43
N LEU E 230 13.55 -34.80 10.32
CA LEU E 230 13.87 -34.15 9.07
C LEU E 230 12.84 -33.05 8.79
N THR E 231 13.33 -31.86 8.45
CA THR E 231 12.47 -30.75 8.05
C THR E 231 12.80 -30.28 6.63
N ILE E 232 11.81 -29.75 5.93
CA ILE E 232 11.94 -29.41 4.51
C ILE E 232 11.66 -27.94 4.28
N SER E 233 12.52 -27.23 3.55
CA SER E 233 12.28 -25.80 3.32
C SER E 233 11.19 -25.61 2.29
N LYS E 234 10.72 -24.36 2.14
CA LYS E 234 9.67 -24.05 1.18
C LYS E 234 10.18 -24.29 -0.25
N GLN E 235 11.49 -24.45 -0.40
CA GLN E 235 12.06 -24.76 -1.70
C GLN E 235 12.47 -26.25 -1.87
N GLY E 236 12.12 -27.06 -0.88
CA GLY E 236 12.29 -28.49 -0.99
C GLY E 236 13.63 -29.05 -0.58
N GLU E 237 14.40 -28.28 0.19
CA GLU E 237 15.71 -28.70 0.68
C GLU E 237 15.62 -29.46 2.00
N TYR E 238 16.59 -30.33 2.23
CA TYR E 238 16.64 -31.15 3.44
C TYR E 238 17.43 -30.50 4.57
N PHE E 239 16.81 -30.42 5.75
CA PHE E 239 17.41 -29.79 6.91
C PHE E 239 17.31 -30.71 8.11
N ILE E 240 18.30 -30.67 9.00
CA ILE E 240 18.16 -31.25 10.33
C ILE E 240 18.52 -30.22 11.39
N GLN E 241 18.27 -30.52 12.66
CA GLN E 241 18.58 -29.60 13.76
C GLN E 241 19.87 -29.92 14.50
N VAL E 242 20.81 -28.99 14.49
CA VAL E 242 22.03 -29.11 15.28
C VAL E 242 21.96 -28.12 16.43
N ASN E 243 21.88 -28.67 17.64
CA ASN E 243 21.80 -27.88 18.85
C ASN E 243 23.14 -27.28 19.24
N ALA E 244 24.22 -27.98 18.89
CA ALA E 244 25.57 -27.54 19.19
C ALA E 244 26.60 -28.31 18.38
N ILE E 245 27.75 -27.68 18.19
CA ILE E 245 28.93 -28.37 17.72
C ILE E 245 29.93 -28.54 18.88
N ARG E 246 30.22 -29.78 19.25
CA ARG E 246 31.08 -30.07 20.40
C ARG E 246 32.51 -30.42 20.01
N VAL E 247 33.48 -29.76 20.63
CA VAL E 247 34.89 -30.09 20.51
C VAL E 247 35.42 -30.32 21.91
N ASN E 248 35.77 -31.56 22.23
CA ASN E 248 36.12 -31.95 23.58
C ASN E 248 35.00 -31.52 24.51
N LYS E 249 35.28 -30.58 25.41
CA LYS E 249 34.20 -30.11 26.29
C LYS E 249 33.75 -28.68 25.95
N HIS E 250 34.01 -28.21 24.74
CA HIS E 250 33.55 -26.90 24.34
C HIS E 250 32.35 -27.03 23.39
N LEU E 251 31.23 -26.38 23.71
CA LEU E 251 30.03 -26.47 22.86
C LEU E 251 29.63 -25.16 22.22
N VAL E 252 29.63 -25.15 20.90
CA VAL E 252 29.27 -24.00 20.08
C VAL E 252 27.81 -24.04 19.67
N ILE E 253 27.04 -23.01 20.05
CA ILE E 253 25.60 -23.00 19.83
C ILE E 253 25.29 -22.16 18.60
N PRO E 254 24.89 -22.83 17.50
CA PRO E 254 24.65 -22.23 16.19
C PRO E 254 23.47 -21.28 16.07
N THR E 255 23.70 -20.19 15.33
CA THR E 255 22.69 -19.26 14.77
C THR E 255 23.44 -18.16 14.00
N GLY E 271 7.76 -27.03 15.58
CA GLY E 271 7.59 -26.57 14.21
C GLY E 271 8.43 -25.35 13.84
N GLU E 272 9.74 -25.58 13.80
CA GLU E 272 10.74 -24.61 13.36
C GLU E 272 11.68 -25.41 12.47
N ILE E 273 12.12 -24.88 11.34
CA ILE E 273 13.00 -25.65 10.45
C ILE E 273 14.35 -25.82 11.13
N GLY E 274 14.97 -26.98 10.92
CA GLY E 274 16.31 -27.22 11.43
C GLY E 274 17.30 -26.23 10.84
N GLY E 275 18.45 -26.07 11.48
CA GLY E 275 19.44 -25.10 11.03
C GLY E 275 20.56 -25.63 10.17
N ALA E 276 20.64 -26.95 10.00
CA ALA E 276 21.73 -27.51 9.24
C ALA E 276 21.23 -28.04 7.90
N LEU E 277 21.70 -27.43 6.83
CA LEU E 277 21.35 -27.88 5.49
C LEU E 277 22.16 -29.11 5.19
N ILE E 278 21.56 -30.08 4.51
CA ILE E 278 22.33 -31.17 3.93
C ILE E 278 22.36 -31.05 2.41
N THR E 279 23.55 -31.09 1.82
CA THR E 279 23.74 -30.86 0.39
C THR E 279 24.88 -31.68 -0.20
N THR E 280 24.85 -31.91 -1.51
CA THR E 280 25.92 -32.65 -2.17
C THR E 280 26.70 -31.78 -3.15
N THR E 281 26.41 -30.48 -3.19
CA THR E 281 26.93 -29.65 -4.26
C THR E 281 28.14 -28.78 -3.85
N HIS E 282 28.65 -29.02 -2.64
CA HIS E 282 30.02 -28.64 -2.30
C HIS E 282 30.59 -29.68 -1.34
N PRO E 283 31.90 -29.98 -1.44
CA PRO E 283 32.59 -31.03 -0.69
C PRO E 283 32.76 -30.74 0.80
N TYR E 284 33.20 -29.54 1.13
CA TYR E 284 33.52 -29.26 2.52
C TYR E 284 32.30 -28.68 3.21
N THR E 285 32.30 -28.75 4.53
CA THR E 285 31.22 -28.18 5.30
C THR E 285 31.36 -26.66 5.43
N VAL E 286 30.25 -25.95 5.21
CA VAL E 286 30.23 -24.49 5.13
C VAL E 286 29.51 -23.87 6.33
N LEU E 287 30.18 -22.92 6.97
CA LEU E 287 29.65 -22.23 8.14
C LEU E 287 29.43 -20.76 7.88
N SER E 288 28.35 -20.22 8.43
CA SER E 288 28.10 -18.78 8.33
C SER E 288 29.22 -18.09 9.08
N HIS E 289 29.52 -16.83 8.74
CA HIS E 289 30.71 -16.21 9.29
C HIS E 289 30.76 -16.19 10.84
N SER E 290 29.64 -15.87 11.50
CA SER E 290 29.64 -15.77 12.95
C SER E 290 29.98 -17.09 13.61
N ILE E 291 29.40 -18.17 13.08
CA ILE E 291 29.69 -19.51 13.57
C ILE E 291 31.10 -19.97 13.21
N PHE E 292 31.50 -19.69 11.97
CA PHE E 292 32.84 -20.03 11.50
C PHE E 292 33.97 -19.45 12.36
N GLU E 293 33.92 -18.16 12.62
CA GLU E 293 35.00 -17.52 13.35
C GLU E 293 35.06 -18.08 14.78
N VAL E 294 33.91 -18.30 15.38
CA VAL E 294 33.87 -18.85 16.72
C VAL E 294 34.32 -20.30 16.75
N PHE E 295 33.80 -21.10 15.81
CA PHE E 295 34.13 -22.52 15.77
C PHE E 295 35.60 -22.76 15.53
N THR E 296 36.16 -22.01 14.60
CA THR E 296 37.56 -22.21 14.23
C THR E 296 38.50 -21.91 15.40
N GLN E 297 38.13 -20.90 16.18
CA GLN E 297 38.93 -20.49 17.33
C GLN E 297 38.82 -21.55 18.40
N VAL E 298 37.60 -22.03 18.66
CA VAL E 298 37.38 -23.09 19.62
C VAL E 298 38.21 -24.32 19.29
N PHE E 299 38.27 -24.64 18.01
CA PHE E 299 39.02 -25.81 17.62
C PHE E 299 40.49 -25.65 17.90
N ALA E 300 41.04 -24.50 17.50
CA ALA E 300 42.44 -24.20 17.68
C ALA E 300 42.86 -24.28 19.14
N ASN E 301 41.91 -23.93 20.01
CA ASN E 301 42.08 -23.99 21.45
C ASN E 301 42.16 -25.41 21.97
N ASN E 302 41.66 -26.37 21.17
CA ASN E 302 41.73 -27.76 21.57
C ASN E 302 42.80 -28.53 20.79
N MET E 303 43.78 -27.78 20.32
CA MET E 303 44.85 -28.35 19.53
C MET E 303 46.15 -27.80 19.95
N PRO E 304 47.24 -28.51 19.60
CA PRO E 304 48.56 -27.92 19.84
C PRO E 304 48.72 -26.60 19.08
N LYS E 305 48.83 -25.52 19.85
CA LYS E 305 48.72 -24.16 19.33
C LYS E 305 49.85 -23.72 18.39
N GLN E 306 51.04 -24.28 18.55
CA GLN E 306 52.25 -23.92 17.71
C GLN E 306 52.55 -24.88 16.57
N ALA E 307 51.56 -25.59 16.08
CA ALA E 307 51.75 -26.46 14.95
C ALA E 307 51.07 -25.82 13.76
N GLN E 308 50.45 -24.68 14.01
CA GLN E 308 49.69 -24.00 12.99
C GLN E 308 50.54 -23.41 11.86
N VAL E 309 49.94 -23.34 10.68
CA VAL E 309 50.55 -22.79 9.48
C VAL E 309 49.58 -21.73 8.94
N LYS E 310 50.13 -20.73 8.25
CA LYS E 310 49.30 -19.74 7.59
C LYS E 310 48.35 -20.49 6.69
N ALA E 311 47.07 -20.18 6.82
CA ALA E 311 46.01 -20.87 6.11
C ALA E 311 46.19 -20.93 4.60
N VAL E 312 45.79 -22.06 4.02
CA VAL E 312 46.01 -22.33 2.62
C VAL E 312 44.71 -22.79 1.98
N GLY E 313 44.55 -22.47 0.70
CA GLY E 313 43.39 -22.90 -0.03
C GLY E 313 42.25 -22.08 0.48
N PRO E 314 41.08 -22.72 0.59
CA PRO E 314 39.82 -22.15 1.10
C PRO E 314 39.72 -22.14 2.64
N PHE E 315 40.74 -22.68 3.30
CA PHE E 315 40.67 -22.90 4.73
C PHE E 315 41.16 -21.73 5.55
N GLY E 316 40.70 -21.70 6.81
CA GLY E 316 41.05 -20.63 7.74
C GLY E 316 42.02 -21.07 8.83
N LEU E 317 42.11 -22.38 9.06
CA LEU E 317 42.98 -22.92 10.09
C LEU E 317 43.74 -24.18 9.63
N CYS E 318 45.05 -24.06 9.43
CA CYS E 318 45.87 -25.18 8.97
C CYS E 318 46.99 -25.49 9.95
N TYR E 319 47.45 -26.75 9.91
CA TYR E 319 48.48 -27.22 10.82
C TYR E 319 49.70 -27.83 10.11
N ASP E 320 50.73 -28.06 10.92
CA ASP E 320 52.04 -28.61 10.56
C ASP E 320 52.06 -30.10 10.14
N SER E 321 53.20 -30.53 9.63
CA SER E 321 53.36 -31.88 9.15
C SER E 321 53.32 -32.80 10.34
N ARG E 322 53.95 -32.32 11.41
CA ARG E 322 53.91 -32.93 12.75
C ARG E 322 52.66 -33.83 12.75
N LYS E 323 52.91 -35.13 12.54
CA LYS E 323 51.91 -36.15 12.21
C LYS E 323 50.48 -35.78 12.58
N ILE E 324 50.24 -35.72 13.90
CA ILE E 324 49.02 -35.24 14.61
C ILE E 324 48.33 -36.21 15.61
N SER E 325 48.80 -37.46 15.74
CA SER E 325 48.22 -38.32 16.78
C SER E 325 48.64 -37.82 18.18
N GLY E 326 48.52 -36.52 18.40
CA GLY E 326 48.75 -35.90 19.70
C GLY E 326 47.51 -35.22 20.24
N GLY E 327 46.56 -34.83 19.39
CA GLY E 327 45.33 -34.35 19.97
C GLY E 327 44.19 -33.91 19.07
N ALA E 328 44.11 -34.41 17.83
CA ALA E 328 42.96 -34.12 16.96
C ALA E 328 41.68 -34.47 17.68
N PRO E 329 40.93 -33.44 18.09
CA PRO E 329 39.79 -33.66 18.98
C PRO E 329 38.48 -34.16 18.37
N SER E 330 37.65 -34.51 19.34
CA SER E 330 36.24 -34.75 19.18
C SER E 330 35.54 -33.70 18.36
N VAL E 331 34.90 -34.04 17.26
CA VAL E 331 33.95 -33.12 16.67
C VAL E 331 32.60 -33.80 16.52
N ASP E 332 31.64 -33.36 17.32
CA ASP E 332 30.33 -34.00 17.35
C ASP E 332 29.24 -32.99 17.16
N LEU E 333 28.24 -33.38 16.36
CA LEU E 333 27.04 -32.61 16.22
C LEU E 333 26.03 -33.08 17.24
N ILE E 334 25.62 -32.18 18.11
CA ILE E 334 24.58 -32.54 19.04
C ILE E 334 23.26 -32.23 18.36
N LEU E 335 22.44 -33.23 18.22
CA LEU E 335 21.28 -33.09 17.37
C LEU E 335 20.03 -32.72 18.13
N ASP E 336 18.94 -32.71 17.37
CA ASP E 336 17.63 -32.33 17.85
C ASP E 336 17.36 -32.92 19.23
N LYS E 337 17.11 -32.02 20.18
CA LYS E 337 16.72 -32.34 21.55
C LYS E 337 17.79 -33.18 22.29
N ASN E 338 19.01 -33.10 21.79
CA ASN E 338 20.14 -33.85 22.30
C ASN E 338 19.90 -35.37 22.31
N ASP E 339 18.96 -35.84 21.50
CA ASP E 339 18.63 -37.27 21.49
C ASP E 339 19.65 -38.08 20.75
N ALA E 340 20.38 -37.42 19.88
CA ALA E 340 21.29 -38.13 19.02
C ALA E 340 22.53 -37.30 18.82
N VAL E 341 23.59 -37.95 18.41
CA VAL E 341 24.85 -37.26 18.25
C VAL E 341 25.38 -37.79 16.94
N TRP E 342 25.85 -36.90 16.09
CA TRP E 342 26.57 -37.31 14.91
C TRP E 342 28.06 -37.02 15.04
N ARG E 343 28.83 -38.03 15.39
CA ARG E 343 30.26 -37.88 15.57
C ARG E 343 30.94 -37.74 14.23
N ILE E 344 31.85 -36.80 14.10
CA ILE E 344 32.58 -36.67 12.85
C ILE E 344 34.01 -37.14 13.05
N SER E 345 34.42 -38.08 12.21
CA SER E 345 35.71 -38.71 12.35
C SER E 345 36.78 -37.67 12.16
N SER E 346 37.86 -37.82 12.92
CA SER E 346 38.90 -36.82 12.97
C SER E 346 39.68 -36.62 11.67
N GLU E 347 39.49 -37.46 10.67
CA GLU E 347 40.08 -37.14 9.38
C GLU E 347 38.95 -37.07 8.38
N ASN E 348 37.74 -37.42 8.79
CA ASN E 348 36.60 -37.10 7.98
C ASN E 348 36.70 -35.57 7.83
N PHE E 349 37.00 -34.87 8.93
CA PHE E 349 37.09 -33.41 8.88
C PHE E 349 38.51 -32.83 8.69
N MET E 350 39.57 -33.64 8.75
CA MET E 350 40.90 -33.12 8.41
C MET E 350 41.27 -33.44 6.99
N VAL E 351 41.55 -32.41 6.23
CA VAL E 351 41.89 -32.59 4.83
C VAL E 351 43.35 -32.22 4.59
N GLN E 352 43.98 -32.88 3.64
CA GLN E 352 45.38 -32.64 3.38
C GLN E 352 45.65 -31.63 2.23
N ALA E 353 45.26 -32.00 1.01
CA ALA E 353 45.32 -31.11 -0.16
C ALA E 353 46.73 -30.68 -0.58
N GLN E 354 47.68 -30.96 0.28
CA GLN E 354 49.07 -30.56 0.08
C GLN E 354 49.95 -31.71 0.52
N ASP E 355 51.23 -31.60 0.23
CA ASP E 355 52.28 -32.49 0.73
C ASP E 355 52.15 -32.94 2.21
N GLY E 356 52.52 -32.06 3.13
CA GLY E 356 52.51 -32.38 4.54
C GLY E 356 51.73 -31.39 5.38
N VAL E 357 50.73 -30.76 4.78
CA VAL E 357 49.89 -29.84 5.53
C VAL E 357 48.48 -30.34 5.57
N SER E 358 47.98 -30.48 6.79
CA SER E 358 46.68 -31.04 7.02
C SER E 358 45.76 -29.94 7.59
N CYS E 359 44.65 -29.69 6.90
CA CYS E 359 43.77 -28.57 7.25
C CYS E 359 42.39 -28.99 7.77
N LEU E 360 41.85 -28.12 8.62
CA LEU E 360 40.50 -28.27 9.14
C LEU E 360 39.52 -28.00 8.03
N GLY E 361 38.79 -29.04 7.63
CA GLY E 361 37.97 -28.99 6.43
C GLY E 361 36.62 -28.33 6.59
N PHE E 362 36.60 -27.17 7.22
CA PHE E 362 35.39 -26.37 7.32
C PHE E 362 35.64 -25.01 6.73
N VAL E 363 34.69 -24.49 5.96
CA VAL E 363 34.89 -23.21 5.28
C VAL E 363 33.83 -22.14 5.63
N ASP E 364 34.27 -20.88 5.56
CA ASP E 364 33.47 -19.72 5.89
C ASP E 364 32.50 -19.45 4.74
N GLY E 365 31.20 -19.45 5.03
CA GLY E 365 30.17 -19.17 4.02
C GLY E 365 29.90 -17.71 3.73
N GLY E 366 30.62 -16.81 4.40
CA GLY E 366 30.45 -15.38 4.22
C GLY E 366 29.33 -14.90 5.12
N VAL E 367 28.90 -13.66 4.92
CA VAL E 367 27.91 -13.11 5.82
C VAL E 367 26.51 -13.31 5.26
N HIS E 368 26.43 -13.64 3.98
CA HIS E 368 25.15 -13.91 3.34
C HIS E 368 25.10 -15.37 2.88
N ALA E 369 25.60 -16.25 3.74
CA ALA E 369 25.53 -17.70 3.52
C ALA E 369 24.09 -18.17 3.62
N ARG E 370 23.77 -19.24 2.90
CA ARG E 370 22.38 -19.71 2.83
C ARG E 370 21.90 -20.22 4.20
N ALA E 371 22.74 -20.96 4.91
CA ALA E 371 22.37 -21.46 6.23
C ALA E 371 23.56 -21.38 7.20
N GLY E 372 23.28 -21.54 8.50
CA GLY E 372 24.32 -21.46 9.51
C GLY E 372 25.33 -22.58 9.37
N ILE E 373 24.84 -23.77 9.06
CA ILE E 373 25.64 -24.96 8.79
C ILE E 373 25.18 -25.61 7.51
N ALA E 374 26.12 -25.88 6.60
CA ALA E 374 25.77 -26.65 5.42
C ALA E 374 26.69 -27.85 5.30
N LEU E 375 26.17 -29.02 5.65
CA LEU E 375 26.91 -30.27 5.61
C LEU E 375 27.02 -30.74 4.16
N GLY E 376 28.24 -30.97 3.68
CA GLY E 376 28.49 -31.23 2.26
C GLY E 376 28.90 -32.66 1.93
N ALA E 377 29.52 -32.85 0.77
CA ALA E 377 29.84 -34.18 0.27
C ALA E 377 30.81 -34.98 1.15
N HIS E 378 31.84 -34.31 1.68
CA HIS E 378 32.84 -34.99 2.49
C HIS E 378 32.27 -35.51 3.79
N HIS E 379 31.33 -34.75 4.33
CA HIS E 379 30.60 -35.17 5.51
C HIS E 379 29.79 -36.46 5.25
N LEU E 380 29.15 -36.52 4.09
CA LEU E 380 28.33 -37.68 3.80
C LEU E 380 29.11 -38.92 3.38
N GLU E 381 30.29 -38.73 2.80
CA GLU E 381 31.05 -39.85 2.26
C GLU E 381 31.38 -40.87 3.34
N GLU E 382 31.24 -42.12 2.96
CA GLU E 382 31.47 -43.25 3.85
C GLU E 382 30.50 -43.26 4.99
N ASN E 383 29.35 -42.66 4.78
CA ASN E 383 28.20 -42.78 5.68
C ASN E 383 27.00 -43.26 4.91
N LEU E 384 26.21 -44.11 5.56
CA LEU E 384 24.94 -44.52 5.05
C LEU E 384 23.89 -43.63 5.68
N VAL E 385 23.22 -42.85 4.85
CA VAL E 385 22.28 -41.86 5.32
C VAL E 385 20.90 -42.16 4.74
N VAL E 386 19.95 -42.46 5.61
CA VAL E 386 18.60 -42.86 5.19
C VAL E 386 17.59 -41.73 5.28
N PHE E 387 17.00 -41.37 4.14
CA PHE E 387 15.97 -40.36 4.09
C PHE E 387 14.60 -41.01 4.10
N ASP E 388 14.03 -41.10 5.29
CA ASP E 388 12.74 -41.74 5.46
C ASP E 388 11.62 -40.69 5.33
N LEU E 389 11.08 -40.55 4.13
CA LEU E 389 10.13 -39.51 3.91
C LEU E 389 8.81 -39.84 4.56
N GLU E 390 8.52 -41.11 4.78
CA GLU E 390 7.25 -41.49 5.39
C GLU E 390 7.13 -41.11 6.86
N ARG E 391 8.28 -41.06 7.54
CA ARG E 391 8.32 -40.73 8.96
C ARG E 391 8.96 -39.37 9.20
N SER E 392 9.35 -38.71 8.11
CA SER E 392 10.02 -37.40 8.14
C SER E 392 11.24 -37.36 9.07
N ARG E 393 12.18 -38.27 8.83
CA ARG E 393 13.39 -38.40 9.63
C ARG E 393 14.52 -38.89 8.78
N VAL E 394 15.73 -38.62 9.24
CA VAL E 394 16.96 -39.10 8.62
C VAL E 394 17.64 -40.05 9.56
N GLY E 395 18.18 -41.15 9.04
CA GLY E 395 18.94 -42.10 9.83
C GLY E 395 20.38 -42.16 9.35
N PHE E 396 21.32 -42.45 10.26
CA PHE E 396 22.74 -42.58 9.89
C PHE E 396 23.46 -43.62 10.75
N ASN E 397 24.58 -44.13 10.26
CA ASN E 397 25.36 -45.09 11.01
C ASN E 397 25.90 -44.45 12.28
N SER E 398 25.71 -45.12 13.41
CA SER E 398 26.12 -44.55 14.67
C SER E 398 27.59 -44.86 15.00
N ASN E 399 28.19 -45.80 14.26
CA ASN E 399 29.63 -46.08 14.30
C ASN E 399 30.14 -45.99 12.87
N SER E 400 31.45 -45.81 12.67
CA SER E 400 31.99 -45.68 11.31
C SER E 400 31.79 -46.98 10.55
N LEU E 401 31.64 -46.88 9.24
CA LEU E 401 31.52 -48.05 8.38
C LEU E 401 32.76 -48.90 8.56
N LYS E 402 33.89 -48.21 8.71
CA LYS E 402 35.18 -48.85 8.85
C LYS E 402 35.21 -49.72 10.12
N SER E 403 34.44 -49.34 11.14
CA SER E 403 34.38 -50.16 12.34
C SER E 403 33.60 -51.46 12.09
N TYR E 404 32.87 -51.51 10.98
CA TYR E 404 32.19 -52.71 10.57
C TYR E 404 32.99 -53.49 9.54
N GLY E 405 34.13 -52.94 9.15
CA GLY E 405 34.88 -53.55 8.07
C GLY E 405 34.24 -53.24 6.74
N LYS E 406 33.45 -52.16 6.69
CA LYS E 406 32.70 -51.84 5.47
C LYS E 406 33.09 -50.50 4.85
N THR E 407 32.74 -50.34 3.59
CA THR E 407 32.86 -49.06 2.90
C THR E 407 31.56 -48.84 2.17
N CYS E 408 31.34 -47.64 1.64
CA CYS E 408 30.15 -47.39 0.86
C CYS E 408 30.22 -48.19 -0.42
N SER E 409 31.42 -48.54 -0.81
CA SER E 409 31.60 -49.31 -2.02
C SER E 409 31.32 -50.80 -1.86
N ASN E 410 31.51 -51.39 -0.68
CA ASN E 410 31.28 -52.83 -0.61
C ASN E 410 30.11 -53.22 0.27
N LEU E 411 29.36 -52.23 0.72
CA LEU E 411 28.16 -52.51 1.49
C LEU E 411 27.15 -53.26 0.63
N PHE E 412 27.08 -52.87 -0.63
CA PHE E 412 26.16 -53.49 -1.58
C PHE E 412 26.89 -53.96 -2.81
N ASP E 413 26.32 -54.96 -3.48
CA ASP E 413 26.86 -55.48 -4.72
C ASP E 413 26.52 -54.50 -5.83
N LEU E 414 27.52 -53.81 -6.35
CA LEU E 414 27.28 -52.82 -7.39
C LEU E 414 27.80 -53.35 -8.72
N ASN E 415 28.00 -54.66 -8.77
CA ASN E 415 28.38 -55.29 -10.02
C ASN E 415 27.12 -55.52 -10.81
N ASN E 416 27.16 -55.13 -12.08
CA ASN E 416 26.07 -55.26 -13.06
C ASN E 416 25.40 -56.63 -13.21
N SER F 10 26.47 24.63 46.53
CA SER F 10 25.17 24.09 46.92
C SER F 10 24.72 22.94 45.99
N LYS F 11 25.61 22.50 45.11
CA LYS F 11 25.28 21.48 44.09
C LYS F 11 25.94 20.16 44.44
N PRO F 12 25.13 19.14 44.69
CA PRO F 12 25.58 17.82 45.13
C PRO F 12 26.36 17.12 44.03
N ASN F 13 27.28 16.26 44.44
CA ASN F 13 28.11 15.57 43.50
C ASN F 13 27.69 14.11 43.41
N LEU F 14 26.74 13.73 44.26
CA LEU F 14 26.24 12.37 44.30
C LEU F 14 24.83 12.36 44.85
N LEU F 15 23.94 11.63 44.19
CA LEU F 15 22.55 11.51 44.60
C LEU F 15 22.24 10.07 44.83
N VAL F 16 21.28 9.80 45.70
CA VAL F 16 21.02 8.41 46.09
C VAL F 16 19.54 8.10 46.12
N LEU F 17 19.19 7.00 45.46
CA LEU F 17 17.82 6.55 45.45
C LEU F 17 17.72 5.14 46.02
N PRO F 18 17.15 5.01 47.22
CA PRO F 18 16.91 3.70 47.80
C PRO F 18 15.83 2.94 47.06
N VAL F 19 16.07 1.66 46.85
CA VAL F 19 15.18 0.78 46.12
C VAL F 19 14.92 -0.47 46.97
N GLN F 20 13.75 -1.10 46.79
CA GLN F 20 13.33 -2.27 47.56
C GLN F 20 12.83 -3.46 46.70
N GLU F 21 13.15 -4.69 47.07
CA GLU F 21 12.66 -5.88 46.38
C GLU F 21 11.24 -6.28 46.76
N ASP F 22 10.41 -6.62 45.78
CA ASP F 22 9.08 -7.14 46.07
C ASP F 22 9.11 -8.65 45.99
N ALA F 23 8.87 -9.32 47.11
CA ALA F 23 9.03 -10.77 47.21
C ALA F 23 8.10 -11.55 46.28
N SER F 24 6.87 -11.08 46.20
CA SER F 24 5.85 -11.74 45.40
C SER F 24 6.29 -11.85 43.95
N THR F 25 6.69 -10.74 43.36
CA THR F 25 6.99 -10.66 41.93
C THR F 25 8.50 -10.77 41.64
N GLY F 26 9.32 -10.48 42.64
CA GLY F 26 10.75 -10.50 42.43
C GLY F 26 11.26 -9.22 41.78
N LEU F 27 10.40 -8.23 41.65
CA LEU F 27 10.79 -6.98 41.04
C LEU F 27 11.15 -5.98 42.10
N HIS F 28 11.78 -4.88 41.67
CA HIS F 28 12.25 -3.83 42.56
C HIS F 28 11.53 -2.52 42.24
N TRP F 29 11.28 -1.71 43.27
CA TRP F 29 10.55 -0.47 43.12
C TRP F 29 11.13 0.57 44.09
N ALA F 30 10.81 1.85 43.90
CA ALA F 30 11.29 2.92 44.80
C ALA F 30 10.18 3.92 45.08
N ASN F 31 10.13 4.49 46.27
CA ASN F 31 9.29 5.65 46.47
C ASN F 31 9.99 6.88 45.94
N ILE F 32 9.40 7.51 44.92
CA ILE F 32 9.96 8.74 44.34
C ILE F 32 9.20 9.97 44.81
N HIS F 33 9.95 11.02 45.14
CA HIS F 33 9.34 12.25 45.60
C HIS F 33 9.04 13.22 44.47
N LYS F 34 7.78 13.62 44.38
CA LYS F 34 7.31 14.51 43.33
C LYS F 34 6.33 15.55 43.85
N ARG F 35 6.14 16.59 43.04
CA ARG F 35 5.09 17.60 43.21
C ARG F 35 5.36 18.63 44.28
N THR F 36 4.52 19.67 44.29
CA THR F 36 4.48 20.65 45.35
C THR F 36 3.04 20.74 45.84
N PRO F 37 2.77 20.36 47.09
CA PRO F 37 3.73 19.87 48.09
C PRO F 37 4.29 18.48 47.77
N LEU F 38 5.49 18.22 48.26
CA LEU F 38 6.20 17.01 47.91
C LEU F 38 5.51 15.80 48.47
N MET F 39 5.41 14.74 47.67
CA MET F 39 4.83 13.51 48.15
C MET F 39 5.53 12.32 47.48
N GLN F 40 5.23 11.11 47.93
CA GLN F 40 5.87 9.92 47.42
C GLN F 40 5.00 9.07 46.50
N VAL F 41 5.58 8.63 45.39
CA VAL F 41 4.93 7.74 44.43
C VAL F 41 5.68 6.40 44.29
N PRO F 42 5.01 5.27 44.57
CA PRO F 42 5.76 4.02 44.35
C PRO F 42 5.85 3.65 42.85
N LEU F 43 7.07 3.49 42.34
CA LEU F 43 7.27 3.19 40.92
C LEU F 43 8.24 2.02 40.70
N LEU F 44 7.98 1.21 39.67
CA LEU F 44 8.86 0.09 39.30
C LEU F 44 10.19 0.55 38.74
N LEU F 45 11.26 -0.13 39.16
CA LEU F 45 12.59 0.09 38.61
C LEU F 45 12.75 -0.63 37.27
N ASP F 46 12.89 0.18 36.22
CA ASP F 46 13.01 -0.34 34.87
C ASP F 46 14.30 0.17 34.26
N LEU F 47 15.34 -0.65 34.33
CA LEU F 47 16.66 -0.25 33.89
C LEU F 47 16.69 0.25 32.47
N ASN F 48 15.98 -0.40 31.57
CA ASN F 48 16.07 -0.04 30.16
C ASN F 48 15.00 0.92 29.72
N GLY F 49 14.16 1.36 30.66
CA GLY F 49 13.05 2.23 30.34
C GLY F 49 13.42 3.60 29.81
N LYS F 50 12.69 4.07 28.80
CA LYS F 50 13.06 5.32 28.13
C LYS F 50 12.70 6.57 28.91
N HIS F 51 11.74 6.45 29.82
CA HIS F 51 11.33 7.60 30.62
C HIS F 51 10.60 7.16 31.90
N LEU F 52 10.35 8.13 32.79
CA LEU F 52 9.51 7.91 33.96
C LEU F 52 8.07 8.17 33.57
N TRP F 53 7.17 7.28 33.96
CA TRP F 53 5.76 7.52 33.74
C TRP F 53 4.95 7.19 35.00
N VAL F 54 3.82 7.85 35.12
CA VAL F 54 2.92 7.70 36.25
C VAL F 54 1.54 7.65 35.68
N THR F 55 0.65 6.90 36.30
CA THR F 55 -0.73 7.01 35.93
C THR F 55 -1.12 8.31 36.59
N CYS F 56 -1.64 9.27 35.86
CA CYS F 56 -1.99 10.56 36.46
C CYS F 56 -3.48 10.61 36.57
N SER F 57 -3.97 10.93 37.75
CA SER F 57 -5.39 10.85 37.97
C SER F 57 -6.06 12.20 38.15
N GLN F 58 -7.36 12.10 38.38
CA GLN F 58 -8.18 13.25 38.70
C GLN F 58 -7.69 13.91 39.99
N HIS F 59 -7.17 13.10 40.91
CA HIS F 59 -6.74 13.56 42.22
C HIS F 59 -5.25 13.85 42.34
N TYR F 60 -4.62 14.17 41.22
CA TYR F 60 -3.24 14.67 41.14
C TYR F 60 -3.17 16.11 41.68
N SER F 61 -2.46 16.31 42.79
CA SER F 61 -2.39 17.65 43.39
C SER F 61 -0.96 18.22 43.40
N SER F 62 -0.77 19.36 42.72
CA SER F 62 0.53 20.02 42.62
C SER F 62 0.43 21.47 42.09
N SER F 63 1.10 22.39 42.75
CA SER F 63 1.14 23.76 42.29
C SER F 63 2.26 23.99 41.29
N THR F 64 3.05 22.97 41.01
CA THR F 64 4.16 23.15 40.08
C THR F 64 4.02 22.28 38.82
N TYR F 65 2.85 21.67 38.66
CA TYR F 65 2.57 20.83 37.50
C TYR F 65 2.24 21.64 36.28
N GLN F 66 2.76 21.20 35.13
CA GLN F 66 2.47 21.77 33.81
C GLN F 66 2.44 20.70 32.73
N ALA F 67 1.60 20.88 31.73
CA ALA F 67 1.65 20.04 30.54
C ALA F 67 2.22 20.84 29.36
N PRO F 68 3.47 20.53 28.94
CA PRO F 68 4.03 21.31 27.83
C PRO F 68 3.15 21.33 26.58
N PHE F 69 3.17 22.44 25.85
CA PHE F 69 2.36 22.53 24.64
C PHE F 69 3.04 21.88 23.48
N CYS F 70 2.26 21.46 22.49
CA CYS F 70 2.81 20.80 21.33
C CYS F 70 3.78 21.73 20.58
N HIS F 71 4.90 21.14 20.14
CA HIS F 71 6.01 21.84 19.48
C HIS F 71 6.83 22.72 20.41
N SER F 72 6.64 22.58 21.72
CA SER F 72 7.46 23.28 22.68
C SER F 72 8.86 22.69 22.75
N THR F 73 9.76 23.41 23.41
CA THR F 73 11.12 22.92 23.68
C THR F 73 11.13 21.66 24.56
N GLN F 74 10.17 21.56 25.47
CA GLN F 74 10.03 20.34 26.25
C GLN F 74 9.69 19.12 25.40
N CYS F 75 8.79 19.31 24.46
CA CYS F 75 8.42 18.23 23.56
C CYS F 75 9.59 17.88 22.66
N SER F 76 10.35 18.86 22.26
CA SER F 76 11.58 18.59 21.49
C SER F 76 12.59 17.76 22.27
N ARG F 77 12.86 18.14 23.50
CA ARG F 77 13.81 17.40 24.31
C ARG F 77 13.37 15.96 24.53
N ALA F 78 12.07 15.77 24.71
CA ALA F 78 11.53 14.44 24.95
C ALA F 78 11.49 13.62 23.69
N ASN F 79 11.78 14.27 22.58
CA ASN F 79 11.77 13.64 21.26
C ASN F 79 10.37 13.20 20.84
N THR F 80 9.37 14.03 21.09
CA THR F 80 8.04 13.75 20.58
C THR F 80 7.46 14.93 19.84
N HIS F 81 7.03 14.74 18.60
CA HIS F 81 6.43 15.85 17.88
C HIS F 81 5.01 15.52 17.42
N GLN F 82 4.46 14.48 18.06
CA GLN F 82 3.09 14.04 17.86
C GLN F 82 2.20 14.73 18.90
N CYS F 83 1.17 15.45 18.44
CA CYS F 83 0.28 16.19 19.34
C CYS F 83 -0.76 15.29 20.00
N PHE F 84 -1.18 15.68 21.20
CA PHE F 84 -2.07 14.90 22.03
C PHE F 84 -3.46 15.49 22.06
N THR F 85 -4.44 14.61 21.94
CA THR F 85 -5.82 15.00 22.06
C THR F 85 -6.48 14.12 23.10
N CYS F 86 -7.09 14.75 24.10
CA CYS F 86 -7.72 13.99 25.16
C CYS F 86 -9.08 13.56 24.62
N THR F 87 -9.24 12.24 24.52
CA THR F 87 -10.41 11.61 23.95
C THR F 87 -11.19 11.00 25.06
N ASP F 88 -10.80 11.39 26.27
CA ASP F 88 -11.43 10.90 27.46
C ASP F 88 -12.42 11.88 28.11
N SER F 89 -11.94 12.59 29.12
CA SER F 89 -12.76 13.47 29.95
C SER F 89 -13.35 14.63 29.16
N THR F 90 -14.36 15.27 29.74
CA THR F 90 -14.92 16.45 29.12
C THR F 90 -14.35 17.70 29.77
N THR F 91 -13.55 17.48 30.80
CA THR F 91 -12.77 18.53 31.43
C THR F 91 -11.29 18.14 31.51
N THR F 92 -10.43 19.15 31.65
CA THR F 92 -9.01 18.88 31.71
C THR F 92 -8.60 18.47 33.13
N ARG F 93 -7.48 17.75 33.21
CA ARG F 93 -6.90 17.28 34.45
C ARG F 93 -5.48 16.90 34.04
N PRO F 94 -4.58 16.71 35.00
CA PRO F 94 -3.25 16.22 34.60
C PRO F 94 -3.41 14.95 33.79
N GLY F 95 -2.77 14.91 32.63
CA GLY F 95 -2.87 13.72 31.79
C GLY F 95 -3.95 13.86 30.75
N CYS F 96 -4.77 14.91 30.87
CA CYS F 96 -5.86 15.13 29.93
C CYS F 96 -5.99 16.59 29.50
N HIS F 97 -5.33 16.94 28.41
CA HIS F 97 -5.51 18.24 27.78
C HIS F 97 -5.53 18.06 26.27
N ASN F 98 -5.85 19.16 25.58
CA ASN F 98 -5.73 19.22 24.15
C ASN F 98 -4.51 20.07 23.80
N ASN F 99 -3.96 19.89 22.61
CA ASN F 99 -2.78 20.65 22.19
C ASN F 99 -1.53 20.47 23.05
N THR F 100 -1.34 19.28 23.62
CA THR F 100 -0.12 18.88 24.32
C THR F 100 0.59 17.88 23.41
N CYS F 101 1.57 17.14 23.92
CA CYS F 101 2.21 16.11 23.09
C CYS F 101 2.16 14.70 23.64
N GLY F 102 2.06 13.74 22.73
CA GLY F 102 1.83 12.36 23.07
C GLY F 102 3.13 11.62 23.12
N LEU F 103 3.20 10.72 24.09
CA LEU F 103 4.39 9.94 24.40
C LEU F 103 3.96 8.52 24.69
N LEU F 104 4.57 7.56 24.02
CA LEU F 104 4.19 6.17 24.21
C LEU F 104 4.91 5.54 25.40
N SER F 105 4.17 5.04 26.40
CA SER F 105 4.75 4.40 27.59
C SER F 105 4.48 2.91 27.56
N SER F 106 5.41 2.13 28.13
CA SER F 106 5.31 0.66 28.14
C SER F 106 5.30 0.07 29.53
N ASN F 107 4.43 -0.89 29.76
CA ASN F 107 4.52 -1.78 30.91
C ASN F 107 5.48 -2.90 30.54
N PRO F 108 6.69 -2.93 31.14
CA PRO F 108 7.75 -3.85 30.69
C PRO F 108 7.48 -5.30 31.10
N VAL F 109 6.57 -5.48 32.05
CA VAL F 109 6.19 -6.79 32.51
C VAL F 109 5.17 -7.35 31.54
N THR F 110 4.11 -6.59 31.26
CA THR F 110 3.07 -7.08 30.38
C THR F 110 3.33 -6.74 28.91
N GLN F 111 4.24 -5.82 28.63
CA GLN F 111 4.56 -5.36 27.27
C GLN F 111 3.40 -4.63 26.62
N GLU F 112 2.41 -4.27 27.43
CA GLU F 112 1.35 -3.34 27.03
C GLU F 112 1.99 -2.00 26.80
N SER F 113 1.45 -1.22 25.88
CA SER F 113 1.87 0.17 25.77
C SER F 113 0.64 1.06 25.66
N GLY F 114 0.80 2.32 26.00
CA GLY F 114 -0.30 3.24 25.92
C GLY F 114 0.18 4.65 25.66
N LEU F 115 -0.64 5.49 25.01
CA LEU F 115 -0.21 6.85 24.72
C LEU F 115 -0.56 7.81 25.88
N GLY F 116 0.49 8.35 26.48
CA GLY F 116 0.34 9.28 27.55
C GLY F 116 0.62 10.68 27.07
N GLU F 117 0.52 11.62 28.00
CA GLU F 117 0.74 13.02 27.73
C GLU F 117 2.05 13.46 28.42
N LEU F 118 2.90 14.19 27.71
CA LEU F 118 4.11 14.73 28.36
C LEU F 118 3.72 15.68 29.52
N ALA F 119 4.41 15.53 30.65
CA ALA F 119 4.13 16.30 31.87
C ALA F 119 5.41 16.87 32.44
N GLN F 120 5.27 17.88 33.28
CA GLN F 120 6.41 18.55 33.91
C GLN F 120 6.05 18.82 35.37
N ASP F 121 6.92 18.46 36.31
CA ASP F 121 6.64 18.76 37.72
C ASP F 121 7.94 18.66 38.50
N VAL F 122 7.89 18.89 39.81
CA VAL F 122 9.04 18.72 40.69
C VAL F 122 9.35 17.25 40.94
N LEU F 123 10.63 16.90 40.83
CA LEU F 123 11.15 15.67 41.37
C LEU F 123 12.23 16.01 42.41
N ALA F 124 12.24 15.30 43.55
CA ALA F 124 13.28 15.44 44.58
C ALA F 124 13.95 14.09 44.86
N ILE F 125 15.20 14.13 45.29
CA ILE F 125 15.97 12.93 45.55
C ILE F 125 17.04 13.23 46.62
N HIS F 126 17.47 12.24 47.38
CA HIS F 126 18.49 12.51 48.39
C HIS F 126 19.83 12.88 47.81
N SER F 127 20.46 13.90 48.40
CA SER F 127 21.88 14.11 48.16
C SER F 127 22.61 13.37 49.25
N THR F 128 23.91 13.61 49.40
CA THR F 128 24.63 13.02 50.53
C THR F 128 25.28 14.12 51.40
N HIS F 129 25.48 13.78 52.68
CA HIS F 129 26.04 14.69 53.67
C HIS F 129 27.08 13.97 54.49
N GLY F 130 28.36 14.22 54.20
CA GLY F 130 29.43 13.46 54.82
C GLY F 130 29.29 12.01 54.40
N SER F 131 29.19 11.12 55.37
CA SER F 131 29.01 9.69 55.10
C SER F 131 27.53 9.27 55.11
N LYS F 132 26.62 10.22 55.33
CA LYS F 132 25.19 9.92 55.46
C LYS F 132 24.37 10.42 54.29
N LEU F 133 23.09 10.04 54.26
CA LEU F 133 22.14 10.67 53.35
C LEU F 133 21.97 12.12 53.74
N GLY F 134 21.90 12.99 52.75
CA GLY F 134 21.70 14.40 53.00
C GLY F 134 20.32 14.88 52.62
N PRO F 135 20.13 16.21 52.58
CA PRO F 135 18.81 16.75 52.24
C PRO F 135 18.40 16.42 50.82
N MET F 136 17.10 16.37 50.61
CA MET F 136 16.52 16.22 49.29
C MET F 136 16.87 17.39 48.44
N VAL F 137 17.21 17.14 47.20
CA VAL F 137 17.40 18.23 46.26
C VAL F 137 16.41 18.04 45.09
N LYS F 138 16.04 19.14 44.45
CA LYS F 138 14.96 19.13 43.48
C LYS F 138 15.37 19.37 42.05
N VAL F 139 14.67 18.72 41.13
CA VAL F 139 14.63 19.11 39.73
C VAL F 139 13.27 19.76 39.53
N PRO F 140 13.22 21.10 39.44
CA PRO F 140 11.90 21.77 39.49
C PRO F 140 11.03 21.53 38.24
N GLN F 141 11.66 21.31 37.10
CA GLN F 141 10.96 21.01 35.84
C GLN F 141 11.32 19.64 35.29
N PHE F 142 11.07 18.59 36.07
CA PHE F 142 11.33 17.21 35.63
C PHE F 142 10.28 16.78 34.60
N LEU F 143 10.73 16.26 33.46
CA LEU F 143 9.84 15.81 32.40
C LEU F 143 9.54 14.32 32.48
N PHE F 144 8.27 13.99 32.32
CA PHE F 144 7.84 12.62 32.45
C PHE F 144 6.57 12.40 31.69
N SER F 145 6.03 11.19 31.77
CA SER F 145 4.79 10.90 31.04
C SER F 145 3.63 10.66 32.00
N CYS F 146 2.50 11.31 31.74
CA CYS F 146 1.23 10.95 32.38
C CYS F 146 0.55 9.85 31.58
N ALA F 147 0.64 8.62 32.07
CA ALA F 147 0.20 7.47 31.31
C ALA F 147 -1.24 7.11 31.60
N PRO F 148 -1.90 6.43 30.63
CA PRO F 148 -3.27 5.92 30.82
C PRO F 148 -3.32 4.93 31.96
N SER F 149 -4.39 5.00 32.74
CA SER F 149 -4.52 4.22 33.96
C SER F 149 -4.41 2.67 33.83
N PHE F 150 -4.89 2.10 32.73
CA PHE F 150 -4.89 0.65 32.59
C PHE F 150 -3.46 0.12 32.59
N LEU F 151 -2.51 0.99 32.30
CA LEU F 151 -1.16 0.53 32.02
C LEU F 151 -0.47 -0.01 33.29
N ALA F 152 -0.91 0.43 34.47
CA ALA F 152 -0.31 -0.06 35.71
C ALA F 152 -1.16 -1.12 36.42
N GLN F 153 -2.25 -1.55 35.80
CA GLN F 153 -3.21 -2.39 36.49
C GLN F 153 -2.74 -3.81 36.58
N LYS F 154 -1.73 -4.13 35.81
CA LYS F 154 -1.26 -5.50 35.76
C LYS F 154 0.25 -5.68 35.77
N GLY F 155 0.69 -6.66 36.55
CA GLY F 155 2.04 -7.16 36.48
C GLY F 155 2.97 -6.51 37.47
N LEU F 156 2.53 -5.41 38.06
CA LEU F 156 3.41 -4.63 38.91
C LEU F 156 3.24 -4.96 40.38
N PRO F 157 4.24 -4.60 41.21
CA PRO F 157 4.07 -4.78 42.65
C PRO F 157 2.83 -4.05 43.16
N ASN F 158 2.36 -4.43 44.32
CA ASN F 158 1.10 -3.91 44.79
C ASN F 158 1.23 -2.42 45.03
N ASN F 159 0.23 -1.67 44.58
CA ASN F 159 0.17 -0.21 44.68
C ASN F 159 1.16 0.58 43.83
N VAL F 160 1.95 -0.09 43.01
CA VAL F 160 2.89 0.60 42.15
C VAL F 160 2.11 1.24 40.95
N GLN F 161 2.46 2.49 40.65
CA GLN F 161 1.66 3.35 39.77
C GLN F 161 2.42 3.82 38.53
N GLY F 162 3.51 3.15 38.19
CA GLY F 162 4.26 3.55 37.04
C GLY F 162 5.64 2.97 37.10
N ALA F 163 6.57 3.52 36.34
CA ALA F 163 7.93 3.01 36.34
C ALA F 163 8.89 4.14 36.15
N LEU F 164 10.08 4.00 36.71
CA LEU F 164 11.14 4.93 36.43
C LEU F 164 12.18 4.27 35.50
N GLY F 165 12.49 4.94 34.39
CA GLY F 165 13.38 4.36 33.41
C GLY F 165 14.78 4.97 33.47
N LEU F 166 15.79 4.11 33.37
CA LEU F 166 17.21 4.48 33.40
C LEU F 166 17.93 4.14 32.10
N GLY F 167 17.14 4.08 31.02
CA GLY F 167 17.65 3.71 29.70
C GLY F 167 18.39 4.84 29.01
N GLN F 168 19.02 4.49 27.90
CA GLN F 168 19.74 5.47 27.10
C GLN F 168 18.80 6.22 26.20
N ALA F 169 18.19 7.27 26.75
CA ALA F 169 17.17 8.05 26.05
C ALA F 169 17.12 9.47 26.67
N PRO F 170 16.72 10.49 25.87
CA PRO F 170 16.93 11.90 26.26
C PRO F 170 16.19 12.32 27.51
N ILE F 171 15.05 11.75 27.86
CA ILE F 171 14.51 12.15 29.15
C ILE F 171 14.43 11.01 30.18
N SER F 172 15.39 10.10 30.11
CA SER F 172 15.55 9.10 31.16
C SER F 172 15.84 9.78 32.47
N LEU F 173 15.64 9.08 33.58
CA LEU F 173 15.83 9.67 34.89
C LEU F 173 17.26 10.12 35.10
N GLN F 174 18.24 9.28 34.83
CA GLN F 174 19.62 9.67 35.11
C GLN F 174 20.07 10.81 34.21
N ASN F 175 19.60 10.82 32.97
CA ASN F 175 19.98 11.81 31.99
C ASN F 175 19.55 13.19 32.47
N GLN F 176 18.36 13.29 33.07
CA GLN F 176 17.86 14.57 33.59
C GLN F 176 18.56 14.98 34.92
N LEU F 177 18.88 14.01 35.75
CA LEU F 177 19.64 14.30 36.95
C LEU F 177 21.08 14.69 36.63
N PHE F 178 21.72 13.99 35.70
CA PHE F 178 23.08 14.34 35.29
C PHE F 178 23.13 15.79 34.86
N SER F 179 22.20 16.19 33.99
CA SER F 179 22.28 17.50 33.36
C SER F 179 21.82 18.62 34.29
N HIS F 180 20.87 18.36 35.17
CA HIS F 180 20.43 19.41 36.07
C HIS F 180 21.50 19.78 37.04
N PHE F 181 22.21 18.79 37.56
CA PHE F 181 23.15 19.06 38.64
C PHE F 181 24.55 19.04 38.14
N GLY F 182 24.75 18.76 36.86
CA GLY F 182 26.10 18.68 36.31
C GLY F 182 26.89 17.50 36.84
N LEU F 183 26.27 16.35 37.01
CA LEU F 183 26.93 15.16 37.56
C LEU F 183 27.81 14.44 36.55
N LYS F 184 28.78 13.65 37.05
CA LYS F 184 29.53 12.74 36.19
C LYS F 184 28.51 11.75 35.61
N ARG F 185 28.64 11.40 34.32
CA ARG F 185 27.69 10.52 33.65
C ARG F 185 27.98 9.06 33.97
N GLN F 186 27.45 8.64 35.10
CA GLN F 186 27.70 7.34 35.62
C GLN F 186 26.61 7.07 36.64
N PHE F 187 26.04 5.87 36.64
CA PHE F 187 25.20 5.50 37.77
C PHE F 187 25.53 4.07 38.20
N SER F 188 25.22 3.78 39.47
CA SER F 188 25.58 2.49 40.05
C SER F 188 24.38 1.83 40.71
N VAL F 189 24.27 0.53 40.50
CA VAL F 189 23.16 -0.24 41.01
C VAL F 189 23.57 -1.30 42.05
N CYS F 190 22.97 -1.22 43.22
CA CYS F 190 23.20 -2.26 44.20
C CYS F 190 21.87 -2.75 44.76
N LEU F 191 21.26 -3.72 44.07
CA LEU F 191 19.97 -4.24 44.49
C LEU F 191 20.08 -5.15 45.67
N SER F 192 19.11 -5.07 46.57
CA SER F 192 19.08 -5.94 47.71
C SER F 192 18.17 -7.15 47.47
N ARG F 193 18.67 -8.33 47.82
CA ARG F 193 17.92 -9.60 47.74
C ARG F 193 16.68 -9.74 48.61
N TYR F 194 16.67 -8.97 49.69
CA TYR F 194 15.68 -9.08 50.75
C TYR F 194 14.61 -8.00 50.68
N SER F 195 13.36 -8.41 50.84
CA SER F 195 12.28 -7.43 50.83
C SER F 195 12.32 -6.55 52.09
N THR F 196 13.06 -7.00 53.11
CA THR F 196 13.11 -6.35 54.42
C THR F 196 14.20 -5.29 54.61
N SER F 197 15.05 -5.10 53.60
CA SER F 197 16.04 -4.04 53.63
C SER F 197 16.29 -3.47 52.22
N ASN F 198 16.65 -2.19 52.14
CA ASN F 198 16.79 -1.53 50.86
C ASN F 198 18.14 -1.72 50.18
N GLY F 199 18.12 -1.61 48.86
CA GLY F 199 19.31 -1.47 48.05
C GLY F 199 19.27 -0.04 47.58
N ALA F 200 20.10 0.34 46.61
CA ALA F 200 20.11 1.73 46.19
C ALA F 200 20.54 1.93 44.76
N ILE F 201 20.16 3.07 44.20
CA ILE F 201 20.80 3.54 42.99
C ILE F 201 21.56 4.84 43.28
N LEU F 202 22.79 4.90 42.80
CA LEU F 202 23.65 6.07 42.99
C LEU F 202 23.95 6.76 41.68
N PHE F 203 23.82 8.09 41.70
CA PHE F 203 24.01 8.91 40.49
C PHE F 203 25.17 9.83 40.68
N GLY F 204 26.16 9.73 39.80
CA GLY F 204 27.38 10.50 39.94
C GLY F 204 28.61 9.65 40.13
N ASP F 205 29.74 10.31 40.34
CA ASP F 205 31.04 9.68 40.46
C ASP F 205 31.18 8.99 41.80
N ILE F 206 31.43 7.70 41.78
CA ILE F 206 31.64 7.00 43.02
C ILE F 206 33.13 6.89 43.30
N ASN F 207 33.96 7.41 42.43
CA ASN F 207 35.36 7.15 42.68
C ASN F 207 36.20 8.36 43.03
N ASP F 208 35.64 9.35 43.69
CA ASP F 208 36.47 10.46 44.13
C ASP F 208 36.56 10.49 45.67
N PRO F 209 37.17 9.44 46.31
CA PRO F 209 37.23 9.30 47.78
C PRO F 209 37.69 10.54 48.48
N ASN F 210 38.57 11.28 47.83
CA ASN F 210 39.06 12.50 48.44
C ASN F 210 37.99 13.58 48.62
N ASN F 211 36.98 13.68 47.75
CA ASN F 211 35.96 14.68 48.08
C ASN F 211 34.65 13.95 48.08
N ASN F 212 34.66 12.77 48.66
CA ASN F 212 33.47 11.94 48.66
C ASN F 212 33.57 10.94 49.80
N ASN F 213 33.14 11.36 50.99
CA ASN F 213 33.18 10.51 52.20
C ASN F 213 32.11 9.45 52.22
N TYR F 214 31.05 9.66 51.43
CA TYR F 214 29.90 8.76 51.39
C TYR F 214 30.32 7.35 50.87
N ILE F 215 31.33 7.30 50.03
CA ILE F 215 31.79 6.03 49.47
C ILE F 215 32.99 5.39 50.20
N HIS F 216 33.45 5.99 51.30
CA HIS F 216 34.66 5.50 51.97
C HIS F 216 34.47 4.05 52.42
N ASN F 217 33.29 3.70 52.90
CA ASN F 217 33.07 2.33 53.37
C ASN F 217 33.10 1.26 52.26
N SER F 218 33.00 1.68 51.00
CA SER F 218 32.94 0.74 49.87
C SER F 218 34.26 0.60 49.10
N LEU F 219 35.32 1.21 49.58
CA LEU F 219 36.55 1.33 48.82
C LEU F 219 37.23 -0.01 48.55
N ASP F 220 37.08 -1.02 49.42
CA ASP F 220 37.70 -2.32 49.17
C ASP F 220 36.98 -2.99 48.02
N VAL F 221 35.68 -2.85 47.99
CA VAL F 221 34.94 -3.34 46.86
C VAL F 221 35.32 -2.59 45.58
N LEU F 222 35.39 -1.25 45.64
CA LEU F 222 35.66 -0.44 44.45
C LEU F 222 37.03 -0.72 43.84
N HIS F 223 37.98 -1.03 44.69
CA HIS F 223 39.34 -1.33 44.27
C HIS F 223 39.45 -2.56 43.35
N ASP F 224 38.57 -3.53 43.55
CA ASP F 224 38.65 -4.82 42.83
C ASP F 224 37.63 -4.93 41.72
N LEU F 225 37.00 -3.82 41.36
CA LEU F 225 36.02 -3.83 40.28
C LEU F 225 36.67 -4.30 39.02
N VAL F 226 35.92 -5.10 38.28
CA VAL F 226 36.36 -5.57 36.98
C VAL F 226 35.39 -5.01 35.94
N TYR F 227 35.94 -4.59 34.80
CA TYR F 227 35.18 -3.87 33.78
C TYR F 227 35.06 -4.61 32.46
N THR F 228 33.97 -4.35 31.75
CA THR F 228 33.74 -4.90 30.41
C THR F 228 33.00 -3.85 29.56
N PRO F 229 33.20 -3.83 28.23
CA PRO F 229 32.55 -2.78 27.43
C PRO F 229 31.03 -2.86 27.43
N LEU F 230 30.43 -1.68 27.42
CA LEU F 230 28.99 -1.53 27.38
C LEU F 230 28.55 -1.14 25.97
N THR F 231 27.57 -1.85 25.40
CA THR F 231 26.99 -1.44 24.13
C THR F 231 25.50 -1.20 24.35
N ILE F 232 24.95 -0.33 23.51
CA ILE F 232 23.61 0.18 23.65
C ILE F 232 22.82 -0.11 22.38
N SER F 233 21.64 -0.73 22.49
CA SER F 233 20.85 -1.00 21.30
C SER F 233 20.13 0.24 20.78
N LYS F 234 19.51 0.12 19.59
CA LYS F 234 18.79 1.26 19.02
C LYS F 234 17.62 1.66 19.90
N GLN F 235 17.19 0.79 20.83
CA GLN F 235 16.07 1.12 21.69
C GLN F 235 16.52 1.64 23.04
N GLY F 236 17.84 1.78 23.21
CA GLY F 236 18.38 2.33 24.44
C GLY F 236 18.62 1.32 25.56
N GLU F 237 18.70 0.04 25.22
CA GLU F 237 18.94 -1.02 26.19
C GLU F 237 20.42 -1.29 26.42
N TYR F 238 20.78 -1.79 27.60
CA TYR F 238 22.16 -2.05 27.99
C TYR F 238 22.58 -3.47 27.68
N PHE F 239 23.69 -3.61 26.97
CA PHE F 239 24.21 -4.91 26.59
C PHE F 239 25.65 -5.06 26.96
N ILE F 240 26.03 -6.27 27.34
CA ILE F 240 27.44 -6.67 27.38
C ILE F 240 27.66 -7.96 26.57
N GLN F 241 28.93 -8.28 26.33
CA GLN F 241 29.31 -9.43 25.54
C GLN F 241 29.78 -10.59 26.42
N VAL F 242 29.04 -11.68 26.36
CA VAL F 242 29.38 -12.92 27.03
C VAL F 242 29.88 -13.87 25.96
N ASN F 243 31.17 -14.20 26.01
CA ASN F 243 31.72 -15.10 25.03
C ASN F 243 31.32 -16.54 25.32
N ALA F 244 31.12 -16.85 26.59
CA ALA F 244 30.73 -18.19 26.98
C ALA F 244 30.20 -18.24 28.39
N ILE F 245 29.43 -19.28 28.67
CA ILE F 245 29.09 -19.66 30.03
C ILE F 245 29.93 -20.89 30.45
N ARG F 246 30.68 -20.77 31.54
CA ARG F 246 31.55 -21.85 31.99
C ARG F 246 30.88 -22.66 33.09
N VAL F 247 30.82 -23.98 32.91
CA VAL F 247 30.45 -24.90 33.98
C VAL F 247 31.54 -25.95 34.18
N ASN F 248 32.27 -25.85 35.28
CA ASN F 248 33.49 -26.63 35.52
C ASN F 248 34.45 -26.53 34.31
N LYS F 249 34.68 -27.62 33.58
CA LYS F 249 35.57 -27.49 32.42
C LYS F 249 34.80 -27.52 31.11
N HIS F 250 33.50 -27.25 31.23
CA HIS F 250 32.61 -27.16 30.08
C HIS F 250 32.23 -25.75 29.74
N LEU F 251 32.32 -25.44 28.45
CA LEU F 251 31.96 -24.13 27.92
C LEU F 251 30.75 -24.19 26.99
N VAL F 252 29.71 -23.39 27.26
CA VAL F 252 28.61 -23.22 26.33
C VAL F 252 28.91 -21.93 25.56
N ILE F 253 29.23 -22.04 24.27
CA ILE F 253 29.68 -20.89 23.49
C ILE F 253 28.69 -20.38 22.41
N PRO F 254 28.00 -19.27 22.68
CA PRO F 254 27.00 -18.62 21.82
C PRO F 254 27.62 -18.07 20.50
N THR F 255 26.88 -18.09 19.39
CA THR F 255 27.40 -17.47 18.17
C THR F 255 26.60 -16.24 17.66
N GLY F 271 33.00 -6.27 16.74
CA GLY F 271 32.62 -4.93 17.16
C GLY F 271 31.16 -4.59 16.86
N GLU F 272 30.26 -5.25 17.58
CA GLU F 272 28.83 -5.07 17.40
C GLU F 272 28.23 -5.02 18.81
N ILE F 273 26.92 -5.02 18.95
CA ILE F 273 26.26 -4.96 20.28
C ILE F 273 26.49 -6.29 21.04
N GLY F 274 26.66 -6.21 22.36
CA GLY F 274 26.84 -7.41 23.15
C GLY F 274 25.66 -8.34 22.98
N GLY F 275 25.81 -9.60 23.35
CA GLY F 275 24.74 -10.55 23.15
C GLY F 275 23.91 -10.73 24.39
N ALA F 276 24.37 -10.18 25.51
CA ALA F 276 23.65 -10.34 26.77
C ALA F 276 23.01 -9.05 27.26
N LEU F 277 21.69 -9.06 27.33
CA LEU F 277 20.94 -7.96 27.85
C LEU F 277 21.00 -7.90 29.37
N ILE F 278 21.06 -6.69 29.91
CA ILE F 278 20.88 -6.50 31.34
C ILE F 278 19.57 -5.82 31.59
N THR F 279 18.76 -6.41 32.48
CA THR F 279 17.43 -5.88 32.72
C THR F 279 17.03 -6.04 34.19
N THR F 280 16.08 -5.24 34.66
CA THR F 280 15.58 -5.41 36.02
C THR F 280 14.13 -5.82 36.00
N THR F 281 13.57 -6.06 34.82
CA THR F 281 12.11 -6.24 34.76
C THR F 281 11.66 -7.70 34.65
N HIS F 282 12.61 -8.62 34.82
CA HIS F 282 12.24 -9.98 35.18
C HIS F 282 13.31 -10.49 36.15
N PRO F 283 12.90 -11.31 37.14
CA PRO F 283 13.85 -11.76 38.15
C PRO F 283 14.86 -12.77 37.63
N TYR F 284 14.43 -13.78 36.89
CA TYR F 284 15.39 -14.82 36.55
C TYR F 284 16.07 -14.54 35.25
N THR F 285 17.22 -15.16 35.07
CA THR F 285 17.97 -15.01 33.83
C THR F 285 17.31 -15.84 32.75
N VAL F 286 17.13 -15.22 31.59
CA VAL F 286 16.43 -15.82 30.49
C VAL F 286 17.39 -16.14 29.35
N LEU F 287 17.31 -17.38 28.91
CA LEU F 287 18.13 -17.89 27.84
C LEU F 287 17.26 -18.26 26.64
N SER F 288 17.76 -17.95 25.45
CA SER F 288 17.06 -18.36 24.25
C SER F 288 17.09 -19.88 24.21
N HIS F 289 16.11 -20.45 23.54
CA HIS F 289 15.87 -21.87 23.57
C HIS F 289 17.06 -22.73 23.25
N SER F 290 17.80 -22.37 22.21
CA SER F 290 18.94 -23.16 21.79
C SER F 290 20.04 -23.18 22.86
N ILE F 291 20.27 -22.02 23.48
CA ILE F 291 21.22 -21.93 24.58
C ILE F 291 20.67 -22.59 25.83
N PHE F 292 19.39 -22.35 26.09
CA PHE F 292 18.75 -22.96 27.22
C PHE F 292 18.84 -24.47 27.17
N GLU F 293 18.52 -25.07 26.04
CA GLU F 293 18.46 -26.52 25.95
C GLU F 293 19.83 -27.20 26.17
N VAL F 294 20.88 -26.62 25.61
CA VAL F 294 22.24 -27.14 25.79
C VAL F 294 22.80 -26.89 27.18
N PHE F 295 22.60 -25.67 27.68
CA PHE F 295 23.07 -25.30 29.00
C PHE F 295 22.45 -26.12 30.13
N THR F 296 21.14 -26.33 30.09
CA THR F 296 20.49 -27.03 31.19
C THR F 296 21.00 -28.45 31.25
N GLN F 297 21.34 -29.00 30.10
CA GLN F 297 21.86 -30.35 30.01
C GLN F 297 23.27 -30.44 30.53
N VAL F 298 24.13 -29.51 30.13
CA VAL F 298 25.50 -29.47 30.65
C VAL F 298 25.53 -29.37 32.18
N PHE F 299 24.65 -28.53 32.74
CA PHE F 299 24.55 -28.40 34.19
C PHE F 299 24.09 -29.70 34.82
N ALA F 300 23.08 -30.31 34.23
CA ALA F 300 22.54 -31.56 34.74
C ALA F 300 23.63 -32.64 34.79
N ASN F 301 24.56 -32.55 33.82
CA ASN F 301 25.71 -33.44 33.75
C ASN F 301 26.76 -33.20 34.84
N ASN F 302 26.76 -32.02 35.46
CA ASN F 302 27.71 -31.74 36.55
C ASN F 302 27.01 -31.83 37.90
N MET F 303 25.91 -32.59 37.96
CA MET F 303 25.16 -32.76 39.19
C MET F 303 24.77 -34.24 39.31
N PRO F 304 24.47 -34.71 40.53
CA PRO F 304 23.91 -36.07 40.69
C PRO F 304 22.49 -36.19 40.15
N LYS F 305 22.32 -36.95 39.07
CA LYS F 305 21.03 -37.06 38.40
C LYS F 305 19.93 -37.72 39.24
N GLN F 306 20.32 -38.49 40.25
CA GLN F 306 19.33 -39.29 40.95
C GLN F 306 18.79 -38.47 42.08
N ALA F 307 19.15 -37.20 42.04
CA ALA F 307 18.73 -36.22 43.02
C ALA F 307 17.73 -35.24 42.46
N GLN F 308 17.50 -35.33 41.16
CA GLN F 308 16.59 -34.43 40.48
C GLN F 308 15.15 -34.78 40.88
N VAL F 309 14.26 -33.79 40.87
CA VAL F 309 12.85 -34.02 41.17
C VAL F 309 12.01 -33.41 40.05
N LYS F 310 10.71 -33.68 40.05
CA LYS F 310 9.86 -33.08 39.04
C LYS F 310 10.09 -31.58 38.93
N ALA F 311 10.46 -31.14 37.75
CA ALA F 311 10.74 -29.74 37.50
C ALA F 311 9.57 -28.87 37.92
N VAL F 312 9.86 -27.69 38.44
CA VAL F 312 8.83 -26.84 39.01
C VAL F 312 8.94 -25.37 38.60
N GLY F 313 7.77 -24.72 38.49
CA GLY F 313 7.72 -23.30 38.23
C GLY F 313 8.07 -23.01 36.79
N PRO F 314 8.83 -21.94 36.59
CA PRO F 314 9.35 -21.51 35.30
C PRO F 314 10.61 -22.28 34.97
N PHE F 315 11.06 -23.11 35.92
CA PHE F 315 12.34 -23.78 35.82
C PHE F 315 12.26 -25.11 35.14
N GLY F 316 13.36 -25.50 34.52
CA GLY F 316 13.37 -26.73 33.78
C GLY F 316 14.09 -27.84 34.51
N LEU F 317 14.93 -27.48 35.47
CA LEU F 317 15.75 -28.46 36.15
C LEU F 317 15.70 -28.23 37.63
N CYS F 318 15.01 -29.11 38.33
CA CYS F 318 14.90 -29.00 39.76
C CYS F 318 15.43 -30.24 40.47
N TYR F 319 15.93 -30.04 41.69
CA TYR F 319 16.55 -31.10 42.49
C TYR F 319 15.93 -31.21 43.88
N ASP F 320 16.20 -32.33 44.55
CA ASP F 320 15.85 -32.50 45.95
C ASP F 320 16.73 -31.54 46.72
N SER F 321 16.15 -30.73 47.60
CA SER F 321 17.01 -29.76 48.27
C SER F 321 17.93 -30.52 49.21
N ARG F 322 17.37 -31.16 50.24
CA ARG F 322 18.22 -31.89 51.19
C ARG F 322 18.75 -33.13 50.51
N LYS F 323 19.82 -32.85 49.76
CA LYS F 323 20.60 -33.79 48.96
C LYS F 323 21.52 -32.92 48.06
N ILE F 324 21.43 -31.58 48.11
CA ILE F 324 22.30 -30.69 47.28
C ILE F 324 23.77 -31.13 47.30
N SER F 325 24.07 -31.99 48.26
CA SER F 325 25.40 -32.50 48.52
C SER F 325 26.18 -31.26 48.91
N GLY F 326 25.45 -30.30 49.45
CA GLY F 326 26.03 -29.08 49.95
C GLY F 326 26.98 -28.54 48.88
N GLY F 327 26.63 -28.66 47.60
CA GLY F 327 27.62 -28.45 46.55
C GLY F 327 27.18 -28.50 45.09
N ALA F 328 27.28 -27.34 44.45
CA ALA F 328 27.00 -27.10 43.02
C ALA F 328 28.25 -26.67 42.22
N PRO F 329 28.26 -26.84 40.87
CA PRO F 329 29.51 -26.51 40.18
C PRO F 329 29.80 -25.01 40.03
N SER F 330 31.04 -24.66 39.69
CA SER F 330 31.44 -23.29 39.31
C SER F 330 30.67 -22.78 38.08
N VAL F 331 29.95 -21.67 38.22
CA VAL F 331 29.29 -21.01 37.07
C VAL F 331 29.75 -19.56 36.81
N ASP F 332 30.46 -19.34 35.70
CA ASP F 332 31.10 -18.07 35.41
C ASP F 332 30.70 -17.59 34.03
N LEU F 333 30.51 -16.28 33.86
CA LEU F 333 30.38 -15.68 32.53
C LEU F 333 31.73 -15.24 32.02
N ILE F 334 32.16 -15.77 30.89
CA ILE F 334 33.38 -15.31 30.28
C ILE F 334 32.99 -14.15 29.37
N LEU F 335 33.57 -12.99 29.64
CA LEU F 335 33.13 -11.75 29.04
C LEU F 335 33.96 -11.37 27.84
N ASP F 336 33.62 -10.22 27.27
CA ASP F 336 34.18 -9.71 26.04
C ASP F 336 35.70 -9.92 25.93
N LYS F 337 36.10 -10.48 24.80
CA LYS F 337 37.48 -10.69 24.41
C LYS F 337 38.19 -11.67 25.33
N ASN F 338 37.39 -12.43 26.08
CA ASN F 338 37.86 -13.31 27.15
C ASN F 338 38.73 -12.61 28.19
N ASP F 339 38.65 -11.28 28.24
CA ASP F 339 39.45 -10.51 29.19
C ASP F 339 38.90 -10.54 30.61
N ALA F 340 37.62 -10.86 30.78
CA ALA F 340 37.04 -10.74 32.11
C ALA F 340 36.09 -11.89 32.43
N VAL F 341 35.82 -12.11 33.72
CA VAL F 341 34.99 -13.23 34.15
C VAL F 341 34.02 -12.71 35.21
N TRP F 342 32.74 -13.02 35.04
CA TRP F 342 31.73 -12.76 36.06
C TRP F 342 31.32 -14.07 36.72
N ARG F 343 31.90 -14.33 37.86
CA ARG F 343 31.66 -15.55 38.61
C ARG F 343 30.27 -15.46 39.24
N ILE F 344 29.45 -16.50 39.09
CA ILE F 344 28.12 -16.50 39.73
C ILE F 344 27.96 -17.52 40.84
N SER F 345 27.61 -17.03 42.03
CA SER F 345 27.43 -17.86 43.22
C SER F 345 26.19 -18.73 43.19
N SER F 346 26.30 -19.91 43.78
CA SER F 346 25.20 -20.85 43.84
C SER F 346 24.09 -20.39 44.77
N GLU F 347 24.34 -19.34 45.55
CA GLU F 347 23.30 -18.82 46.41
C GLU F 347 22.47 -17.89 45.56
N ASN F 348 23.03 -17.51 44.43
CA ASN F 348 22.32 -16.64 43.49
C ASN F 348 21.51 -17.43 42.46
N PHE F 349 22.12 -18.42 41.81
CA PHE F 349 21.41 -19.06 40.71
C PHE F 349 20.60 -20.29 41.11
N MET F 350 20.79 -20.78 42.33
CA MET F 350 19.91 -21.83 42.82
C MET F 350 18.79 -21.17 43.57
N VAL F 351 17.58 -21.47 43.13
CA VAL F 351 16.40 -20.85 43.68
C VAL F 351 15.70 -21.94 44.50
N GLN F 352 15.15 -21.57 45.64
CA GLN F 352 14.48 -22.55 46.47
C GLN F 352 13.00 -22.48 46.16
N ALA F 353 12.69 -22.69 44.88
CA ALA F 353 11.33 -22.67 44.32
C ALA F 353 10.25 -23.13 45.28
N GLN F 354 10.50 -24.24 45.94
CA GLN F 354 9.50 -24.77 46.82
C GLN F 354 10.15 -25.28 48.08
N ASP F 355 9.30 -25.48 49.09
CA ASP F 355 9.66 -26.15 50.32
C ASP F 355 10.28 -27.53 50.12
N GLY F 356 11.57 -27.54 49.82
CA GLY F 356 12.31 -28.77 49.65
C GLY F 356 12.57 -29.05 48.18
N VAL F 357 12.52 -27.98 47.39
CA VAL F 357 12.86 -28.03 45.98
C VAL F 357 13.88 -26.94 45.67
N SER F 358 15.03 -27.31 45.13
CA SER F 358 16.02 -26.31 44.80
C SER F 358 16.24 -26.30 43.28
N CYS F 359 15.96 -25.16 42.63
CA CYS F 359 15.94 -25.09 41.16
C CYS F 359 17.04 -24.29 40.49
N LEU F 360 17.41 -24.74 39.30
CA LEU F 360 18.34 -24.03 38.45
C LEU F 360 17.60 -22.82 37.89
N GLY F 361 18.06 -21.63 38.27
CA GLY F 361 17.34 -20.39 38.01
C GLY F 361 17.54 -19.76 36.65
N PHE F 362 17.44 -20.58 35.62
CA PHE F 362 17.47 -20.04 34.27
C PHE F 362 16.21 -20.51 33.57
N VAL F 363 15.62 -19.61 32.80
CA VAL F 363 14.34 -19.89 32.18
C VAL F 363 14.47 -19.82 30.66
N ASP F 364 13.65 -20.61 29.97
CA ASP F 364 13.67 -20.69 28.53
C ASP F 364 12.98 -19.48 27.93
N GLY F 365 13.71 -18.70 27.16
CA GLY F 365 13.07 -17.54 26.54
C GLY F 365 12.30 -17.82 25.27
N GLY F 366 12.31 -19.05 24.82
CA GLY F 366 11.64 -19.40 23.59
C GLY F 366 12.53 -19.12 22.41
N VAL F 367 12.00 -19.24 21.20
CA VAL F 367 12.85 -19.17 20.01
C VAL F 367 12.95 -17.76 19.44
N HIS F 368 12.06 -16.87 19.87
CA HIS F 368 12.14 -15.47 19.43
C HIS F 368 12.37 -14.56 20.61
N ALA F 369 13.27 -15.01 21.48
CA ALA F 369 13.69 -14.24 22.62
C ALA F 369 14.43 -13.04 22.11
N ARG F 370 14.35 -11.95 22.88
CA ARG F 370 14.91 -10.66 22.51
C ARG F 370 16.43 -10.74 22.38
N ALA F 371 17.06 -11.44 23.32
CA ALA F 371 18.50 -11.62 23.29
C ALA F 371 18.87 -13.07 23.66
N GLY F 372 20.10 -13.47 23.37
CA GLY F 372 20.54 -14.81 23.70
C GLY F 372 20.59 -15.07 25.20
N ILE F 373 21.04 -14.06 25.93
CA ILE F 373 21.10 -14.05 27.39
C ILE F 373 20.44 -12.77 27.91
N ALA F 374 19.53 -12.89 28.86
CA ALA F 374 18.98 -11.70 29.50
C ALA F 374 19.16 -11.80 31.01
N LEU F 375 20.13 -11.07 31.54
CA LEU F 375 20.42 -11.11 32.97
C LEU F 375 19.44 -10.24 33.71
N GLY F 376 18.73 -10.79 34.68
CA GLY F 376 17.64 -10.07 35.32
C GLY F 376 17.98 -9.62 36.73
N ALA F 377 16.96 -9.28 37.52
CA ALA F 377 17.16 -8.72 38.86
C ALA F 377 17.88 -9.68 39.80
N HIS F 378 17.58 -10.96 39.71
CA HIS F 378 18.19 -11.92 40.62
C HIS F 378 19.70 -11.98 40.39
N HIS F 379 20.11 -11.83 39.14
CA HIS F 379 21.51 -11.78 38.82
C HIS F 379 22.20 -10.58 39.45
N LEU F 380 21.51 -9.44 39.41
CA LEU F 380 22.06 -8.17 39.88
C LEU F 380 22.13 -8.03 41.38
N GLU F 381 21.25 -8.73 42.08
CA GLU F 381 21.15 -8.59 43.52
C GLU F 381 22.44 -8.95 44.27
N GLU F 382 22.74 -8.11 45.27
CA GLU F 382 23.93 -8.23 46.13
C GLU F 382 25.22 -8.13 45.32
N ASN F 383 25.13 -7.48 44.15
CA ASN F 383 26.28 -7.05 43.38
C ASN F 383 26.20 -5.56 43.17
N LEU F 384 27.34 -4.89 43.18
CA LEU F 384 27.42 -3.49 42.81
C LEU F 384 27.79 -3.40 41.36
N VAL F 385 26.92 -2.83 40.54
CA VAL F 385 27.12 -2.79 39.10
C VAL F 385 27.20 -1.35 38.67
N VAL F 386 28.32 -0.97 38.10
CA VAL F 386 28.58 0.43 37.74
C VAL F 386 28.36 0.71 36.25
N PHE F 387 27.45 1.62 35.96
CA PHE F 387 27.24 2.01 34.59
C PHE F 387 27.97 3.30 34.28
N ASP F 388 29.17 3.13 33.72
CA ASP F 388 30.04 4.22 33.36
C ASP F 388 29.77 4.63 31.91
N LEU F 389 28.87 5.58 31.75
CA LEU F 389 28.45 5.97 30.44
C LEU F 389 29.54 6.78 29.78
N GLU F 390 30.33 7.39 30.62
CA GLU F 390 31.36 8.27 30.13
C GLU F 390 32.45 7.48 29.41
N ARG F 391 32.69 6.25 29.82
CA ARG F 391 33.69 5.45 29.15
C ARG F 391 33.06 4.28 28.42
N SER F 392 31.72 4.23 28.43
CA SER F 392 30.98 3.15 27.80
C SER F 392 31.41 1.79 28.28
N ARG F 393 31.34 1.56 29.58
CA ARG F 393 31.73 0.28 30.16
C ARG F 393 30.92 -0.05 31.40
N VAL F 394 30.89 -1.33 31.75
CA VAL F 394 30.28 -1.79 32.99
C VAL F 394 31.31 -2.43 33.96
N GLY F 395 31.26 -2.05 35.22
CA GLY F 395 32.10 -2.62 36.25
C GLY F 395 31.28 -3.36 37.29
N PHE F 396 31.87 -4.39 37.90
CA PHE F 396 31.17 -5.16 38.92
C PHE F 396 32.16 -5.68 39.91
N ASN F 397 31.70 -6.05 41.11
CA ASN F 397 32.61 -6.58 42.11
C ASN F 397 33.15 -7.94 41.67
N SER F 398 34.48 -8.09 41.74
CA SER F 398 35.12 -9.33 41.29
C SER F 398 35.14 -10.40 42.39
N ASN F 399 34.84 -10.02 43.62
CA ASN F 399 34.57 -10.95 44.72
C ASN F 399 33.20 -10.60 45.31
N SER F 400 32.58 -11.51 46.05
CA SER F 400 31.25 -11.27 46.62
C SER F 400 31.26 -10.17 47.68
N LEU F 401 30.14 -9.47 47.80
CA LEU F 401 30.02 -8.45 48.81
C LEU F 401 30.16 -9.08 50.19
N LYS F 402 29.63 -10.27 50.33
CA LYS F 402 29.65 -10.95 51.62
C LYS F 402 31.09 -11.24 52.05
N SER F 403 31.97 -11.48 51.07
CA SER F 403 33.36 -11.74 51.38
C SER F 403 34.07 -10.50 51.88
N TYR F 404 33.44 -9.36 51.66
CA TYR F 404 33.96 -8.12 52.22
C TYR F 404 33.25 -7.84 53.53
N GLY F 405 32.33 -8.73 53.89
CA GLY F 405 31.50 -8.53 55.06
C GLY F 405 30.40 -7.52 54.77
N LYS F 406 30.08 -7.35 53.49
CA LYS F 406 29.11 -6.34 53.10
C LYS F 406 27.87 -6.93 52.46
N THR F 407 26.82 -6.11 52.42
CA THR F 407 25.60 -6.38 51.64
C THR F 407 25.25 -5.11 50.86
N CYS F 408 24.30 -5.23 49.93
CA CYS F 408 23.84 -4.08 49.18
C CYS F 408 23.09 -3.12 50.07
N SER F 409 22.68 -3.58 51.23
CA SER F 409 22.01 -2.72 52.22
C SER F 409 22.98 -1.88 53.07
N ASN F 410 24.19 -2.37 53.32
CA ASN F 410 25.11 -1.61 54.16
C ASN F 410 26.39 -1.19 53.47
N LEU F 411 26.48 -1.39 52.16
CA LEU F 411 27.64 -0.89 51.43
C LEU F 411 27.69 0.63 51.57
N PHE F 412 26.50 1.23 51.53
CA PHE F 412 26.34 2.65 51.72
C PHE F 412 25.34 2.90 52.83
N ASP F 413 25.41 4.07 53.46
CA ASP F 413 24.50 4.44 54.53
C ASP F 413 23.18 4.84 53.94
N LEU F 414 22.14 4.04 54.18
CA LEU F 414 20.82 4.30 53.58
C LEU F 414 19.76 4.70 54.60
N ASN F 415 20.19 5.12 55.77
CA ASN F 415 19.32 5.59 56.86
C ASN F 415 18.87 7.02 56.64
N ASN F 416 17.61 7.31 56.94
CA ASN F 416 17.05 8.66 56.74
C ASN F 416 17.90 9.82 57.24
C1 NAG G . 38.10 -0.75 6.70
C2 NAG G . 39.61 -0.87 6.41
C3 NAG G . 39.83 -1.30 4.95
C4 NAG G . 39.03 -2.55 4.61
C5 NAG G . 37.55 -2.34 4.91
C6 NAG G . 36.73 -3.60 4.71
C7 NAG G . 41.12 0.51 7.76
C8 NAG G . 41.29 -0.68 8.65
N2 NAG G . 40.31 0.35 6.70
O3 NAG G . 41.22 -1.51 4.71
O4 NAG G . 39.23 -2.92 3.24
O5 NAG G . 37.40 -1.99 6.30
O6 NAG G . 37.16 -4.62 5.59
O7 NAG G . 41.69 1.57 7.98
C1 FUC G . 41.91 -0.40 4.01
C2 FUC G . 43.36 -0.93 4.24
C3 FUC G . 43.66 -2.10 3.28
C4 FUC G . 43.33 -1.71 1.81
C5 FUC G . 41.81 -1.26 1.77
C6 FUC G . 41.27 -0.88 0.41
O2 FUC G . 43.62 -1.31 5.57
O3 FUC G . 45.02 -2.49 3.39
O4 FUC G . 44.20 -0.68 1.33
O5 FUC G . 41.58 -0.14 2.66
C1 NAG G . 39.80 -4.19 2.75
C2 NAG G . 39.15 -4.59 1.41
C3 NAG G . 39.51 -6.05 1.08
C4 NAG G . 41.01 -6.26 1.10
C5 NAG G . 41.57 -5.82 2.46
C6 NAG G . 43.07 -5.89 2.55
C7 NAG G . 37.09 -3.52 0.64
C8 NAG G . 35.60 -3.42 0.84
N2 NAG G . 37.72 -4.38 1.44
O3 NAG G . 38.97 -6.42 -0.20
O4 NAG G . 41.33 -7.63 0.82
O5 NAG G . 41.23 -4.45 2.70
O6 NAG G . 43.66 -5.81 1.27
O7 NAG G . 37.67 -2.87 -0.21
C1 NAG H . -10.43 18.30 23.26
C2 NAG H . -11.58 18.61 24.24
C3 NAG H . -12.86 17.86 23.84
C4 NAG H . -13.16 17.99 22.35
C5 NAG H . -11.91 17.71 21.52
C6 NAG H . -12.10 17.99 20.06
C7 NAG H . -10.88 19.12 26.53
C8 NAG H . -10.50 18.55 27.86
N2 NAG H . -11.18 18.23 25.59
O3 NAG H . -13.95 18.38 24.60
O4 NAG H . -14.13 17.00 22.00
O5 NAG H . -10.85 18.57 21.97
O6 NAG H . -11.98 19.38 19.76
O7 NAG H . -10.92 20.33 26.32
C1 NAG H . -15.32 17.62 21.42
C2 NAG H . -16.28 16.53 20.96
C3 NAG H . -17.47 17.18 20.21
C4 NAG H . -18.07 18.33 21.01
C5 NAG H . -16.97 19.29 21.43
C6 NAG H . -17.47 20.42 22.30
C7 NAG H . -15.31 14.32 20.56
C8 NAG H . -14.62 13.44 19.58
N2 NAG H . -15.63 15.56 20.13
O3 NAG H . -18.47 16.19 20.00
O4 NAG H . -19.05 18.99 20.22
O5 NAG H . -15.98 18.59 22.20
O6 NAG H . -17.09 21.68 21.76
O7 NAG H . -15.59 13.96 21.70
C1 EDO I . 14.39 22.56 27.98
O1 EDO I . 15.53 21.96 27.37
C2 EDO I . 13.37 21.51 28.44
O2 EDO I . 13.90 20.71 29.52
C1 EDO J . 8.35 49.03 28.48
O1 EDO J . 9.63 49.06 27.82
C2 EDO J . 8.20 47.75 29.34
O2 EDO J . 8.40 46.55 28.57
C1 EDO K . 12.47 53.06 22.72
O1 EDO K . 12.48 53.75 23.97
C2 EDO K . 13.84 52.65 22.24
O2 EDO K . 13.72 52.13 20.92
C1 EDO L . 35.03 35.44 17.94
O1 EDO L . 35.31 34.58 19.03
C2 EDO L . 36.31 36.06 17.43
O2 EDO L . 37.20 36.16 18.54
C1 EDO M . 18.47 22.80 11.15
O1 EDO M . 18.27 22.07 12.37
C2 EDO M . 19.41 22.00 10.28
O2 EDO M . 19.02 20.63 10.41
C1 EDO N . 22.52 19.35 11.03
O1 EDO N . 22.36 20.76 11.19
C2 EDO N . 23.88 19.00 10.45
O2 EDO N . 24.91 19.92 10.89
C1 NAG O . -28.50 -6.79 -5.45
C2 NAG O . -29.89 -7.35 -5.10
C3 NAG O . -29.79 -8.43 -3.99
C4 NAG O . -28.73 -9.47 -4.33
C5 NAG O . -27.41 -8.79 -4.68
C6 NAG O . -26.35 -9.76 -5.15
C7 NAG O . -32.03 -6.16 -5.11
C8 NAG O . -32.80 -4.97 -4.59
N2 NAG O . -30.78 -6.27 -4.68
O3 NAG O . -31.04 -9.08 -3.79
O4 NAG O . -28.53 -10.35 -3.23
O5 NAG O . -27.62 -7.88 -5.76
O6 NAG O . -26.80 -10.47 -6.28
O7 NAG O . -32.53 -6.97 -5.88
C1 EDO P . -20.79 29.85 -18.22
O1 EDO P . -21.68 28.74 -18.08
C2 EDO P . -20.61 30.24 -19.67
O2 EDO P . -20.37 29.07 -20.43
C1 EDO Q . -20.77 40.26 7.99
O1 EDO Q . -21.68 39.18 7.87
C2 EDO Q . -20.16 40.55 6.64
O2 EDO Q . -19.35 39.46 6.16
C1 EDO R . -39.00 23.13 6.97
O1 EDO R . -40.39 22.79 6.73
C2 EDO R . -38.91 24.05 8.18
O2 EDO R . -37.59 24.03 8.73
C1 EDO S . -22.18 16.88 -3.50
O1 EDO S . -23.33 17.11 -2.67
C2 EDO S . -21.06 17.85 -3.15
O2 EDO S . -21.50 19.19 -3.33
C1 EDO T . -40.86 28.43 1.64
O1 EDO T . -41.94 28.57 0.71
C2 EDO T . -39.54 28.63 0.91
O2 EDO T . -39.67 28.15 -0.43
C1 NAG U . 3.87 34.78 -21.49
C2 NAG U . 4.48 35.66 -22.58
C3 NAG U . 6.01 35.50 -22.62
C4 NAG U . 6.63 35.65 -21.24
C5 NAG U . 5.92 34.72 -20.26
C6 NAG U . 6.41 34.86 -18.84
C7 NAG U . 3.09 36.18 -24.53
C8 NAG U . 2.58 35.70 -25.86
N2 NAG U . 3.90 35.35 -23.88
O3 NAG U . 6.61 36.43 -23.53
O4 NAG U . 8.02 35.34 -21.26
O5 NAG U . 4.51 35.03 -20.25
O6 NAG U . 5.96 33.78 -18.03
O7 NAG U . 2.77 37.27 -24.07
C1 EDO V . -29.13 12.58 -20.77
O1 EDO V . -29.10 13.40 -21.96
C2 EDO V . -30.41 12.81 -19.99
O2 EDO V . -30.44 14.13 -19.43
C1 EDO W . -11.07 14.44 -27.57
O1 EDO W . -12.26 14.17 -28.34
C2 EDO W . -10.73 15.92 -27.62
O2 EDO W . -10.59 16.38 -28.98
C1 EDO X . -29.53 -5.03 -22.72
O1 EDO X . -30.90 -5.16 -22.32
C2 EDO X . -29.48 -4.94 -24.24
O2 EDO X . -28.16 -4.52 -24.65
C1 EDO Y . -21.21 20.45 -47.28
O1 EDO Y . -21.68 21.79 -47.36
C2 EDO Y . -20.88 20.17 -45.83
O2 EDO Y . -21.62 21.10 -45.03
C1 EDO Z . -25.11 25.01 -41.07
O1 EDO Z . -26.40 24.55 -40.59
C2 EDO Z . -24.18 25.35 -39.89
O2 EDO Z . -23.02 26.08 -40.30
C1 NAG AA . -1.91 -23.20 21.14
C2 NAG AA . -2.54 -23.72 22.43
C3 NAG AA . -3.30 -22.61 23.15
C4 NAG AA . -2.37 -21.44 23.41
C5 NAG AA . -1.84 -20.93 22.07
C6 NAG AA . -0.89 -19.76 22.21
C7 NAG AA . -3.13 -26.09 22.53
C8 NAG AA . -4.11 -27.13 22.16
N2 NAG AA . -3.43 -24.84 22.16
O3 NAG AA . -3.83 -23.09 24.38
O4 NAG AA . -3.03 -20.38 24.12
O5 NAG AA . -1.11 -21.99 21.45
O6 NAG AA . 0.25 -19.92 21.37
O7 NAG AA . -2.10 -26.35 23.16
C1 EDO BA . -22.38 -44.92 -2.06
O1 EDO BA . -22.66 -46.26 -2.42
C2 EDO BA . -21.51 -44.36 -3.17
O2 EDO BA . -20.19 -44.92 -3.03
C1 EDO CA . 1.46 -36.90 -16.42
O1 EDO CA . 0.34 -36.93 -15.53
C2 EDO CA . 2.72 -37.32 -15.67
O2 EDO CA . 3.72 -37.81 -16.59
C1 EDO DA . -9.34 -27.42 -2.04
O1 EDO DA . -10.65 -27.57 -1.52
C2 EDO DA . -9.34 -26.47 -3.22
O2 EDO DA . -10.10 -27.02 -4.30
C1 EDO EA . -26.64 -31.32 -19.94
O1 EDO EA . -27.24 -30.31 -19.10
C2 EDO EA . -26.58 -30.86 -21.39
O2 EDO EA . -25.29 -31.12 -21.94
C1 EDO FA . -25.22 -29.60 3.98
O1 EDO FA . -24.12 -29.15 3.18
C2 EDO FA . -25.33 -31.11 3.98
O2 EDO FA . -24.15 -31.74 4.51
C1 EDO GA . 5.42 -40.74 11.40
O1 EDO GA . 4.71 -41.81 10.74
C2 EDO GA . 5.15 -39.44 10.64
O2 EDO GA . 6.07 -38.38 11.01
C1 EDO HA . -30.30 -15.75 -34.17
O1 EDO HA . -30.55 -15.48 -32.78
C2 EDO HA . -30.71 -17.18 -34.57
O2 EDO HA . -30.52 -17.45 -35.96
C1 EDO IA . -17.46 -38.58 -34.10
O1 EDO IA . -18.22 -39.42 -33.19
C2 EDO IA . -16.35 -37.81 -33.38
O2 EDO IA . -15.68 -36.93 -34.27
C1 EDO JA . -3.25 -53.49 0.80
O1 EDO JA . -4.11 -54.12 1.76
C2 EDO JA . -2.26 -52.61 1.57
O2 EDO JA . -1.68 -51.67 0.66
C1 EDO KA . 16.64 -26.84 -8.60
O1 EDO KA . 16.51 -26.03 -7.42
C2 EDO KA . 16.27 -26.07 -9.87
O2 EDO KA . 16.85 -26.77 -10.97
C1 EDO LA . 11.31 1.82 49.28
O1 EDO LA . 11.53 3.06 49.98
C2 EDO LA . 12.21 1.79 48.06
O2 EDO LA . 12.42 3.17 47.75
C1 EDO MA . 12.04 -14.63 33.92
O1 EDO MA . 11.07 -14.07 33.03
C2 EDO MA . 11.68 -14.26 35.35
O2 EDO MA . 10.39 -14.78 35.74
C1 EDO NA . 8.60 -14.11 41.40
O1 EDO NA . 8.49 -15.03 40.31
C2 EDO NA . 9.35 -14.77 42.55
O2 EDO NA . 8.70 -16.02 42.75
C1 EDO OA . 8.76 3.84 27.30
O1 EDO OA . 8.15 3.40 28.52
C2 EDO OA . 9.56 2.73 26.66
O2 EDO OA . 10.53 2.24 27.57
C1 EDO PA . 28.18 9.56 27.80
O1 EDO PA . 26.78 9.66 28.09
C2 EDO PA . 28.58 10.49 26.65
O2 EDO PA . 28.56 11.88 27.06
C1 EDO QA . 22.56 -15.91 37.37
O1 EDO QA . 22.27 -14.79 36.51
C2 EDO QA . 21.28 -16.61 37.78
O2 EDO QA . 20.45 -15.71 38.52
#